data_8HHK
# 
_entry.id   8HHK 
# 
_audit_conform.dict_name       mmcif_pdbx.dic 
_audit_conform.dict_version    5.362 
_audit_conform.dict_location   http://mmcif.pdb.org/dictionaries/ascii/mmcif_pdbx.dic 
# 
loop_
_database_2.database_id 
_database_2.database_code 
_database_2.pdbx_database_accession 
_database_2.pdbx_DOI 
PDB   8HHK         pdb_00008hhk 10.2210/pdb8hhk/pdb 
WWPDB D_1300033630 ?            ?                   
# 
_pdbx_database_status.status_code                     REL 
_pdbx_database_status.status_code_sf                  REL 
_pdbx_database_status.status_code_mr                  ? 
_pdbx_database_status.entry_id                        8HHK 
_pdbx_database_status.recvd_initial_deposition_date   2022-11-16 
_pdbx_database_status.SG_entry                        N 
_pdbx_database_status.deposit_site                    PDBJ 
_pdbx_database_status.process_site                    PDBJ 
_pdbx_database_status.status_code_cs                  ? 
_pdbx_database_status.status_code_nmr_data            ? 
_pdbx_database_status.methods_development_category    ? 
_pdbx_database_status.pdb_format_compatible           Y 
# 
loop_
_audit_author.name 
_audit_author.pdbx_ordinal 
_audit_author.identifier_ORCID 
'Yan, Z.C.' 1 0000-0002-3641-207X 
'Zhang, D.' 2 0000-0002-5933-0085 
'Qin, B.'   3 0000-0002-9180-0550 
# 
_citation.abstract                  ? 
_citation.abstract_id_CAS           ? 
_citation.book_id_ISBN              ? 
_citation.book_publisher            ? 
_citation.book_publisher_city       ? 
_citation.book_title                ? 
_citation.coordinate_linkage        ? 
_citation.country                   ? 
_citation.database_id_Medline       ? 
_citation.details                   ? 
_citation.id                        primary 
_citation.journal_abbrev            'To Be Published' 
_citation.journal_id_ASTM           ? 
_citation.journal_id_CSD            0353 
_citation.journal_id_ISSN           ? 
_citation.journal_full              ? 
_citation.journal_issue             ? 
_citation.journal_volume            ? 
_citation.language                  ? 
_citation.page_first                ? 
_citation.page_last                 ? 
_citation.title                     'Crystal structure of a triple-helix region of human collagen type III' 
_citation.year                      ? 
_citation.database_id_CSD           ? 
_citation.pdbx_database_id_DOI      ? 
_citation.pdbx_database_id_PubMed   ? 
_citation.pdbx_database_id_patent   ? 
_citation.unpublished_flag          ? 
# 
loop_
_citation_author.citation_id 
_citation_author.name 
_citation_author.ordinal 
_citation_author.identifier_ORCID 
primary 'Yan, Z.C.' 1 0000-0002-3641-207X 
primary 'Zhang, D.' 2 0000-0002-5933-0085 
primary 'Qin, B.'   3 0000-0002-9180-0550 
# 
_cell.angle_alpha                  101.911 
_cell.angle_alpha_esd              ? 
_cell.angle_beta                   91.584 
_cell.angle_beta_esd               ? 
_cell.angle_gamma                  101.154 
_cell.angle_gamma_esd              ? 
_cell.entry_id                     8HHK 
_cell.details                      ? 
_cell.formula_units_Z              ? 
_cell.length_a                     15.335 
_cell.length_a_esd                 ? 
_cell.length_b                     29.155 
_cell.length_b_esd                 ? 
_cell.length_c                     69.047 
_cell.length_c_esd                 ? 
_cell.volume                       29561.639 
_cell.volume_esd                   ? 
_cell.Z_PDB                        6 
_cell.reciprocal_angle_alpha       ? 
_cell.reciprocal_angle_beta        ? 
_cell.reciprocal_angle_gamma       ? 
_cell.reciprocal_angle_alpha_esd   ? 
_cell.reciprocal_angle_beta_esd    ? 
_cell.reciprocal_angle_gamma_esd   ? 
_cell.reciprocal_length_a          ? 
_cell.reciprocal_length_b          ? 
_cell.reciprocal_length_c          ? 
_cell.reciprocal_length_a_esd      ? 
_cell.reciprocal_length_b_esd      ? 
_cell.reciprocal_length_c_esd      ? 
_cell.pdbx_unique_axis             ? 
_cell.pdbx_esd_method              ? 
# 
_symmetry.entry_id                         8HHK 
_symmetry.cell_setting                     ? 
_symmetry.Int_Tables_number                1 
_symmetry.space_group_name_Hall            'P 1' 
_symmetry.space_group_name_H-M             'P 1' 
_symmetry.pdbx_full_space_group_name_H-M   ? 
# 
loop_
_entity.id 
_entity.type 
_entity.src_method 
_entity.pdbx_description 
_entity.formula_weight 
_entity.pdbx_number_of_molecules 
_entity.pdbx_ec 
_entity.pdbx_mutation 
_entity.pdbx_fragment 
_entity.details 
1 polymer     man PRO-HYP-GLY-PRO-HYP-GLY-PRO-HYP-GLY-PHE-ASP-GLY-ARG-ASN-GLY-GLU-LYS-GLY 2871.979 6  ? ? ? ? 
2 non-polymer syn 'SULFATE ION'                                                           96.063   1  ? ? ? ? 
3 water       nat water                                                                   18.015   76 ? ? ? ? 
# 
_entity_poly.entity_id                      1 
_entity_poly.type                           'polypeptide(L)' 
_entity_poly.nstd_linkage                   no 
_entity_poly.nstd_monomer                   yes 
_entity_poly.pdbx_seq_one_letter_code       'P(HYP)GP(HYP)GP(HYP)GFDGRNGEKGETGP(HYP)GP(HYP)GP(HYP)G' 
_entity_poly.pdbx_seq_one_letter_code_can   PPGPPGPPGFDGRNGEKGETGPPGPPGPPG 
_entity_poly.pdbx_strand_id                 A,B,C,G,H,I 
_entity_poly.pdbx_target_identifier         ? 
# 
loop_
_entity_poly_seq.entity_id 
_entity_poly_seq.num 
_entity_poly_seq.mon_id 
_entity_poly_seq.hetero 
1 1  PRO n 
1 2  HYP n 
1 3  GLY n 
1 4  PRO n 
1 5  HYP n 
1 6  GLY n 
1 7  PRO n 
1 8  HYP n 
1 9  GLY n 
1 10 PHE n 
1 11 ASP n 
1 12 GLY n 
1 13 ARG n 
1 14 ASN n 
1 15 GLY n 
1 16 GLU n 
1 17 LYS n 
1 18 GLY n 
1 19 GLU n 
1 20 THR n 
1 21 GLY n 
1 22 PRO n 
1 23 HYP n 
1 24 GLY n 
1 25 PRO n 
1 26 HYP n 
1 27 GLY n 
1 28 PRO n 
1 29 HYP n 
1 30 GLY n 
# 
_entity_src_gen.entity_id                          1 
_entity_src_gen.pdbx_src_id                        1 
_entity_src_gen.pdbx_alt_source_flag               sample 
_entity_src_gen.pdbx_seq_type                      'Biological sequence' 
_entity_src_gen.pdbx_beg_seq_num                   1 
_entity_src_gen.pdbx_end_seq_num                   30 
_entity_src_gen.gene_src_common_name               ? 
_entity_src_gen.gene_src_genus                     ? 
_entity_src_gen.pdbx_gene_src_gene                 ? 
_entity_src_gen.gene_src_species                   ? 
_entity_src_gen.gene_src_strain                    ? 
_entity_src_gen.gene_src_tissue                    ? 
_entity_src_gen.gene_src_tissue_fraction           ? 
_entity_src_gen.gene_src_details                   ? 
_entity_src_gen.pdbx_gene_src_fragment             ? 
_entity_src_gen.pdbx_gene_src_scientific_name      'Homo sapiens' 
_entity_src_gen.pdbx_gene_src_ncbi_taxonomy_id     9606 
_entity_src_gen.pdbx_gene_src_variant              ? 
_entity_src_gen.pdbx_gene_src_cell_line            ? 
_entity_src_gen.pdbx_gene_src_atcc                 ? 
_entity_src_gen.pdbx_gene_src_organ                ? 
_entity_src_gen.pdbx_gene_src_organelle            ? 
_entity_src_gen.pdbx_gene_src_cell                 ? 
_entity_src_gen.pdbx_gene_src_cellular_location    ? 
_entity_src_gen.host_org_common_name               ? 
_entity_src_gen.pdbx_host_org_scientific_name      'synthetic construct' 
_entity_src_gen.pdbx_host_org_ncbi_taxonomy_id     32630 
_entity_src_gen.host_org_genus                     ? 
_entity_src_gen.pdbx_host_org_gene                 ? 
_entity_src_gen.pdbx_host_org_organ                ? 
_entity_src_gen.host_org_species                   ? 
_entity_src_gen.pdbx_host_org_tissue               ? 
_entity_src_gen.pdbx_host_org_tissue_fraction      ? 
_entity_src_gen.pdbx_host_org_strain               ? 
_entity_src_gen.pdbx_host_org_variant              ? 
_entity_src_gen.pdbx_host_org_cell_line            ? 
_entity_src_gen.pdbx_host_org_atcc                 ? 
_entity_src_gen.pdbx_host_org_culture_collection   ? 
_entity_src_gen.pdbx_host_org_cell                 ? 
_entity_src_gen.pdbx_host_org_organelle            ? 
_entity_src_gen.pdbx_host_org_cellular_location    ? 
_entity_src_gen.pdbx_host_org_vector_type          ? 
_entity_src_gen.pdbx_host_org_vector               ? 
_entity_src_gen.host_org_details                   ? 
_entity_src_gen.expression_system_id               ? 
_entity_src_gen.plasmid_name                       ? 
_entity_src_gen.plasmid_details                    ? 
_entity_src_gen.pdbx_description                   ? 
# 
_struct_ref.id                         1 
_struct_ref.db_name                    PDB 
_struct_ref.db_code                    8HHK 
_struct_ref.pdbx_db_accession          8HHK 
_struct_ref.pdbx_db_isoform            ? 
_struct_ref.entity_id                  1 
_struct_ref.pdbx_seq_one_letter_code   ? 
_struct_ref.pdbx_align_begin           1 
# 
loop_
_struct_ref_seq.align_id 
_struct_ref_seq.ref_id 
_struct_ref_seq.pdbx_PDB_id_code 
_struct_ref_seq.pdbx_strand_id 
_struct_ref_seq.seq_align_beg 
_struct_ref_seq.pdbx_seq_align_beg_ins_code 
_struct_ref_seq.seq_align_end 
_struct_ref_seq.pdbx_seq_align_end_ins_code 
_struct_ref_seq.pdbx_db_accession 
_struct_ref_seq.db_align_beg 
_struct_ref_seq.pdbx_db_align_beg_ins_code 
_struct_ref_seq.db_align_end 
_struct_ref_seq.pdbx_db_align_end_ins_code 
_struct_ref_seq.pdbx_auth_seq_align_beg 
_struct_ref_seq.pdbx_auth_seq_align_end 
1 1 8HHK A 1 ? 30 ? 8HHK 1 ? 30 ? 1 30 
2 1 8HHK B 1 ? 30 ? 8HHK 1 ? 30 ? 1 30 
3 1 8HHK C 1 ? 30 ? 8HHK 1 ? 30 ? 1 30 
4 1 8HHK G 1 ? 30 ? 8HHK 1 ? 30 ? 1 30 
5 1 8HHK H 1 ? 30 ? 8HHK 1 ? 30 ? 1 30 
6 1 8HHK I 1 ? 30 ? 8HHK 1 ? 30 ? 1 30 
# 
loop_
_chem_comp.id 
_chem_comp.type 
_chem_comp.mon_nstd_flag 
_chem_comp.name 
_chem_comp.pdbx_synonyms 
_chem_comp.formula 
_chem_comp.formula_weight 
ARG 'L-peptide linking' y ARGININE         ?              'C6 H15 N4 O2 1' 175.209 
ASN 'L-peptide linking' y ASPARAGINE       ?              'C4 H8 N2 O3'    132.118 
ASP 'L-peptide linking' y 'ASPARTIC ACID'  ?              'C4 H7 N O4'     133.103 
GLU 'L-peptide linking' y 'GLUTAMIC ACID'  ?              'C5 H9 N O4'     147.129 
GLY 'peptide linking'   y GLYCINE          ?              'C2 H5 N O2'     75.067  
HOH non-polymer         . WATER            ?              'H2 O'           18.015  
HYP 'L-peptide linking' n 4-HYDROXYPROLINE HYDROXYPROLINE 'C5 H9 N O3'     131.130 
LYS 'L-peptide linking' y LYSINE           ?              'C6 H15 N2 O2 1' 147.195 
PHE 'L-peptide linking' y PHENYLALANINE    ?              'C9 H11 N O2'    165.189 
PRO 'L-peptide linking' y PROLINE          ?              'C5 H9 N O2'     115.130 
SO4 non-polymer         . 'SULFATE ION'    ?              'O4 S -2'        96.063  
THR 'L-peptide linking' y THREONINE        ?              'C4 H9 N O3'     119.119 
# 
_exptl.absorpt_coefficient_mu     ? 
_exptl.absorpt_correction_T_max   ? 
_exptl.absorpt_correction_T_min   ? 
_exptl.absorpt_correction_type    ? 
_exptl.absorpt_process_details    ? 
_exptl.entry_id                   8HHK 
_exptl.crystals_number            1 
_exptl.details                    ? 
_exptl.method                     'X-RAY DIFFRACTION' 
_exptl.method_details             ? 
# 
_exptl_crystal.colour                       ? 
_exptl_crystal.density_diffrn               ? 
_exptl_crystal.density_Matthews             1.72 
_exptl_crystal.density_method               ? 
_exptl_crystal.density_percent_sol          28.30 
_exptl_crystal.description                  ? 
_exptl_crystal.F_000                        ? 
_exptl_crystal.id                           1 
_exptl_crystal.preparation                  ? 
_exptl_crystal.size_max                     ? 
_exptl_crystal.size_mid                     ? 
_exptl_crystal.size_min                     ? 
_exptl_crystal.size_rad                     ? 
_exptl_crystal.colour_lustre                ? 
_exptl_crystal.colour_modifier              ? 
_exptl_crystal.colour_primary               ? 
_exptl_crystal.density_meas                 ? 
_exptl_crystal.density_meas_esd             ? 
_exptl_crystal.density_meas_gt              ? 
_exptl_crystal.density_meas_lt              ? 
_exptl_crystal.density_meas_temp            ? 
_exptl_crystal.density_meas_temp_esd        ? 
_exptl_crystal.density_meas_temp_gt         ? 
_exptl_crystal.density_meas_temp_lt         ? 
_exptl_crystal.pdbx_crystal_image_url       ? 
_exptl_crystal.pdbx_crystal_image_format    ? 
_exptl_crystal.pdbx_mosaicity               ? 
_exptl_crystal.pdbx_mosaicity_esd           ? 
_exptl_crystal.pdbx_mosaic_method           ? 
_exptl_crystal.pdbx_mosaic_block_size       ? 
_exptl_crystal.pdbx_mosaic_block_size_esd   ? 
# 
_exptl_crystal_grow.apparatus       ? 
_exptl_crystal_grow.atmosphere      ? 
_exptl_crystal_grow.crystal_id      1 
_exptl_crystal_grow.details         ? 
_exptl_crystal_grow.method          'VAPOR DIFFUSION, HANGING DROP' 
_exptl_crystal_grow.method_ref      ? 
_exptl_crystal_grow.pH              ? 
_exptl_crystal_grow.pressure        ? 
_exptl_crystal_grow.pressure_esd    ? 
_exptl_crystal_grow.seeding         ? 
_exptl_crystal_grow.seeding_ref     ? 
_exptl_crystal_grow.temp            293 
_exptl_crystal_grow.temp_details    ? 
_exptl_crystal_grow.temp_esd        ? 
_exptl_crystal_grow.time            ? 
_exptl_crystal_grow.pdbx_details    '0.1 M HEPES sodium pH 7.5, 2% v/v Polyethylene glycol 400 2.0 M Ammonium sulfate' 
_exptl_crystal_grow.pdbx_pH_range   ? 
# 
_diffrn.ambient_environment              ? 
_diffrn.ambient_temp                     100 
_diffrn.ambient_temp_details             ? 
_diffrn.ambient_temp_esd                 ? 
_diffrn.crystal_id                       1 
_diffrn.crystal_support                  ? 
_diffrn.crystal_treatment                ? 
_diffrn.details                          ? 
_diffrn.id                               1 
_diffrn.ambient_pressure                 ? 
_diffrn.ambient_pressure_esd             ? 
_diffrn.ambient_pressure_gt              ? 
_diffrn.ambient_pressure_lt              ? 
_diffrn.ambient_temp_gt                  ? 
_diffrn.ambient_temp_lt                  ? 
_diffrn.pdbx_serial_crystal_experiment   N 
# 
_diffrn_detector.details                      ? 
_diffrn_detector.detector                     PIXEL 
_diffrn_detector.diffrn_id                    1 
_diffrn_detector.type                         'DECTRIS EIGER2 S 9M' 
_diffrn_detector.area_resol_mean              ? 
_diffrn_detector.dtime                        ? 
_diffrn_detector.pdbx_frames_total            ? 
_diffrn_detector.pdbx_collection_time_total   ? 
_diffrn_detector.pdbx_collection_date         2022-09-29 
_diffrn_detector.pdbx_frequency               ? 
# 
_diffrn_radiation.collimation                      ? 
_diffrn_radiation.diffrn_id                        1 
_diffrn_radiation.filter_edge                      ? 
_diffrn_radiation.inhomogeneity                    ? 
_diffrn_radiation.monochromator                    ? 
_diffrn_radiation.polarisn_norm                    ? 
_diffrn_radiation.polarisn_ratio                   ? 
_diffrn_radiation.probe                            ? 
_diffrn_radiation.type                             ? 
_diffrn_radiation.xray_symbol                      ? 
_diffrn_radiation.wavelength_id                    1 
_diffrn_radiation.pdbx_monochromatic_or_laue_m_l   M 
_diffrn_radiation.pdbx_wavelength_list             ? 
_diffrn_radiation.pdbx_wavelength                  ? 
_diffrn_radiation.pdbx_diffrn_protocol             'SINGLE WAVELENGTH' 
_diffrn_radiation.pdbx_analyzer                    ? 
_diffrn_radiation.pdbx_scattering_type             x-ray 
# 
_diffrn_radiation_wavelength.id           1 
_diffrn_radiation_wavelength.wavelength   0.9792 
_diffrn_radiation_wavelength.wt           1.0 
# 
_diffrn_source.current                     ? 
_diffrn_source.details                     ? 
_diffrn_source.diffrn_id                   1 
_diffrn_source.power                       ? 
_diffrn_source.size                        ? 
_diffrn_source.source                      SYNCHROTRON 
_diffrn_source.target                      ? 
_diffrn_source.type                        'SSRF BEAMLINE BL02U1' 
_diffrn_source.voltage                     ? 
_diffrn_source.take-off_angle              ? 
_diffrn_source.pdbx_wavelength_list        0.9792 
_diffrn_source.pdbx_wavelength             ? 
_diffrn_source.pdbx_synchrotron_beamline   BL02U1 
_diffrn_source.pdbx_synchrotron_site       SSRF 
# 
_reflns.B_iso_Wilson_estimate                          5.58 
_reflns.entry_id                                       8HHK 
_reflns.data_reduction_details                         ? 
_reflns.data_reduction_method                          ? 
_reflns.d_resolution_high                              2.50 
_reflns.d_resolution_low                               50 
_reflns.details                                        ? 
_reflns.limit_h_max                                    ? 
_reflns.limit_h_min                                    ? 
_reflns.limit_k_max                                    ? 
_reflns.limit_k_min                                    ? 
_reflns.limit_l_max                                    ? 
_reflns.limit_l_min                                    ? 
_reflns.number_all                                     ? 
_reflns.number_obs                                     3808 
_reflns.observed_criterion                             ? 
_reflns.observed_criterion_F_max                       ? 
_reflns.observed_criterion_F_min                       ? 
_reflns.observed_criterion_I_max                       ? 
_reflns.observed_criterion_I_min                       ? 
_reflns.observed_criterion_sigma_F                     ? 
_reflns.observed_criterion_sigma_I                     ? 
_reflns.percent_possible_obs                           95.4 
_reflns.R_free_details                                 ? 
_reflns.Rmerge_F_all                                   ? 
_reflns.Rmerge_F_obs                                   ? 
_reflns.Friedel_coverage                               ? 
_reflns.number_gt                                      ? 
_reflns.threshold_expression                           ? 
_reflns.pdbx_redundancy                                3.4 
_reflns.pdbx_Rmerge_I_obs                              0.07236 
_reflns.pdbx_Rmerge_I_all                              ? 
_reflns.pdbx_Rsym_value                                ? 
_reflns.pdbx_netI_over_av_sigmaI                       ? 
_reflns.pdbx_netI_over_sigmaI                          15.93 
_reflns.pdbx_res_netI_over_av_sigmaI_2                 ? 
_reflns.pdbx_res_netI_over_sigmaI_2                    ? 
_reflns.pdbx_chi_squared                               ? 
_reflns.pdbx_scaling_rejects                           ? 
_reflns.pdbx_d_res_high_opt                            ? 
_reflns.pdbx_d_res_low_opt                             ? 
_reflns.pdbx_d_res_opt_method                          ? 
_reflns.phase_calculation_details                      ? 
_reflns.pdbx_Rrim_I_all                                ? 
_reflns.pdbx_Rpim_I_all                                0.04551 
_reflns.pdbx_d_opt                                     ? 
_reflns.pdbx_number_measured_all                       ? 
_reflns.pdbx_diffrn_id                                 1 
_reflns.pdbx_ordinal                                   1 
_reflns.pdbx_CC_half                                   0.988 
_reflns.pdbx_CC_star                                   ? 
_reflns.pdbx_R_split                                   ? 
_reflns.pdbx_aniso_diffraction_limit_axis_1_ortho[1]   ? 
_reflns.pdbx_aniso_diffraction_limit_axis_1_ortho[2]   ? 
_reflns.pdbx_aniso_diffraction_limit_axis_1_ortho[3]   ? 
_reflns.pdbx_aniso_diffraction_limit_axis_2_ortho[1]   ? 
_reflns.pdbx_aniso_diffraction_limit_axis_2_ortho[2]   ? 
_reflns.pdbx_aniso_diffraction_limit_axis_2_ortho[3]   ? 
_reflns.pdbx_aniso_diffraction_limit_axis_3_ortho[1]   ? 
_reflns.pdbx_aniso_diffraction_limit_axis_3_ortho[2]   ? 
_reflns.pdbx_aniso_diffraction_limit_axis_3_ortho[3]   ? 
_reflns.pdbx_aniso_diffraction_limit_1                 ? 
_reflns.pdbx_aniso_diffraction_limit_2                 ? 
_reflns.pdbx_aniso_diffraction_limit_3                 ? 
_reflns.pdbx_aniso_B_tensor_eigenvector_1_ortho[1]     ? 
_reflns.pdbx_aniso_B_tensor_eigenvector_1_ortho[2]     ? 
_reflns.pdbx_aniso_B_tensor_eigenvector_1_ortho[3]     ? 
_reflns.pdbx_aniso_B_tensor_eigenvector_2_ortho[1]     ? 
_reflns.pdbx_aniso_B_tensor_eigenvector_2_ortho[2]     ? 
_reflns.pdbx_aniso_B_tensor_eigenvector_2_ortho[3]     ? 
_reflns.pdbx_aniso_B_tensor_eigenvector_3_ortho[1]     ? 
_reflns.pdbx_aniso_B_tensor_eigenvector_3_ortho[2]     ? 
_reflns.pdbx_aniso_B_tensor_eigenvector_3_ortho[3]     ? 
_reflns.pdbx_aniso_B_tensor_eigenvalue_1               ? 
_reflns.pdbx_aniso_B_tensor_eigenvalue_2               ? 
_reflns.pdbx_aniso_B_tensor_eigenvalue_3               ? 
_reflns.pdbx_orthogonalization_convention              ? 
_reflns.pdbx_percent_possible_ellipsoidal              ? 
_reflns.pdbx_percent_possible_spherical                ? 
_reflns.pdbx_percent_possible_ellipsoidal_anomalous    ? 
_reflns.pdbx_percent_possible_spherical_anomalous      ? 
_reflns.pdbx_redundancy_anomalous                      ? 
_reflns.pdbx_CC_half_anomalous                         ? 
_reflns.pdbx_absDiff_over_sigma_anomalous              ? 
_reflns.pdbx_percent_possible_anomalous                ? 
_reflns.pdbx_observed_signal_threshold                 ? 
_reflns.pdbx_signal_type                               ? 
_reflns.pdbx_signal_details                            ? 
_reflns.pdbx_signal_software_id                        ? 
_reflns.pdbx_CC_split_method                           ? 
# 
_reflns_shell.d_res_high                                    2.50 
_reflns_shell.d_res_low                                     2.56 
_reflns_shell.meanI_over_sigI_all                           ? 
_reflns_shell.meanI_over_sigI_obs                           15.24 
_reflns_shell.number_measured_all                           ? 
_reflns_shell.number_measured_obs                           ? 
_reflns_shell.number_possible                               ? 
_reflns_shell.number_unique_all                             ? 
_reflns_shell.number_unique_obs                             3808 
_reflns_shell.percent_possible_all                          91.50 
_reflns_shell.percent_possible_obs                          ? 
_reflns_shell.Rmerge_F_all                                  ? 
_reflns_shell.Rmerge_F_obs                                  ? 
_reflns_shell.Rmerge_I_all                                  ? 
_reflns_shell.Rmerge_I_obs                                  0.06429 
_reflns_shell.meanI_over_sigI_gt                            ? 
_reflns_shell.meanI_over_uI_all                             ? 
_reflns_shell.meanI_over_uI_gt                              ? 
_reflns_shell.number_measured_gt                            ? 
_reflns_shell.number_unique_gt                              ? 
_reflns_shell.percent_possible_gt                           ? 
_reflns_shell.Rmerge_F_gt                                   ? 
_reflns_shell.Rmerge_I_gt                                   ? 
_reflns_shell.pdbx_redundancy                               3.0 
_reflns_shell.pdbx_Rsym_value                               ? 
_reflns_shell.pdbx_chi_squared                              ? 
_reflns_shell.pdbx_netI_over_sigmaI_all                     ? 
_reflns_shell.pdbx_netI_over_sigmaI_obs                     ? 
_reflns_shell.pdbx_Rrim_I_all                               ? 
_reflns_shell.pdbx_Rpim_I_all                               0.04426 
_reflns_shell.pdbx_rejects                                  ? 
_reflns_shell.pdbx_ordinal                                  1 
_reflns_shell.pdbx_diffrn_id                                1 
_reflns_shell.pdbx_CC_half                                  0.981 
_reflns_shell.pdbx_CC_star                                  ? 
_reflns_shell.pdbx_R_split                                  ? 
_reflns_shell.pdbx_percent_possible_ellipsoidal             ? 
_reflns_shell.pdbx_percent_possible_spherical               ? 
_reflns_shell.pdbx_percent_possible_ellipsoidal_anomalous   ? 
_reflns_shell.pdbx_percent_possible_spherical_anomalous     ? 
_reflns_shell.pdbx_redundancy_anomalous                     ? 
_reflns_shell.pdbx_CC_half_anomalous                        ? 
_reflns_shell.pdbx_absDiff_over_sigma_anomalous             ? 
_reflns_shell.pdbx_percent_possible_anomalous               ? 
# 
_refine.aniso_B[1][1]                            ? 
_refine.aniso_B[1][2]                            ? 
_refine.aniso_B[1][3]                            ? 
_refine.aniso_B[2][2]                            ? 
_refine.aniso_B[2][3]                            ? 
_refine.aniso_B[3][3]                            ? 
_refine.B_iso_max                                ? 
_refine.B_iso_mean                               23.39 
_refine.B_iso_min                                ? 
_refine.correlation_coeff_Fo_to_Fc               ? 
_refine.correlation_coeff_Fo_to_Fc_free          ? 
_refine.details                                  ? 
_refine.diff_density_max                         ? 
_refine.diff_density_max_esd                     ? 
_refine.diff_density_min                         ? 
_refine.diff_density_min_esd                     ? 
_refine.diff_density_rms                         ? 
_refine.diff_density_rms_esd                     ? 
_refine.entry_id                                 8HHK 
_refine.pdbx_refine_id                           'X-RAY DIFFRACTION' 
_refine.ls_abs_structure_details                 ? 
_refine.ls_abs_structure_Flack                   ? 
_refine.ls_abs_structure_Flack_esd               ? 
_refine.ls_abs_structure_Rogers                  ? 
_refine.ls_abs_structure_Rogers_esd              ? 
_refine.ls_d_res_high                            2.50 
_refine.ls_d_res_low                             22.46 
_refine.ls_extinction_coef                       ? 
_refine.ls_extinction_coef_esd                   ? 
_refine.ls_extinction_expression                 ? 
_refine.ls_extinction_method                     ? 
_refine.ls_goodness_of_fit_all                   ? 
_refine.ls_goodness_of_fit_all_esd               ? 
_refine.ls_goodness_of_fit_obs                   ? 
_refine.ls_goodness_of_fit_obs_esd               ? 
_refine.ls_hydrogen_treatment                    ? 
_refine.ls_matrix_type                           ? 
_refine.ls_number_constraints                    ? 
_refine.ls_number_parameters                     ? 
_refine.ls_number_reflns_all                     ? 
_refine.ls_number_reflns_obs                     3808 
_refine.ls_number_reflns_R_free                  173 
_refine.ls_number_reflns_R_work                  3635 
_refine.ls_number_restraints                     ? 
_refine.ls_percent_reflns_obs                    96.45 
_refine.ls_percent_reflns_R_free                 4.54 
_refine.ls_R_factor_all                          ? 
_refine.ls_R_factor_obs                          0.2537 
_refine.ls_R_factor_R_free                       0.3138 
_refine.ls_R_factor_R_free_error                 ? 
_refine.ls_R_factor_R_free_error_details         ? 
_refine.ls_R_factor_R_work                       0.2511 
_refine.ls_R_Fsqd_factor_obs                     ? 
_refine.ls_R_I_factor_obs                        ? 
_refine.ls_redundancy_reflns_all                 ? 
_refine.ls_redundancy_reflns_obs                 ? 
_refine.ls_restrained_S_all                      ? 
_refine.ls_restrained_S_obs                      ? 
_refine.ls_shift_over_esd_max                    ? 
_refine.ls_shift_over_esd_mean                   ? 
_refine.ls_structure_factor_coef                 ? 
_refine.ls_weighting_details                     ? 
_refine.ls_weighting_scheme                      ? 
_refine.ls_wR_factor_all                         ? 
_refine.ls_wR_factor_obs                         ? 
_refine.ls_wR_factor_R_free                      ? 
_refine.ls_wR_factor_R_work                      ? 
_refine.occupancy_max                            ? 
_refine.occupancy_min                            ? 
_refine.solvent_model_details                    'FLAT BULK SOLVENT MODEL' 
_refine.solvent_model_param_bsol                 ? 
_refine.solvent_model_param_ksol                 ? 
_refine.pdbx_R_complete                          ? 
_refine.ls_R_factor_gt                           ? 
_refine.ls_goodness_of_fit_gt                    ? 
_refine.ls_goodness_of_fit_ref                   ? 
_refine.ls_shift_over_su_max                     ? 
_refine.ls_shift_over_su_max_lt                  ? 
_refine.ls_shift_over_su_mean                    ? 
_refine.ls_shift_over_su_mean_lt                 ? 
_refine.pdbx_ls_sigma_I                          ? 
_refine.pdbx_ls_sigma_F                          2.31 
_refine.pdbx_ls_sigma_Fsqd                       ? 
_refine.pdbx_data_cutoff_high_absF               ? 
_refine.pdbx_data_cutoff_high_rms_absF           ? 
_refine.pdbx_data_cutoff_low_absF                ? 
_refine.pdbx_isotropic_thermal_model             ? 
_refine.pdbx_ls_cross_valid_method               'FREE R-VALUE' 
_refine.pdbx_method_to_determine_struct          'AB INITIO PHASING' 
_refine.pdbx_starting_model                      ? 
_refine.pdbx_stereochemistry_target_values       'GeoStd + Monomer Library + CDL v1.2' 
_refine.pdbx_R_Free_selection_details            ? 
_refine.pdbx_stereochem_target_val_spec_case     ? 
_refine.pdbx_overall_ESU_R                       ? 
_refine.pdbx_overall_ESU_R_Free                  ? 
_refine.pdbx_solvent_vdw_probe_radii             1.1100 
_refine.pdbx_solvent_ion_probe_radii             ? 
_refine.pdbx_solvent_shrinkage_radii             0.9000 
_refine.pdbx_real_space_R                        ? 
_refine.pdbx_density_correlation                 ? 
_refine.pdbx_pd_number_of_powder_patterns        ? 
_refine.pdbx_pd_number_of_points                 ? 
_refine.pdbx_pd_meas_number_of_points            ? 
_refine.pdbx_pd_proc_ls_prof_R_factor            ? 
_refine.pdbx_pd_proc_ls_prof_wR_factor           ? 
_refine.pdbx_pd_Marquardt_correlation_coeff      ? 
_refine.pdbx_pd_Fsqrd_R_factor                   ? 
_refine.pdbx_pd_ls_matrix_band_width             ? 
_refine.pdbx_overall_phase_error                 37.1017 
_refine.pdbx_overall_SU_R_free_Cruickshank_DPI   ? 
_refine.pdbx_overall_SU_R_free_Blow_DPI          ? 
_refine.pdbx_overall_SU_R_Blow_DPI               ? 
_refine.pdbx_TLS_residual_ADP_flag               ? 
_refine.pdbx_diffrn_id                           1 
_refine.overall_SU_B                             ? 
_refine.overall_SU_ML                            0.3568 
_refine.overall_SU_R_Cruickshank_DPI             ? 
_refine.overall_SU_R_free                        ? 
_refine.overall_FOM_free_R_set                   ? 
_refine.overall_FOM_work_R_set                   ? 
_refine.pdbx_average_fsc_overall                 ? 
_refine.pdbx_average_fsc_work                    ? 
_refine.pdbx_average_fsc_free                    ? 
# 
_refine_hist.pdbx_refine_id                   'X-RAY DIFFRACTION' 
_refine_hist.cycle_id                         LAST 
_refine_hist.details                          ? 
_refine_hist.d_res_high                       2.50 
_refine_hist.d_res_low                        22.46 
_refine_hist.number_atoms_solvent             76 
_refine_hist.number_atoms_total               1025 
_refine_hist.number_reflns_all                ? 
_refine_hist.number_reflns_obs                ? 
_refine_hist.number_reflns_R_free             ? 
_refine_hist.number_reflns_R_work             ? 
_refine_hist.R_factor_all                     ? 
_refine_hist.R_factor_obs                     ? 
_refine_hist.R_factor_R_free                  ? 
_refine_hist.R_factor_R_work                  ? 
_refine_hist.pdbx_number_residues_total       ? 
_refine_hist.pdbx_B_iso_mean_ligand           ? 
_refine_hist.pdbx_B_iso_mean_solvent          ? 
_refine_hist.pdbx_number_atoms_protein        944 
_refine_hist.pdbx_number_atoms_nucleic_acid   0 
_refine_hist.pdbx_number_atoms_ligand         5 
_refine_hist.pdbx_number_atoms_lipid          ? 
_refine_hist.pdbx_number_atoms_carb           ? 
_refine_hist.pdbx_pseudo_atom_details         ? 
# 
loop_
_refine_ls_restr.pdbx_refine_id 
_refine_ls_restr.criterion 
_refine_ls_restr.dev_ideal 
_refine_ls_restr.dev_ideal_target 
_refine_ls_restr.number 
_refine_ls_restr.rejects 
_refine_ls_restr.type 
_refine_ls_restr.weight 
_refine_ls_restr.pdbx_restraint_function 
'X-RAY DIFFRACTION' ? 0.0096  ? 1005 ? f_bond_d           ? ? 
'X-RAY DIFFRACTION' ? 1.4870  ? 1364 ? f_angle_d          ? ? 
'X-RAY DIFFRACTION' ? 0.1010  ? 122  ? f_chiral_restr     ? ? 
'X-RAY DIFFRACTION' ? 0.0100  ? 187  ? f_plane_restr      ? ? 
'X-RAY DIFFRACTION' ? 30.2644 ? 359  ? f_dihedral_angle_d ? ? 
# 
_refine_ls_shell.pdbx_refine_id                   'X-RAY DIFFRACTION' 
_refine_ls_shell.d_res_high                       2.50 
_refine_ls_shell.d_res_low                        2.56 
_refine_ls_shell.number_reflns_all                ? 
_refine_ls_shell.number_reflns_obs                ? 
_refine_ls_shell.number_reflns_R_free             173 
_refine_ls_shell.number_reflns_R_work             3635 
_refine_ls_shell.percent_reflns_obs               96.45 
_refine_ls_shell.percent_reflns_R_free            ? 
_refine_ls_shell.R_factor_all                     ? 
_refine_ls_shell.R_factor_obs                     ? 
_refine_ls_shell.R_factor_R_free                  0.3138 
_refine_ls_shell.R_factor_R_free_error            ? 
_refine_ls_shell.R_factor_R_work                  0.2511 
_refine_ls_shell.redundancy_reflns_all            ? 
_refine_ls_shell.redundancy_reflns_obs            ? 
_refine_ls_shell.wR_factor_all                    ? 
_refine_ls_shell.wR_factor_obs                    ? 
_refine_ls_shell.wR_factor_R_free                 ? 
_refine_ls_shell.wR_factor_R_work                 ? 
_refine_ls_shell.pdbx_R_complete                  ? 
_refine_ls_shell.pdbx_total_number_of_bins_used   ? 
_refine_ls_shell.pdbx_phase_error                 ? 
_refine_ls_shell.pdbx_fsc_work                    ? 
_refine_ls_shell.pdbx_fsc_free                    ? 
# 
_struct.entry_id                     8HHK 
_struct.title                        'Crystal structure of a triple-helix region of human collagen type III' 
_struct.pdbx_model_details           ? 
_struct.pdbx_formula_weight          ? 
_struct.pdbx_formula_weight_method   ? 
_struct.pdbx_model_type_details      ? 
_struct.pdbx_CASP_flag               N 
# 
_struct_keywords.entry_id        8HHK 
_struct_keywords.text            'human collagen type III, CELL ADHESION' 
_struct_keywords.pdbx_keywords   'CELL ADHESION' 
# 
loop_
_struct_asym.id 
_struct_asym.pdbx_blank_PDB_chainid_flag 
_struct_asym.pdbx_modified 
_struct_asym.entity_id 
_struct_asym.details 
A N N 1 ? 
B N N 1 ? 
C N N 1 ? 
D N N 1 ? 
E N N 1 ? 
F N N 1 ? 
G N N 2 ? 
H N N 3 ? 
I N N 3 ? 
J N N 3 ? 
K N N 3 ? 
L N N 3 ? 
M N N 3 ? 
# 
loop_
_struct_conn.id 
_struct_conn.conn_type_id 
_struct_conn.pdbx_leaving_atom_flag 
_struct_conn.pdbx_PDB_id 
_struct_conn.ptnr1_label_asym_id 
_struct_conn.ptnr1_label_comp_id 
_struct_conn.ptnr1_label_seq_id 
_struct_conn.ptnr1_label_atom_id 
_struct_conn.pdbx_ptnr1_label_alt_id 
_struct_conn.pdbx_ptnr1_PDB_ins_code 
_struct_conn.pdbx_ptnr1_standard_comp_id 
_struct_conn.ptnr1_symmetry 
_struct_conn.ptnr2_label_asym_id 
_struct_conn.ptnr2_label_comp_id 
_struct_conn.ptnr2_label_seq_id 
_struct_conn.ptnr2_label_atom_id 
_struct_conn.pdbx_ptnr2_label_alt_id 
_struct_conn.pdbx_ptnr2_PDB_ins_code 
_struct_conn.ptnr1_auth_asym_id 
_struct_conn.ptnr1_auth_comp_id 
_struct_conn.ptnr1_auth_seq_id 
_struct_conn.ptnr2_auth_asym_id 
_struct_conn.ptnr2_auth_comp_id 
_struct_conn.ptnr2_auth_seq_id 
_struct_conn.ptnr2_symmetry 
_struct_conn.pdbx_ptnr3_label_atom_id 
_struct_conn.pdbx_ptnr3_label_seq_id 
_struct_conn.pdbx_ptnr3_label_comp_id 
_struct_conn.pdbx_ptnr3_label_asym_id 
_struct_conn.pdbx_ptnr3_label_alt_id 
_struct_conn.pdbx_ptnr3_PDB_ins_code 
_struct_conn.details 
_struct_conn.pdbx_dist_value 
_struct_conn.pdbx_value_order 
_struct_conn.pdbx_role 
covale1  covale both ? A PRO 1  C ? ? ? 1_555 A HYP 2  N ? ? A PRO 1  A HYP 2  1_555 ? ? ? ? ? ? ? 1.330 ? ? 
covale2  covale both ? A HYP 2  C ? ? ? 1_555 A GLY 3  N ? ? A HYP 2  A GLY 3  1_555 ? ? ? ? ? ? ? 1.331 ? ? 
covale3  covale both ? A PRO 4  C ? ? ? 1_555 A HYP 5  N ? ? A PRO 4  A HYP 5  1_555 ? ? ? ? ? ? ? 1.322 ? ? 
covale4  covale both ? A HYP 5  C ? ? ? 1_555 A GLY 6  N ? ? A HYP 5  A GLY 6  1_555 ? ? ? ? ? ? ? 1.321 ? ? 
covale5  covale both ? A PRO 7  C ? ? ? 1_555 A HYP 8  N ? ? A PRO 7  A HYP 8  1_555 ? ? ? ? ? ? ? 1.326 ? ? 
covale6  covale both ? A HYP 8  C ? ? ? 1_555 A GLY 9  N ? ? A HYP 8  A GLY 9  1_555 ? ? ? ? ? ? ? 1.329 ? ? 
covale7  covale both ? B PRO 1  C ? ? ? 1_555 B HYP 2  N ? ? B PRO 1  B HYP 2  1_555 ? ? ? ? ? ? ? 1.328 ? ? 
covale8  covale both ? B HYP 2  C ? ? ? 1_555 B GLY 3  N ? ? B HYP 2  B GLY 3  1_555 ? ? ? ? ? ? ? 1.330 ? ? 
covale9  covale both ? B PRO 4  C ? ? ? 1_555 B HYP 5  N ? ? B PRO 4  B HYP 5  1_555 ? ? ? ? ? ? ? 1.327 ? ? 
covale10 covale both ? B HYP 5  C ? ? ? 1_555 B GLY 6  N ? ? B HYP 5  B GLY 6  1_555 ? ? ? ? ? ? ? 1.326 ? ? 
covale11 covale both ? B PRO 7  C ? ? ? 1_555 B HYP 8  N ? ? B PRO 7  B HYP 8  1_555 ? ? ? ? ? ? ? 1.332 ? ? 
covale12 covale both ? B HYP 8  C ? ? ? 1_555 B GLY 9  N ? ? B HYP 8  B GLY 9  1_555 ? ? ? ? ? ? ? 1.335 ? ? 
covale13 covale both ? B PRO 22 C ? ? ? 1_555 B HYP 23 N ? ? B PRO 22 B HYP 23 1_555 ? ? ? ? ? ? ? 1.329 ? ? 
covale14 covale both ? C PRO 1  C ? ? ? 1_555 C HYP 2  N ? ? C PRO 1  C HYP 2  1_555 ? ? ? ? ? ? ? 1.332 ? ? 
covale15 covale both ? C HYP 2  C ? ? ? 1_555 C GLY 3  N ? ? C HYP 2  C GLY 3  1_555 ? ? ? ? ? ? ? 1.327 ? ? 
covale16 covale both ? C PRO 4  C ? ? ? 1_555 C HYP 5  N ? ? C PRO 4  C HYP 5  1_555 ? ? ? ? ? ? ? 1.321 ? ? 
covale17 covale both ? C HYP 5  C ? ? ? 1_555 C GLY 6  N ? ? C HYP 5  C GLY 6  1_555 ? ? ? ? ? ? ? 1.328 ? ? 
covale18 covale both ? C PRO 7  C ? ? ? 1_555 C HYP 8  N ? ? C PRO 7  C HYP 8  1_555 ? ? ? ? ? ? ? 1.324 ? ? 
covale19 covale both ? C HYP 8  C ? ? ? 1_555 C GLY 9  N ? ? C HYP 8  C GLY 9  1_555 ? ? ? ? ? ? ? 1.327 ? ? 
covale20 covale both ? C PRO 22 C ? ? ? 1_555 C HYP 23 N ? ? C PRO 22 C HYP 23 1_555 ? ? ? ? ? ? ? 1.326 ? ? 
covale21 covale both ? C HYP 23 C ? ? ? 1_555 C GLY 24 N ? ? C HYP 23 C GLY 24 1_555 ? ? ? ? ? ? ? 1.327 ? ? 
covale22 covale both ? C PRO 25 C ? ? ? 1_555 C HYP 26 N ? ? C PRO 25 C HYP 26 1_555 ? ? ? ? ? ? ? 1.325 ? ? 
covale23 covale both ? C HYP 26 C ? ? ? 1_555 C GLY 27 N ? ? C HYP 26 C GLY 27 1_555 ? ? ? ? ? ? ? 1.328 ? ? 
covale24 covale both ? D PRO 1  C ? ? ? 1_555 D HYP 2  N ? ? G PRO 1  G HYP 2  1_555 ? ? ? ? ? ? ? 1.331 ? ? 
covale25 covale both ? D HYP 2  C ? ? ? 1_555 D GLY 3  N ? ? G HYP 2  G GLY 3  1_555 ? ? ? ? ? ? ? 1.330 ? ? 
covale26 covale both ? D PRO 4  C ? ? ? 1_555 D HYP 5  N ? ? G PRO 4  G HYP 5  1_555 ? ? ? ? ? ? ? 1.324 ? ? 
covale27 covale both ? D HYP 5  C ? ? ? 1_555 D GLY 6  N ? ? G HYP 5  G GLY 6  1_555 ? ? ? ? ? ? ? 1.326 ? ? 
covale28 covale both ? D PRO 7  C ? ? ? 1_555 D HYP 8  N ? ? G PRO 7  G HYP 8  1_555 ? ? ? ? ? ? ? 1.328 ? ? 
covale29 covale both ? D HYP 8  C ? ? ? 1_555 D GLY 9  N ? ? G HYP 8  G GLY 9  1_555 ? ? ? ? ? ? ? 1.328 ? ? 
covale30 covale both ? E PRO 1  C ? ? ? 1_555 E HYP 2  N ? ? H PRO 1  H HYP 2  1_555 ? ? ? ? ? ? ? 1.329 ? ? 
covale31 covale both ? E HYP 2  C ? ? ? 1_555 E GLY 3  N ? ? H HYP 2  H GLY 3  1_555 ? ? ? ? ? ? ? 1.330 ? ? 
covale32 covale both ? E PRO 4  C ? ? ? 1_555 E HYP 5  N ? ? H PRO 4  H HYP 5  1_555 ? ? ? ? ? ? ? 1.326 ? ? 
covale33 covale both ? E HYP 5  C ? ? ? 1_555 E GLY 6  N ? ? H HYP 5  H GLY 6  1_555 ? ? ? ? ? ? ? 1.325 ? ? 
covale34 covale both ? E PRO 7  C ? ? ? 1_555 E HYP 8  N ? ? H PRO 7  H HYP 8  1_555 ? ? ? ? ? ? ? 1.326 ? ? 
covale35 covale both ? E HYP 8  C ? ? ? 1_555 E GLY 9  N ? ? H HYP 8  H GLY 9  1_555 ? ? ? ? ? ? ? 1.337 ? ? 
covale36 covale both ? E PRO 22 C ? ? ? 1_555 E HYP 23 N ? ? H PRO 22 H HYP 23 1_555 ? ? ? ? ? ? ? 1.327 ? ? 
covale37 covale both ? F PRO 1  C ? ? ? 1_555 F HYP 2  N ? ? I PRO 1  I HYP 2  1_555 ? ? ? ? ? ? ? 1.332 ? ? 
covale38 covale both ? F HYP 2  C ? ? ? 1_555 F GLY 3  N ? ? I HYP 2  I GLY 3  1_555 ? ? ? ? ? ? ? 1.324 ? ? 
covale39 covale both ? F PRO 4  C ? ? ? 1_555 F HYP 5  N ? ? I PRO 4  I HYP 5  1_555 ? ? ? ? ? ? ? 1.323 ? ? 
covale40 covale both ? F HYP 5  C ? ? ? 1_555 F GLY 6  N ? ? I HYP 5  I GLY 6  1_555 ? ? ? ? ? ? ? 1.325 ? ? 
covale41 covale both ? F PRO 7  C ? ? ? 1_555 F HYP 8  N ? ? I PRO 7  I HYP 8  1_555 ? ? ? ? ? ? ? 1.323 ? ? 
covale42 covale both ? F HYP 8  C ? ? ? 1_555 F GLY 9  N ? ? I HYP 8  I GLY 9  1_555 ? ? ? ? ? ? ? 1.328 ? ? 
covale43 covale both ? F PRO 22 C ? ? ? 1_555 F HYP 23 N ? ? I PRO 22 I HYP 23 1_555 ? ? ? ? ? ? ? 1.323 ? ? 
covale44 covale both ? F HYP 23 C ? ? ? 1_555 F GLY 24 N ? ? I HYP 23 I GLY 24 1_555 ? ? ? ? ? ? ? 1.330 ? ? 
# 
_struct_conn_type.id          covale 
_struct_conn_type.criteria    ? 
_struct_conn_type.reference   ? 
# 
_atom_sites.entry_id                    8HHK 
_atom_sites.Cartn_transf_matrix[1][1]   ? 
_atom_sites.Cartn_transf_matrix[1][2]   ? 
_atom_sites.Cartn_transf_matrix[1][3]   ? 
_atom_sites.Cartn_transf_matrix[2][1]   ? 
_atom_sites.Cartn_transf_matrix[2][2]   ? 
_atom_sites.Cartn_transf_matrix[2][3]   ? 
_atom_sites.Cartn_transf_matrix[3][1]   ? 
_atom_sites.Cartn_transf_matrix[3][2]   ? 
_atom_sites.Cartn_transf_matrix[3][3]   ? 
_atom_sites.Cartn_transf_vector[1]      ? 
_atom_sites.Cartn_transf_vector[2]      ? 
_atom_sites.Cartn_transf_vector[3]      ? 
_atom_sites.fract_transf_matrix[1][1]   -0.01668522 
_atom_sites.fract_transf_matrix[1][2]   0.06123347 
_atom_sites.fract_transf_matrix[1][3]   0.02029122 
_atom_sites.fract_transf_matrix[2][1]   0.00141042 
_atom_sites.fract_transf_matrix[2][2]   -0.00348179 
_atom_sites.fract_transf_matrix[2][3]   0.03560677 
_atom_sites.fract_transf_matrix[3][1]   0.01397769 
_atom_sites.fract_transf_matrix[3][2]   0.00393376 
_atom_sites.fract_transf_matrix[3][3]   0.00305223 
_atom_sites.fract_transf_vector[1]      0.126980 
_atom_sites.fract_transf_vector[2]      -0.084899 
_atom_sites.fract_transf_vector[3]      0.076115 
_atom_sites.solution_primary            ? 
_atom_sites.solution_secondary          ? 
_atom_sites.solution_hydrogens          ? 
_atom_sites.special_details             ? 
# 
loop_
_atom_type.symbol 
_atom_type.scat_dispersion_real 
_atom_type.scat_dispersion_imag 
_atom_type.scat_Cromer_Mann_a1 
_atom_type.scat_Cromer_Mann_a2 
_atom_type.scat_Cromer_Mann_a3 
_atom_type.scat_Cromer_Mann_a4 
_atom_type.scat_Cromer_Mann_b1 
_atom_type.scat_Cromer_Mann_b2 
_atom_type.scat_Cromer_Mann_b3 
_atom_type.scat_Cromer_Mann_b4 
_atom_type.scat_Cromer_Mann_c 
_atom_type.scat_source 
_atom_type.scat_dispersion_source 
C ? ? 3.54356 2.42580 ? ? 25.62398 1.50364  ? ? 0.0 
;2-Gaussian fit: Grosse-Kunstleve RW, Sauter NK, Adams PD: Newsletter of the IUCr Commission on Crystallographic Computing 2004, 3, 22-31.
;
? 
N ? ? 4.01032 2.96436 ? ? 19.97189 1.75589  ? ? 0.0 
;2-Gaussian fit: Grosse-Kunstleve RW, Sauter NK, Adams PD: Newsletter of the IUCr Commission on Crystallographic Computing 2004, 3, 22-31.
;
? 
O ? ? 4.49882 3.47563 ? ? 15.80542 1.70748  ? ? 0.0 
;2-Gaussian fit: Grosse-Kunstleve RW, Sauter NK, Adams PD: Newsletter of the IUCr Commission on Crystallographic Computing 2004, 3, 22-31.
;
? 
S ? ? 9.55732 6.39887 ? ? 1.23737  29.19336 ? ? 0.0 
;2-Gaussian fit: Grosse-Kunstleve RW, Sauter NK, Adams PD: Newsletter of the IUCr Commission on Crystallographic Computing 2004, 3, 22-31.
;
? 
# 
loop_
_atom_site.group_PDB 
_atom_site.id 
_atom_site.type_symbol 
_atom_site.label_atom_id 
_atom_site.label_alt_id 
_atom_site.label_comp_id 
_atom_site.label_asym_id 
_atom_site.label_entity_id 
_atom_site.label_seq_id 
_atom_site.pdbx_PDB_ins_code 
_atom_site.Cartn_x 
_atom_site.Cartn_y 
_atom_site.Cartn_z 
_atom_site.occupancy 
_atom_site.B_iso_or_equiv 
_atom_site.pdbx_formal_charge 
_atom_site.auth_seq_id 
_atom_site.auth_comp_id 
_atom_site.auth_asym_id 
_atom_site.auth_atom_id 
_atom_site.pdbx_PDB_model_num 
ATOM   1    N N   . PRO A 1 1  ? 18.94065  22.28503  -0.40958  1.000 36.71704 ? 1   PRO A N   1 
ATOM   2    C CA  . PRO A 1 1  ? 18.53833  21.57783  0.81296   1.000 32.38505 ? 1   PRO A CA  1 
ATOM   3    C C   . PRO A 1 1  ? 17.75809  20.30962  0.50290   1.000 28.61819 ? 1   PRO A C   1 
ATOM   4    O O   . PRO A 1 1  ? 17.12042  20.23835  -0.55398  1.000 30.42969 ? 1   PRO A O   1 
ATOM   5    C CB  . PRO A 1 1  ? 17.62836  22.58180  1.53752   1.000 33.87606 ? 1   PRO A CB  1 
ATOM   6    C CG  . PRO A 1 1  ? 17.82088  23.88129  0.84784   1.000 28.20805 ? 1   PRO A CG  1 
ATOM   7    C CD  . PRO A 1 1  ? 18.28160  23.59379  -0.53663  1.000 35.37437 ? 1   PRO A CD  1 
HETATM 8    N N   . HYP A 1 2  ? 17.80705  19.32537  1.39652   1.000 31.25468 ? 2   HYP A N   1 
HETATM 9    C CA  . HYP A 1 2  ? 17.00645  18.08374  1.22807   1.000 27.14904 ? 2   HYP A CA  1 
HETATM 10   C C   . HYP A 1 2  ? 15.47930  18.39576  1.00391   1.000 27.73594 ? 2   HYP A C   1 
HETATM 11   O O   . HYP A 1 2  ? 14.96793  19.39404  1.54867   1.000 28.79570 ? 2   HYP A O   1 
HETATM 12   C CB  . HYP A 1 2  ? 17.22589  17.21950  2.46970   1.000 30.96522 ? 2   HYP A CB  1 
HETATM 13   C CG  . HYP A 1 2  ? 18.65830  17.57084  2.89020   1.000 31.66819 ? 2   HYP A CG  1 
HETATM 14   C CD  . HYP A 1 2  ? 18.71430  19.08226  2.53309   1.000 26.96173 ? 2   HYP A CD  1 
HETATM 15   O OD1 . HYP A 1 2  ? 19.65548  16.83775  2.26789   1.000 38.32392 ? 2   HYP A OD1 1 
ATOM   16   N N   . GLY A 1 3  ? 14.80644  17.56559  0.21117   1.000 22.33527 ? 3   GLY A N   1 
ATOM   17   C CA  . GLY A 1 3  ? 13.42050  17.80278  -0.13542  1.000 15.34984 ? 3   GLY A CA  1 
ATOM   18   C C   . GLY A 1 3  ? 12.48349  17.57619  1.03495   1.000 21.37019 ? 3   GLY A C   1 
ATOM   19   O O   . GLY A 1 3  ? 12.93260  17.27953  2.14129   1.000 12.81984 ? 3   GLY A O   1 
ATOM   20   N N   . PRO A 1 4  ? 11.16373  17.71591  0.79287   1.000 19.76988 ? 4   PRO A N   1 
ATOM   21   C CA  . PRO A 1 4  ? 10.17575  17.47389  1.84710   1.000 14.39652 ? 4   PRO A CA  1 
ATOM   22   C C   . PRO A 1 4  ? 9.93868   15.98425  2.07680   1.000 21.06738 ? 4   PRO A C   1 
ATOM   23   O O   . PRO A 1 4  ? 10.30134  15.12122  1.25602   1.000 16.11824 ? 4   PRO A O   1 
ATOM   24   C CB  . PRO A 1 4  ? 8.91789   18.15314  1.30673   1.000 17.11313 ? 4   PRO A CB  1 
ATOM   25   C CG  . PRO A 1 4  ? 9.09384   18.18480  -0.15721  1.000 13.68461 ? 4   PRO A CG  1 
ATOM   26   C CD  . PRO A 1 4  ? 10.54909  18.30650  -0.41552  1.000 10.99907 ? 4   PRO A CD  1 
HETATM 27   N N   . HYP A 1 5  ? 9.33105   15.66102  3.20506   1.000 17.48607 ? 5   HYP A N   1 
HETATM 28   C CA  . HYP A 1 5  ? 9.15045   14.26698  3.57310   1.000 13.02369 ? 5   HYP A CA  1 
HETATM 29   C C   . HYP A 1 5  ? 8.24594   13.49175  2.55507   1.000 6.88205  ? 5   HYP A C   1 
HETATM 30   O O   . HYP A 1 5  ? 7.36507   14.08885  1.90609   1.000 7.92542  ? 5   HYP A O   1 
HETATM 31   C CB  . HYP A 1 5  ? 8.53415   14.24293  4.99722   1.000 11.27602 ? 5   HYP A CB  1 
HETATM 32   C CG  . HYP A 1 5  ? 8.90791   15.59785  5.59858   1.000 15.22690 ? 5   HYP A CG  1 
HETATM 33   C CD  . HYP A 1 5  ? 8.84772   16.47954  4.34412   1.000 10.52818 ? 5   HYP A CD  1 
HETATM 34   O OD1 . HYP A 1 5  ? 10.14427  15.65522  6.22624   1.000 20.31558 ? 5   HYP A OD1 1 
ATOM   35   N N   . GLY A 1 6  ? 8.49414   12.20203  2.40979   1.000 7.33502  ? 6   GLY A N   1 
ATOM   36   C CA  . GLY A 1 6  ? 7.62921   11.37276  1.61076   1.000 6.64704  ? 6   GLY A CA  1 
ATOM   37   C C   . GLY A 1 6  ? 6.24669   11.40779  2.22365   1.000 8.58902  ? 6   GLY A C   1 
ATOM   38   O O   . GLY A 1 6  ? 6.09187   11.69624  3.41648   1.000 5.91218  ? 6   GLY A O   1 
ATOM   39   N N   . PRO A 1 7  ? 5.22200   11.11462  1.42154   1.000 7.51006  ? 7   PRO A N   1 
ATOM   40   C CA  . PRO A 1 7  ? 3.89289   11.09430  2.02642   1.000 8.60401  ? 7   PRO A CA  1 
ATOM   41   C C   . PRO A 1 7  ? 3.73461   9.92139   2.98925   1.000 7.51586  ? 7   PRO A C   1 
ATOM   42   O O   . PRO A 1 7  ? 4.39392   8.88404   2.82852   1.000 4.65903  ? 7   PRO A O   1 
ATOM   43   C CB  . PRO A 1 7  ? 2.97135   10.95656  0.81415   1.000 7.58303  ? 7   PRO A CB  1 
ATOM   44   C CG  . PRO A 1 7  ? 3.80968   10.24202  -0.19843  1.000 6.28519  ? 7   PRO A CG  1 
ATOM   45   C CD  . PRO A 1 7  ? 5.18879   10.79224  -0.01378  1.000 7.56513  ? 7   PRO A CD  1 
HETATM 46   N N   . HYP A 1 8  ? 2.86685   10.07841  3.98009   1.000 10.43480 ? 8   HYP A N   1 
HETATM 47   C CA  . HYP A 1 8  ? 2.52577   8.96643   4.89455   1.000 7.86245  ? 8   HYP A CA  1 
HETATM 48   C C   . HYP A 1 8  ? 1.93997   7.70038   4.15799   1.000 9.45176  ? 8   HYP A C   1 
HETATM 49   O O   . HYP A 1 8  ? 1.24877   7.85107   3.13309   1.000 6.32752  ? 8   HYP A O   1 
HETATM 50   C CB  . HYP A 1 8  ? 1.47887   9.50465   5.90824   1.000 7.79698  ? 8   HYP A CB  1 
HETATM 51   C CG  . HYP A 1 8  ? 1.60636   11.02638  5.85702   1.000 7.80822  ? 8   HYP A CG  1 
HETATM 52   C CD  . HYP A 1 8  ? 2.03519   11.24078  4.38011   1.000 9.31033  ? 8   HYP A CD  1 
HETATM 53   O OD1 . HYP A 1 8  ? 2.50133   11.56086  6.76232   1.000 18.97354 ? 8   HYP A OD1 1 
ATOM   54   N N   . GLY A 1 9  ? 2.18292   6.50703   4.69035   1.000 6.00383  ? 9   GLY A N   1 
ATOM   55   C CA  . GLY A 1 9  ? 1.46470   5.33899   4.21511   1.000 4.32920  ? 9   GLY A CA  1 
ATOM   56   C C   . GLY A 1 9  ? 0.02507   5.42438   4.69889   1.000 10.38187 ? 9   GLY A C   1 
ATOM   57   O O   . GLY A 1 9  ? -0.26492  6.23210   5.58386   1.000 6.96209  ? 9   GLY A O   1 
ATOM   58   N N   . PHE A 1 10 ? -0.88540  4.62985   4.12684   1.000 5.36500  ? 10  PHE A N   1 
ATOM   59   C CA  . PHE A 1 10 ? -2.26108  4.61530   4.61672   1.000 6.44791  ? 10  PHE A CA  1 
ATOM   60   C C   . PHE A 1 10 ? -2.37214  3.66912   5.80031   1.000 9.14951  ? 10  PHE A C   1 
ATOM   61   O O   . PHE A 1 10 ? -1.65489  2.67115   5.87283   1.000 6.41493  ? 10  PHE A O   1 
ATOM   62   C CB  . PHE A 1 10 ? -3.23892  4.17146   3.52687   1.000 6.52032  ? 10  PHE A CB  1 
ATOM   63   C CG  . PHE A 1 10 ? -3.23540  5.04456   2.30770   1.000 6.88079  ? 10  PHE A CG  1 
ATOM   64   C CD1 . PHE A 1 10 ? -3.67544  6.35750   2.38768   1.000 5.23614  ? 10  PHE A CD1 1 
ATOM   65   C CD2 . PHE A 1 10 ? -2.82810  4.55308   1.09050   1.000 5.58387  ? 10  PHE A CD2 1 
ATOM   66   C CE1 . PHE A 1 10 ? -3.70521  7.15911   1.26727   1.000 9.37120  ? 10  PHE A CE1 1 
ATOM   67   C CE2 . PHE A 1 10 ? -2.85630  5.36473   -0.04033  1.000 7.03069  ? 10  PHE A CE2 1 
ATOM   68   C CZ  . PHE A 1 10 ? -3.27518  6.66983   0.06463   1.000 8.73171  ? 10  PHE A CZ  1 
ATOM   69   N N   . ASP A 1 11 ? -3.24874  4.00919   6.74642   1.000 8.38386  ? 11  ASP A N   1 
ATOM   70   C CA  . ASP A 1 11 ? -3.54329  3.10319   7.84834   1.000 4.69120  ? 11  ASP A CA  1 
ATOM   71   C C   . ASP A 1 11 ? -4.04954  1.77641   7.29240   1.000 10.92661 ? 11  ASP A C   1 
ATOM   72   O O   . ASP A 1 11 ? -4.66372  1.71361   6.21423   1.000 6.35050  ? 11  ASP A O   1 
ATOM   73   C CB  . ASP A 1 11 ? -4.59395  3.72482   8.78141   1.000 7.88758  ? 11  ASP A CB  1 
ATOM   74   C CG  . ASP A 1 11 ? -4.04927  4.92690   9.54570   1.000 7.23285  ? 11  ASP A CG  1 
ATOM   75   O OD1 . ASP A 1 11 ? -2.81705  5.03581   9.66407   1.000 4.12245  ? 11  ASP A OD1 1 
ATOM   76   O OD2 . ASP A 1 11 ? -4.83885  5.77767   10.01845  1.000 4.27905  ? 11  ASP A OD2 1 
ATOM   77   N N   . GLY A 1 12 ? -3.78069  0.69834   8.03400   1.000 14.58391 ? 12  GLY A N   1 
ATOM   78   C CA  . GLY A 1 12 ? -4.13663  -0.61581  7.55128   1.000 7.30482  ? 12  GLY A CA  1 
ATOM   79   C C   . GLY A 1 12 ? -5.63652  -0.78309  7.40189   1.000 10.65776 ? 12  GLY A C   1 
ATOM   80   O O   . GLY A 1 12 ? -6.44304  -0.19535  8.12596   1.000 10.50897 ? 12  GLY A O   1 
ATOM   81   N N   . ARG A 1 13 ? -6.02210  -1.63218  6.46039   1.000 9.26118  ? 13  ARG A N   1 
ATOM   82   C CA  . ARG A 1 13 ? -7.42534  -1.97653  6.33485   1.000 10.98254 ? 13  ARG A CA  1 
ATOM   83   C C   . ARG A 1 13 ? -7.89622  -2.67308  7.60483   1.000 13.49631 ? 13  ARG A C   1 
ATOM   84   O O   . ARG A 1 13 ? -7.12698  -3.37407  8.26698   1.000 12.42539 ? 13  ARG A O   1 
ATOM   85   C CB  . ARG A 1 13 ? -7.63046  -2.90524  5.15565   1.000 12.61656 ? 13  ARG A CB  1 
ATOM   86   C CG  . ARG A 1 13 ? -7.24802  -2.30555  3.85157   1.000 23.54445 ? 13  ARG A CG  1 
ATOM   87   C CD  . ARG A 1 13 ? -7.66805  -3.21745  2.71612   1.000 31.55141 ? 13  ARG A CD  1 
ATOM   88   N NE  . ARG A 1 13 ? -9.12200  -3.31292  2.68190   1.000 29.15540 ? 13  ARG A NE  1 
ATOM   89   C CZ  . ARG A 1 13 ? -9.89907  -2.35569  2.18236   1.000 34.23387 ? 13  ARG A CZ  1 
ATOM   90   N NH1 . ARG A 1 13 ? -11.22047 -2.49771  2.17477   1.000 45.23964 ? 13  ARG A NH1 1 
ATOM   91   N NH2 . ARG A 1 13 ? -9.35366  -1.23169  1.72649   1.000 33.35862 ? 13  ARG A NH2 1 
ATOM   92   N N   . ASN A 1 14 ? -9.17369  -2.49150  7.93184   1.000 9.53047  ? 14  ASN A N   1 
ATOM   93   C CA  . ASN A 1 14 ? -9.71222  -3.11706  9.12358   1.000 8.04623  ? 14  ASN A CA  1 
ATOM   94   C C   . ASN A 1 14 ? -9.89027  -4.61565  8.90981   1.000 13.83088 ? 14  ASN A C   1 
ATOM   95   O O   . ASN A 1 14 ? -9.89095  -5.11301  7.77951   1.000 11.39416 ? 14  ASN A O   1 
ATOM   96   C CB  . ASN A 1 14 ? -11.03415 -2.45227  9.50298   1.000 20.67811 ? 14  ASN A CB  1 
ATOM   97   C CG  . ASN A 1 14 ? -10.84864 -0.97944  9.87623   1.000 28.54326 ? 14  ASN A CG  1 
ATOM   98   O OD1 . ASN A 1 14 ? -9.72935  -0.54100  10.15510  1.000 21.98264 ? 14  ASN A OD1 1 
ATOM   99   N ND2 . ASN A 1 14 ? -11.93587 -0.21523  9.86935   1.000 26.49366 ? 14  ASN A ND2 1 
ATOM   100  N N   . GLY A 1 15 ? -10.01352 -5.34763  10.01410  1.000 13.21468 ? 15  GLY A N   1 
ATOM   101  C CA  . GLY A 1 15 ? -10.23608 -6.77607  9.90889   1.000 13.66984 ? 15  GLY A CA  1 
ATOM   102  C C   . GLY A 1 15 ? -11.63865 -7.09830  9.42119   1.000 14.39050 ? 15  GLY A C   1 
ATOM   103  O O   . GLY A 1 15 ? -12.57850 -6.32257  9.59476   1.000 11.19970 ? 15  GLY A O   1 
ATOM   104  N N   . GLU A 1 16 ? -11.77628 -8.27386  8.81986   1.000 34.48283 ? 16  GLU A N   1 
ATOM   105  C CA  . GLU A 1 16 ? -13.08531 -8.68928  8.34960   1.000 32.20528 ? 16  GLU A CA  1 
ATOM   106  C C   . GLU A 1 16 ? -13.96147 -8.99250  9.55398   1.000 26.90326 ? 16  GLU A C   1 
ATOM   107  O O   . GLU A 1 16 ? -13.47275 -9.41345  10.60995  1.000 22.77974 ? 16  GLU A O   1 
ATOM   108  C CB  . GLU A 1 16 ? -12.96724 -9.91346  7.45666   1.000 35.48853 ? 16  GLU A CB  1 
ATOM   109  C CG  . GLU A 1 16 ? -12.21857 -9.69384  6.16118   1.000 45.39663 ? 16  GLU A CG  1 
ATOM   110  C CD  . GLU A 1 16 ? -10.72092 -9.74623  6.38033   1.000 51.40984 ? 16  GLU A CD  1 
ATOM   111  O OE1 . GLU A 1 16 ? -9.95554  -9.33841  5.48524   1.000 44.36984 ? 16  GLU A OE1 1 
ATOM   112  O OE2 . GLU A 1 16 ? -10.31454 -10.20291 7.46561   1.000 69.62984 ? 16  GLU A OE2 1 
ATOM   113  N N   . LYS A 1 17 ? -15.25400 -8.72195  9.40262   1.000 29.18984 ? 17  LYS A N   1 
ATOM   114  C CA  . LYS A 1 17 ? -16.20252 -8.94442  10.48431  1.000 36.03751 ? 17  LYS A CA  1 
ATOM   115  C C   . LYS A 1 17 ? -16.20146 -10.43510 10.82072  1.000 28.04329 ? 17  LYS A C   1 
ATOM   116  O O   . LYS A 1 17 ? -15.82023 -11.27415 10.01526  1.000 25.38525 ? 17  LYS A O   1 
ATOM   117  C CB  . LYS A 1 17 ? -17.58268 -8.41643  10.05240  1.000 41.21540 ? 17  LYS A CB  1 
ATOM   118  C CG  . LYS A 1 17 ? -18.72390 -8.60543  11.04974  1.000 43.17984 ? 17  LYS A CG  1 
ATOM   119  C CD  . LYS A 1 17 ? -20.05411 -8.04181  10.53769  1.000 57.44149 ? 17  LYS A CD  1 
ATOM   120  C CE  . LYS A 1 17 ? -21.21521 -8.36769  11.48160  1.000 64.66527 ? 17  LYS A CE  1 
ATOM   121  N NZ  . LYS A 1 17 ? -21.08974 -7.70275  12.82102  1.000 72.80984 ? 17  LYS A NZ  1 
ATOM   122  N N   . GLY A 1 18 ? -16.53774 -10.76819 12.07540  1.000 26.04984 ? 18  GLY A N   1 
ATOM   123  C CA  . GLY A 1 18 ? -16.46382 -12.16190 12.47818  1.000 32.12011 ? 18  GLY A CA  1 
ATOM   124  C C   . GLY A 1 18 ? -17.55026 -12.98246 11.79753  1.000 34.67904 ? 18  GLY A C   1 
ATOM   125  O O   . GLY A 1 18 ? -18.65025 -12.49654 11.54176  1.000 39.42558 ? 18  GLY A O   1 
ATOM   126  N N   . PRO B 1 1  ? 19.14847  24.42873  -4.34777  1.000 55.06074 ? 1   PRO B N   1 
ATOM   127  C CA  . PRO B 1 1  ? 17.69683  24.33820  -4.55447  1.000 41.77420 ? 1   PRO B CA  1 
ATOM   128  C C   . PRO B 1 1  ? 17.09088  23.20968  -3.73775  1.000 40.90180 ? 1   PRO B C   1 
ATOM   129  O O   . PRO B 1 1  ? 17.78858  22.23165  -3.48961  1.000 37.31192 ? 1   PRO B O   1 
ATOM   130  C CB  . PRO B 1 1  ? 17.57697  24.05445  -6.05601  1.000 52.08495 ? 1   PRO B CB  1 
ATOM   131  C CG  . PRO B 1 1  ? 18.84689  24.57492  -6.65043  1.000 61.52403 ? 1   PRO B CG  1 
ATOM   132  C CD  . PRO B 1 1  ? 19.90217  24.32068  -5.61344  1.000 53.88910 ? 1   PRO B CD  1 
HETATM 133  N N   . HYP B 1 2  ? 15.83349  23.33159  -3.32859  1.000 44.08073 ? 2   HYP B N   1 
HETATM 134  C CA  . HYP B 1 2  ? 15.19062  22.21473  -2.60576  1.000 35.42443 ? 2   HYP B CA  1 
HETATM 135  C C   . HYP B 1 2  ? 15.25490  20.88537  -3.41821  1.000 22.73984 ? 2   HYP B C   1 
HETATM 136  O O   . HYP B 1 2  ? 15.15352  20.92184  -4.65380  1.000 18.70958 ? 2   HYP B O   1 
HETATM 137  C CB  . HYP B 1 2  ? 13.76387  22.63131  -2.30639  1.000 33.29181 ? 2   HYP B CB  1 
HETATM 138  C CG  . HYP B 1 2  ? 13.95718  24.09314  -1.96442  1.000 33.43423 ? 2   HYP B CG  1 
HETATM 139  C CD  . HYP B 1 2  ? 14.96543  24.50316  -3.07519  1.000 38.60781 ? 2   HYP B CD  1 
HETATM 140  O OD1 . HYP B 1 2  ? 14.43090  24.31010  -0.67987  1.000 37.91401 ? 2   HYP B OD1 1 
ATOM   141  N N   . GLY B 1 3  ? 15.44854  19.77102  -2.71810  1.000 22.06984 ? 3   GLY B N   1 
ATOM   142  C CA  . GLY B 1 3  ? 15.42546  18.46568  -3.34131  1.000 25.61234 ? 3   GLY B CA  1 
ATOM   143  C C   . GLY B 1 3  ? 14.00184  18.00303  -3.57593  1.000 22.28594 ? 3   GLY B C   1 
ATOM   144  O O   . GLY B 1 3  ? 13.05627  18.69297  -3.18298  1.000 24.47984 ? 3   GLY B O   1 
ATOM   145  N N   . PRO B 1 4  ? 13.83253  16.84269  -4.23164  1.000 20.70806 ? 4   PRO B N   1 
ATOM   146  C CA  . PRO B 1 4  ? 12.49004  16.31198  -4.46332  1.000 18.21062 ? 4   PRO B CA  1 
ATOM   147  C C   . PRO B 1 4  ? 11.95076  15.57752  -3.22981  1.000 15.53482 ? 4   PRO B C   1 
ATOM   148  O O   . PRO B 1 4  ? 12.67075  15.41093  -2.23850  1.000 14.25890 ? 4   PRO B O   1 
ATOM   149  C CB  . PRO B 1 4  ? 12.70918  15.37420  -5.64374  1.000 14.64984 ? 4   PRO B CB  1 
ATOM   150  C CG  . PRO B 1 4  ? 14.03736  14.80919  -5.38304  1.000 13.83468 ? 4   PRO B CG  1 
ATOM   151  C CD  . PRO B 1 4  ? 14.86017  15.94418  -4.78514  1.000 18.12984 ? 4   PRO B CD  1 
HETATM 152  N N   . HYP B 1 5  ? 10.69316  15.15594  -3.28111  1.000 11.21426 ? 5   HYP B N   1 
HETATM 153  C CA  . HYP B 1 5  ? 10.06354  14.54097  -2.11364  1.000 12.85414 ? 5   HYP B CA  1 
HETATM 154  C C   . HYP B 1 5  ? 10.68643  13.15955  -1.71277  1.000 10.77145 ? 5   HYP B C   1 
HETATM 155  O O   . HYP B 1 5  ? 11.21495  12.43685  -2.57460  1.000 13.02576 ? 5   HYP B O   1 
HETATM 156  C CB  . HYP B 1 5  ? 8.59750   14.39452  -2.42544  1.000 14.79430 ? 5   HYP B CB  1 
HETATM 157  C CG  . HYP B 1 5  ? 8.30641   15.54884  -3.37739  1.000 14.98952 ? 5   HYP B CG  1 
HETATM 158  C CD  . HYP B 1 5  ? 9.58254   15.49956  -4.20417  1.000 11.92433 ? 5   HYP B CD  1 
HETATM 159  O OD1 . HYP B 1 5  ? 8.10705   16.77677  -2.77329  1.000 17.06390 ? 5   HYP B OD1 1 
ATOM   160  N N   . GLY B 1 6  ? 10.61632  12.83519  -0.42923  1.000 9.14712  ? 6   GLY B N   1 
ATOM   161  C CA  . GLY B 1 6  ? 11.14379  11.57982  0.05172   1.000 10.35808 ? 6   GLY B CA  1 
ATOM   162  C C   . GLY B 1 6  ? 10.32762  10.40990  -0.44896  1.000 8.97780  ? 6   GLY B C   1 
ATOM   163  O O   . GLY B 1 6  ? 9.27635   10.59923  -1.07547  1.000 7.07182  ? 6   GLY B O   1 
ATOM   164  N N   . PRO B 1 7  ? 10.80337  9.18626   -0.18041  1.000 6.31223  ? 7   PRO B N   1 
ATOM   165  C CA  . PRO B 1 7  ? 10.03665  8.00474   -0.59119  1.000 6.94195  ? 7   PRO B CA  1 
ATOM   166  C C   . PRO B 1 7  ? 8.69668   7.95631   0.15318   1.000 11.39203 ? 7   PRO B C   1 
ATOM   167  O O   . PRO B 1 7  ? 8.63842   8.38963   1.31018   1.000 8.15865  ? 7   PRO B O   1 
ATOM   168  C CB  . PRO B 1 7  ? 10.92791  6.82104   -0.18174  1.000 10.59907 ? 7   PRO B CB  1 
ATOM   169  C CG  . PRO B 1 7  ? 12.18429  7.39429   0.40890   1.000 8.55784  ? 7   PRO B CG  1 
ATOM   170  C CD  . PRO B 1 7  ? 12.00449  8.85930   0.61299   1.000 7.89506  ? 7   PRO B CD  1 
HETATM 171  N N   . HYP B 1 8  ? 7.64579   7.45644   -0.49591  1.000 11.77392 ? 8   HYP B N   1 
HETATM 172  C CA  . HYP B 1 8  ? 6.35071   7.18847   0.18969   1.000 9.24588  ? 8   HYP B CA  1 
HETATM 173  C C   . HYP B 1 8  ? 6.46587   6.19365   1.42086   1.000 8.70478  ? 8   HYP B C   1 
HETATM 174  O O   . HYP B 1 8  ? 7.30886   5.27622   1.38738   1.000 6.54017  ? 8   HYP B O   1 
HETATM 175  C CB  . HYP B 1 8  ? 5.40741   6.60562   -0.85000  1.000 7.80094  ? 8   HYP B CB  1 
HETATM 176  C CG  . HYP B 1 8  ? 6.00967   7.02567   -2.18543  1.000 6.84695  ? 8   HYP B CG  1 
HETATM 177  C CD  . HYP B 1 8  ? 7.48603   6.94657   -1.86844  1.000 4.61020  ? 8   HYP B CD  1 
HETATM 178  O OD1 . HYP B 1 8  ? 5.65484   8.28999   -2.58374  1.000 14.26363 ? 8   HYP B OD1 1 
ATOM   179  N N   . GLY B 1 9  ? 5.63084   6.39083   2.44341   1.000 7.99381  ? 9   GLY B N   1 
ATOM   180  C CA  . GLY B 1 9  ? 5.55602   5.46810   3.56204   1.000 5.77383  ? 9   GLY B CA  1 
ATOM   181  C C   . GLY B 1 9  ? 4.83958   4.18183   3.17270   1.000 6.92570  ? 9   GLY B C   1 
ATOM   182  O O   . GLY B 1 9  ? 4.13627   4.15080   2.16036   1.000 5.84993  ? 9   GLY B O   1 
ATOM   183  N N   . PHE B 1 10 ? 5.00665   3.11284   3.95062   1.000 5.61335  ? 10  PHE B N   1 
ATOM   184  C CA  . PHE B 1 10 ? 4.35263   1.85455   3.63314   1.000 4.80661  ? 10  PHE B CA  1 
ATOM   185  C C   . PHE B 1 10 ? 3.01151   1.83875   4.32610   1.000 9.11498  ? 10  PHE B C   1 
ATOM   186  O O   . PHE B 1 10 ? 2.84801   2.43272   5.39342   1.000 6.45947  ? 10  PHE B O   1 
ATOM   187  C CB  . PHE B 1 10 ? 5.17121   0.63857   4.08647   1.000 3.96040  ? 10  PHE B CB  1 
ATOM   188  C CG  . PHE B 1 10 ? 6.44551   0.42560   3.32833   1.000 5.58356  ? 10  PHE B CG  1 
ATOM   189  C CD1 . PHE B 1 10 ? 6.42877   0.22772   1.96338   1.000 5.38559  ? 10  PHE B CD1 1 
ATOM   190  C CD2 . PHE B 1 10 ? 7.66611   0.39128   3.99077   1.000 10.89377 ? 10  PHE B CD2 1 
ATOM   191  C CE1 . PHE B 1 10 ? 7.59020   0.00856   1.27314   1.000 4.85826  ? 10  PHE B CE1 1 
ATOM   192  C CE2 . PHE B 1 10 ? 8.84021   0.17597   3.29101   1.000 11.59476 ? 10  PHE B CE2 1 
ATOM   193  C CZ  . PHE B 1 10 ? 8.78712   -0.01236  1.92956   1.000 6.37650  ? 10  PHE B CZ  1 
ATOM   194  N N   . ASP B 1 11 ? 2.04380   1.17433   3.70264   1.000 3.81224  ? 11  ASP B N   1 
ATOM   195  C CA  . ASP B 1 11 ? 0.73415   1.09330   4.31129   1.000 8.37462  ? 11  ASP B CA  1 
ATOM   196  C C   . ASP B 1 11 ? 0.79513   0.21662   5.56054   1.000 9.70655  ? 11  ASP B C   1 
ATOM   197  O O   . ASP B 1 11 ? 1.69051   -0.62129  5.71450   1.000 6.17844  ? 11  ASP B O   1 
ATOM   198  C CB  . ASP B 1 11 ? -0.28236  0.56019   3.29480   1.000 13.39938 ? 11  ASP B CB  1 
ATOM   199  C CG  . ASP B 1 11 ? -0.41273  1.47547   2.08507   1.000 7.65238  ? 11  ASP B CG  1 
ATOM   200  O OD1 . ASP B 1 11 ? -0.22626  2.69115   2.29437   1.000 7.22731  ? 11  ASP B OD1 1 
ATOM   201  O OD2 . ASP B 1 11 ? -0.73124  1.01285   0.97031   1.000 5.22856  ? 11  ASP B OD2 1 
ATOM   202  N N   . GLY B 1 12 ? -0.16340  0.44569   6.49501   1.000 9.35943  ? 12  GLY B N   1 
ATOM   203  C CA  . GLY B 1 12 ? -0.20193  -0.33780  7.71038   1.000 7.80977  ? 12  GLY B CA  1 
ATOM   204  C C   . GLY B 1 12 ? -0.68323  -1.77703  7.48167   1.000 10.79908 ? 12  GLY B C   1 
ATOM   205  O O   . GLY B 1 12 ? -1.28880  -2.10802  6.45695   1.000 8.31046  ? 12  GLY B O   1 
ATOM   206  N N   . ARG B 1 13 ? -0.39549  -2.64499  8.45904   1.000 11.00641 ? 13  ARG B N   1 
ATOM   207  C CA  . ARG B 1 13 ? -0.83653  -4.02935  8.37878   1.000 9.51728  ? 13  ARG B CA  1 
ATOM   208  C C   . ARG B 1 13 ? -2.35762  -4.09146  8.38054   1.000 11.19496 ? 13  ARG B C   1 
ATOM   209  O O   . ARG B 1 13 ? -3.02735  -3.31284  9.05855   1.000 14.93292 ? 13  ARG B O   1 
ATOM   210  C CB  . ARG B 1 13 ? -0.30580  -4.83661  9.56521   1.000 9.02307  ? 13  ARG B CB  1 
ATOM   211  C CG  . ARG B 1 13 ? 1.10976   -5.40385  9.44804   1.000 10.32840 ? 13  ARG B CG  1 
ATOM   212  C CD  . ARG B 1 13 ? 1.42207   -6.24829  10.70069  1.000 15.01349 ? 13  ARG B CD  1 
ATOM   213  N NE  . ARG B 1 13 ? 0.64466   -7.48706  10.72376  1.000 7.83220  ? 13  ARG B NE  1 
ATOM   214  C CZ  . ARG B 1 13 ? 0.48190   -8.27099  11.78915  1.000 6.56091  ? 13  ARG B CZ  1 
ATOM   215  N NH1 . ARG B 1 13 ? -0.21350  -9.39718  11.68538  1.000 1.09470  ? 13  ARG B NH1 1 
ATOM   216  N NH2 . ARG B 1 13 ? 1.01920   -7.94944  12.95882  1.000 4.93218  ? 13  ARG B NH2 1 
ATOM   217  N N   . ASN B 1 14 ? -2.91471  -5.02595  7.62474   1.000 9.39670  ? 14  ASN B N   1 
ATOM   218  C CA  . ASN B 1 14 ? -4.34548  -5.25224  7.73564   1.000 13.42335 ? 14  ASN B CA  1 
ATOM   219  C C   . ASN B 1 14 ? -4.69337  -5.74119  9.13254   1.000 10.38879 ? 14  ASN B C   1 
ATOM   220  O O   . ASN B 1 14 ? -3.97627  -6.57296  9.71099   1.000 7.51407  ? 14  ASN B O   1 
ATOM   221  C CB  . ASN B 1 14 ? -4.81451  -6.24960  6.68677   1.000 10.48050 ? 14  ASN B CB  1 
ATOM   222  C CG  . ASN B 1 14 ? -4.67427  -5.71193  5.28353   1.000 14.87917 ? 14  ASN B CG  1 
ATOM   223  O OD1 . ASN B 1 14 ? -4.51555  -6.46938  4.32241   1.000 33.25539 ? 14  ASN B OD1 1 
ATOM   224  N ND2 . ASN B 1 14 ? -4.73495  -4.39503  5.15728   1.000 11.26255 ? 14  ASN B ND2 1 
ATOM   225  N N   . GLY B 1 15 ? -5.78062  -5.18399  9.68912   1.000 12.63664 ? 15  GLY B N   1 
ATOM   226  C CA  . GLY B 1 15 ? -6.24351  -5.62092  10.99139  1.000 14.03944 ? 15  GLY B CA  1 
ATOM   227  C C   . GLY B 1 15 ? -6.55314  -7.10735  10.99018  1.000 14.37055 ? 15  GLY B C   1 
ATOM   228  O O   . GLY B 1 15 ? -6.62484  -7.73507  9.93023   1.000 12.70787 ? 15  GLY B O   1 
ATOM   229  N N   . GLU B 1 16 ? -6.74141  -7.68069  12.16351  1.000 10.57295 ? 16  GLU B N   1 
ATOM   230  C CA  . GLU B 1 16 ? -6.86212  -9.11744  12.28316  1.000 23.75784 ? 16  GLU B CA  1 
ATOM   231  C C   . GLU B 1 16 ? -8.33128  -9.54526  12.23647  1.000 28.46010 ? 16  GLU B C   1 
ATOM   232  O O   . GLU B 1 16 ? -9.23028  -8.76974  12.57327  1.000 26.32941 ? 16  GLU B O   1 
ATOM   233  C CB  . GLU B 1 16 ? -6.15948  -9.56401  13.56407  1.000 17.92182 ? 16  GLU B CB  1 
ATOM   234  C CG  . GLU B 1 16 ? -6.87831  -9.25688  14.87532  1.000 26.82406 ? 16  GLU B CG  1 
ATOM   235  C CD  . GLU B 1 16 ? -6.45472  -7.93262  15.50188  1.000 40.55679 ? 16  GLU B CD  1 
ATOM   236  O OE1 . GLU B 1 16 ? -6.40920  -7.87082  16.74998  1.000 63.37984 ? 16  GLU B OE1 1 
ATOM   237  O OE2 . GLU B 1 16 ? -6.18603  -6.96283  14.75221  1.000 58.63984 ? 16  GLU B OE2 1 
ATOM   238  N N   . LYS B 1 17 ? -8.55720  -10.77327 11.75218  1.000 25.02790 ? 17  LYS B N   1 
ATOM   239  C CA  . LYS B 1 17 ? -9.89074  -11.36121 11.61653  1.000 29.98858 ? 17  LYS B CA  1 
ATOM   240  C C   . LYS B 1 17 ? -10.81527 -10.97389 12.75527  1.000 35.54575 ? 17  LYS B C   1 
ATOM   241  O O   . LYS B 1 17 ? -10.42039 -10.91920 13.91965  1.000 29.30984 ? 17  LYS B O   1 
ATOM   242  C CB  . LYS B 1 17 ? -9.79781  -12.88779 11.55906  1.000 37.52679 ? 17  LYS B CB  1 
ATOM   243  C CG  . LYS B 1 17 ? -9.86505  -13.40617 10.13842  1.000 41.36703 ? 17  LYS B CG  1 
ATOM   244  C CD  . LYS B 1 17 ? -10.14378 -14.89047 10.01238  1.000 41.57364 ? 17  LYS B CD  1 
ATOM   245  C CE  . LYS B 1 17 ? -11.54772 -15.15236 10.46435  1.000 44.97587 ? 17  LYS B CE  1 
ATOM   246  N NZ  . LYS B 1 17 ? -12.08707 -16.45643 10.03075  1.000 43.25304 ? 17  LYS B NZ  1 
ATOM   247  N N   . GLY B 1 18 ? -12.07362 -10.71081 12.39380  1.000 21.17280 ? 18  GLY B N   1 
ATOM   248  C CA  . GLY B 1 18 ? -13.08459 -10.47266 13.40600  1.000 25.72692 ? 18  GLY B CA  1 
ATOM   249  C C   . GLY B 1 18 ? -13.37023 -11.74534 14.17646  1.000 30.47116 ? 18  GLY B C   1 
ATOM   250  O O   . GLY B 1 18 ? -13.20197 -12.85581 13.67038  1.000 33.26142 ? 18  GLY B O   1 
ATOM   251  N N   . GLU B 1 19 ? -13.75695 -11.58664 15.43663  1.000 24.51742 ? 19  GLU B N   1 
ATOM   252  C CA  . GLU B 1 19 ? -13.94196 -12.76825 16.26085  1.000 44.29752 ? 19  GLU B CA  1 
ATOM   253  C C   . GLU B 1 19 ? -15.22588 -13.51062 15.94628  1.000 42.79660 ? 19  GLU B C   1 
ATOM   254  O O   . GLU B 1 19 ? -16.24336 -12.93788 15.54108  1.000 32.36374 ? 19  GLU B O   1 
ATOM   255  C CB  . GLU B 1 19 ? -13.88816 -12.44149 17.75181  1.000 40.59435 ? 19  GLU B CB  1 
ATOM   256  C CG  . GLU B 1 19 ? -12.53118 -12.48088 18.41847  1.000 31.85617 ? 19  GLU B CG  1 
ATOM   257  C CD  . GLU B 1 19 ? -11.81399 -13.83395 18.27805  1.000 31.55724 ? 19  GLU B CD  1 
ATOM   258  O OE1 . GLU B 1 19 ? -12.45731 -14.83292 17.88845  1.000 32.63875 ? 19  GLU B OE1 1 
ATOM   259  O OE2 . GLU B 1 19 ? -10.59929 -13.89869 18.57894  1.000 31.79761 ? 19  GLU B OE2 1 
ATOM   260  N N   . THR B 1 20 ? -15.14572 -14.80838 16.17252  1.000 37.74406 ? 20  THR B N   1 
ATOM   261  C CA  . THR B 1 20 ? -16.22881 -15.73174 15.91046  1.000 37.56207 ? 20  THR B CA  1 
ATOM   262  C C   . THR B 1 20 ? -17.48518 -15.24543 16.61337  1.000 34.92464 ? 20  THR B C   1 
ATOM   263  O O   . THR B 1 20 ? -17.40582 -14.61364 17.66709  1.000 42.97384 ? 20  THR B O   1 
ATOM   264  C CB  . THR B 1 20 ? -15.81069 -17.08530 16.46449  1.000 42.20645 ? 20  THR B CB  1 
ATOM   265  O OG1 . THR B 1 20 ? -14.49952 -17.38120 15.97980  1.000 46.24590 ? 20  THR B OG1 1 
ATOM   266  C CG2 . THR B 1 20 ? -16.73337 -18.18336 15.99924  1.000 40.32571 ? 20  THR B CG2 1 
ATOM   267  N N   . GLY B 1 21 ? -18.65167 -15.52560 16.03554  1.000 36.85107 ? 21  GLY B N   1 
ATOM   268  C CA  . GLY B 1 21 ? -19.88960 -15.26157 16.73632  1.000 33.19984 ? 21  GLY B CA  1 
ATOM   269  C C   . GLY B 1 21 ? -20.15364 -16.34367 17.77479  1.000 35.31014 ? 21  GLY B C   1 
ATOM   270  O O   . GLY B 1 21 ? -19.63652 -17.46334 17.68097  1.000 37.85639 ? 21  GLY B O   1 
ATOM   271  N N   . PRO B 1 22 ? -20.96297 -16.03950 18.79451  1.000 32.26984 ? 22  PRO B N   1 
ATOM   272  C CA  . PRO B 1 22 ? -21.23629 -17.14894 19.72108  1.000 44.15285 ? 22  PRO B CA  1 
ATOM   273  C C   . PRO B 1 22 ? -22.34623 -18.08459 19.22834  1.000 47.35759 ? 22  PRO B C   1 
ATOM   274  O O   . PRO B 1 22 ? -23.16875 -17.67901 18.40824  1.000 36.39984 ? 22  PRO B O   1 
ATOM   275  C CB  . PRO B 1 22 ? -21.66156 -16.43917 21.00664  1.000 39.61239 ? 22  PRO B CB  1 
ATOM   276  C CG  . PRO B 1 22 ? -22.14180 -15.11128 20.58058  1.000 38.03984 ? 22  PRO B CG  1 
ATOM   277  C CD  . PRO B 1 22 ? -21.53791 -14.76485 19.24990  1.000 32.92984 ? 22  PRO B CD  1 
HETATM 278  N N   . HYP B 1 23 ? -22.36938 -19.32322 19.71050  1.000 55.55912 ? 23  HYP B N   1 
HETATM 279  C CA  . HYP B 1 23 ? -23.43177 -20.28623 19.28318  1.000 50.36442 ? 23  HYP B CA  1 
HETATM 280  C C   . HYP B 1 23 ? -24.85825 -19.84463 19.71924  1.000 37.89984 ? 23  HYP B C   1 
HETATM 281  O O   . HYP B 1 23 ? -24.98662 -19.10850 20.70988  1.000 46.38297 ? 23  HYP B O   1 
HETATM 282  C CB  . HYP B 1 23 ? -23.08654 -21.65209 19.87092  1.000 47.95572 ? 23  HYP B CB  1 
HETATM 283  C CG  . HYP B 1 23 ? -21.54340 -21.63870 19.97193  1.000 37.35984 ? 23  HYP B CG  1 
HETATM 284  C CD  . HYP B 1 23 ? -21.28246 -20.13290 20.31217  1.000 43.89991 ? 23  HYP B CD  1 
HETATM 285  O OD1 . HYP B 1 23 ? -20.83262 -22.05754 18.84154  1.000 34.14984 ? 23  HYP B OD1 1 
ATOM   286  N N   . PRO C 1 1  ? 24.21384  21.87411  -6.12417  1.000 74.81884 ? 1   PRO C N   1 
ATOM   287  C CA  . PRO C 1 1  ? 23.14081  21.34733  -6.97262  1.000 68.45175 ? 1   PRO C CA  1 
ATOM   288  C C   . PRO C 1 1  ? 21.79944  21.22310  -6.24081  1.000 64.62323 ? 1   PRO C C   1 
ATOM   289  O O   . PRO C 1 1  ? 21.77002  21.30073  -5.01026  1.000 51.87984 ? 1   PRO C O   1 
ATOM   290  C CB  . PRO C 1 1  ? 23.66852  19.96263  -7.36156  1.000 61.02925 ? 1   PRO C CB  1 
ATOM   291  C CG  . PRO C 1 1  ? 24.53421  19.54764  -6.19228  1.000 64.71025 ? 1   PRO C CG  1 
ATOM   292  C CD  . PRO C 1 1  ? 24.89611  20.78547  -5.40029  1.000 71.45965 ? 1   PRO C CD  1 
HETATM 293  N N   . HYP C 1 2  ? 20.70662  21.05395  -6.98313  1.000 67.69986 ? 2   HYP C N   1 
HETATM 294  C CA  . HYP C 1 2  ? 19.38363  20.78883  -6.35327  1.000 59.23680 ? 2   HYP C CA  1 
HETATM 295  C C   . HYP C 1 2  ? 19.46562  19.56089  -5.37950  1.000 47.72429 ? 2   HYP C C   1 
HETATM 296  O O   . HYP C 1 2  ? 20.07692  18.53668  -5.72624  1.000 46.66984 ? 2   HYP C O   1 
HETATM 297  C CB  . HYP C 1 2  ? 18.35216  20.55475  -7.47274  1.000 69.64191 ? 2   HYP C CB  1 
HETATM 298  C CG  . HYP C 1 2  ? 18.99402  21.15319  -8.73328  1.000 77.65705 ? 2   HYP C CG  1 
HETATM 299  C CD  . HYP C 1 2  ? 20.49865  20.90804  -8.44355  1.000 70.20700 ? 2   HYP C CD  1 
HETATM 300  O OD1 . HYP C 1 2  ? 18.69095  22.48004  -8.99224  1.000 76.70395 ? 2   HYP C OD1 1 
ATOM   301  N N   . GLY C 1 3  ? 18.87283  19.69175  -4.19952  1.000 41.74847 ? 3   GLY C N   1 
ATOM   302  C CA  . GLY C 1 3  ? 19.12890  18.77393  -3.10520  1.000 38.81345 ? 3   GLY C CA  1 
ATOM   303  C C   . GLY C 1 3  ? 18.73743  17.32849  -3.33380  1.000 33.36735 ? 3   GLY C C   1 
ATOM   304  O O   . GLY C 1 3  ? 18.01228  17.01926  -4.28621  1.000 34.14913 ? 3   GLY C O   1 
ATOM   305  N N   . PRO C 1 4  ? 19.22135  16.43067  -2.45794  1.000 30.84276 ? 4   PRO C N   1 
ATOM   306  C CA  . PRO C 1 4  ? 18.79206  15.02720  -2.48481  1.000 43.58263 ? 4   PRO C CA  1 
ATOM   307  C C   . PRO C 1 4  ? 17.30694  14.90378  -2.13121  1.000 29.54202 ? 4   PRO C C   1 
ATOM   308  O O   . PRO C 1 4  ? 16.65370  15.90004  -1.81888  1.000 27.37367 ? 4   PRO C O   1 
ATOM   309  C CB  . PRO C 1 4  ? 19.68934  14.35352  -1.42819  1.000 36.73919 ? 4   PRO C CB  1 
ATOM   310  C CG  . PRO C 1 4  ? 20.16599  15.43895  -0.55690  1.000 30.23701 ? 4   PRO C CG  1 
ATOM   311  C CD  . PRO C 1 4  ? 20.14663  16.71624  -1.34637  1.000 25.79984 ? 4   PRO C CD  1 
HETATM 312  N N   . HYP C 1 5  ? 16.76654  13.69999  -2.19824  1.000 24.64149 ? 5   HYP C N   1 
HETATM 313  C CA  . HYP C 1 5  ? 15.34276  13.51708  -1.89820  1.000 25.62772 ? 5   HYP C CA  1 
HETATM 314  C C   . HYP C 1 5  ? 15.05997  13.70412  -0.36780  1.000 22.13316 ? 5   HYP C C   1 
HETATM 315  O O   . HYP C 1 5  ? 16.00350  13.64385  0.43992   1.000 23.97157 ? 5   HYP C O   1 
HETATM 316  C CB  . HYP C 1 5  ? 14.94856  12.11241  -2.40018  1.000 24.05796 ? 5   HYP C CB  1 
HETATM 317  C CG  . HYP C 1 5  ? 16.03258  11.80544  -3.43460  1.000 26.29464 ? 5   HYP C CG  1 
HETATM 318  C CD  . HYP C 1 5  ? 17.22570  12.42711  -2.72368  1.000 22.73277 ? 5   HYP C CD  1 
HETATM 319  O OD1 . HYP C 1 5  ? 15.83919  12.38911  -4.67213  1.000 35.72767 ? 5   HYP C OD1 1 
ATOM   320  N N   . GLY C 1 6  ? 13.80409  13.93319  -0.00160  1.000 14.59984 ? 6   GLY C N   1 
ATOM   321  C CA  . GLY C 1 6  ? 13.44939  14.07925  1.39564   1.000 16.42559 ? 6   GLY C CA  1 
ATOM   322  C C   . GLY C 1 6  ? 13.52273  12.79229  2.20313   1.000 14.29373 ? 6   GLY C C   1 
ATOM   323  O O   . GLY C 1 6  ? 13.91859  11.74452  1.69205   1.000 16.23379 ? 6   GLY C O   1 
ATOM   324  N N   . PRO C 1 7  ? 13.12683  12.85629  3.48639   1.000 18.27096 ? 7   PRO C N   1 
ATOM   325  C CA  . PRO C 1 7  ? 13.13654  11.65666  4.32690   1.000 15.11092 ? 7   PRO C CA  1 
ATOM   326  C C   . PRO C 1 7  ? 11.96711  10.74661  3.98119   1.000 13.66804 ? 7   PRO C C   1 
ATOM   327  O O   . PRO C 1 7  ? 10.93011  11.22199  3.47971   1.000 9.73404  ? 7   PRO C O   1 
ATOM   328  C CB  . PRO C 1 7  ? 12.98454  12.20013  5.75181   1.000 13.69984 ? 7   PRO C CB  1 
ATOM   329  C CG  . PRO C 1 7  ? 12.57514  13.61347  5.62524   1.000 13.45984 ? 7   PRO C CG  1 
ATOM   330  C CD  . PRO C 1 7  ? 12.60890  14.04053  4.19591   1.000 11.88984 ? 7   PRO C CD  1 
HETATM 331  N N   . HYP C 1 8  ? 12.14566  9.45607   4.21429   1.000 9.63312  ? 8   HYP C N   1 
HETATM 332  C CA  . HYP C 1 8  ? 11.05372  8.48758   4.08005   1.000 10.94120 ? 8   HYP C CA  1 
HETATM 333  C C   . HYP C 1 8  ? 9.71140   9.01249   4.74768   1.000 11.47170 ? 8   HYP C C   1 
HETATM 334  O O   . HYP C 1 8  ? 9.76313   9.63502   5.82801   1.000 8.75189  ? 8   HYP C O   1 
HETATM 335  C CB  . HYP C 1 8  ? 11.52373  7.17475   4.73290   1.000 16.92371 ? 8   HYP C CB  1 
HETATM 336  C CG  . HYP C 1 8  ? 13.07746  7.24825   4.74685   1.000 21.88210 ? 8   HYP C CG  1 
HETATM 337  C CD  . HYP C 1 8  ? 13.31890  8.76273   4.81998   1.000 19.18595 ? 8   HYP C CD  1 
HETATM 338  O OD1 . HYP C 1 8  ? 13.72045  6.66608   3.67069   1.000 34.15442 ? 8   HYP C OD1 1 
ATOM   339  N N   . GLY C 1 9  ? 8.58733   8.80741   4.07325   1.000 7.76229  ? 9   GLY C N   1 
ATOM   340  C CA  . GLY C 1 9  ? 7.29396   9.06041   4.66297   1.000 4.57705  ? 9   GLY C CA  1 
ATOM   341  C C   . GLY C 1 9  ? 7.09399   8.13413   5.84884   1.000 3.59135  ? 9   GLY C C   1 
ATOM   342  O O   . GLY C 1 9  ? 7.68590   7.07336   5.89568   1.000 4.10512  ? 9   GLY C O   1 
ATOM   343  N N   . PHE C 1 10 ? 6.26470   8.53650   6.80913   1.000 3.43808  ? 10  PHE C N   1 
ATOM   344  C CA  . PHE C 1 10 ? 5.92856   7.65717   7.91644   1.000 4.14093  ? 10  PHE C CA  1 
ATOM   345  C C   . PHE C 1 10 ? 4.98774   6.56669   7.43696   1.000 5.34109  ? 10  PHE C C   1 
ATOM   346  O O   . PHE C 1 10 ? 4.22511   6.76011   6.48479   1.000 3.80231  ? 10  PHE C O   1 
ATOM   347  C CB  . PHE C 1 10 ? 5.28507   8.45193   9.04660   1.000 5.89035  ? 10  PHE C CB  1 
ATOM   348  C CG  . PHE C 1 10 ? 6.19063   9.49102   9.65654   1.000 4.90179  ? 10  PHE C CG  1 
ATOM   349  C CD1 . PHE C 1 10 ? 7.44607   9.13641   10.14445  1.000 8.09984  ? 10  PHE C CD1 1 
ATOM   350  C CD2 . PHE C 1 10 ? 5.79598   10.81383  9.73466   1.000 5.95155  ? 10  PHE C CD2 1 
ATOM   351  C CE1 . PHE C 1 10 ? 8.28517   10.08320  10.72072  1.000 5.80741  ? 10  PHE C CE1 1 
ATOM   352  C CE2 . PHE C 1 10 ? 6.63096   11.77573  10.30547  1.000 5.55231  ? 10  PHE C CE2 1 
ATOM   353  C CZ  . PHE C 1 10 ? 7.88579   11.40283  10.79544  1.000 4.95501  ? 10  PHE C CZ  1 
ATOM   354  N N   . ASP C 1 11 ? 5.05006   5.40597   8.10789   1.000 6.96132  ? 11  ASP C N   1 
ATOM   355  C CA  . ASP C 1 11 ? 4.19243   4.28148   7.74825   1.000 5.96578  ? 11  ASP C CA  1 
ATOM   356  C C   . ASP C 1 11 ? 2.81970   4.43181   8.40110   1.000 6.58129  ? 11  ASP C C   1 
ATOM   357  O O   . ASP C 1 11 ? 2.68276   5.08048   9.43667   1.000 4.66468  ? 11  ASP C O   1 
ATOM   358  C CB  . ASP C 1 11 ? 4.80926   2.95541   8.19304   1.000 8.84952  ? 11  ASP C CB  1 
ATOM   359  C CG  . ASP C 1 11 ? 6.06253   2.59828   7.42530   1.000 5.98050  ? 11  ASP C CG  1 
ATOM   360  O OD1 . ASP C 1 11 ? 6.30844   3.15056   6.32633   1.000 4.97589  ? 11  ASP C OD1 1 
ATOM   361  O OD2 . ASP C 1 11 ? 6.79913   1.71031   7.91884   1.000 9.78513  ? 11  ASP C OD2 1 
ATOM   362  N N   . GLY C 1 12 ? 1.79894   3.81391   7.79043   1.000 6.38190  ? 12  GLY C N   1 
ATOM   363  C CA  . GLY C 1 12 ? 0.46859   3.85050   8.37147   1.000 0.00008  ? 12  GLY C CA  1 
ATOM   364  C C   . GLY C 1 12 ? 0.37475   2.97702   9.61096   1.000 11.76227 ? 12  GLY C C   1 
ATOM   365  O O   . GLY C 1 12 ? 1.19628   2.09226   9.83294   1.000 13.11523 ? 12  GLY C O   1 
ATOM   366  N N   . ARG C 1 13 ? -0.63711  3.26234   10.44979  1.000 9.82810  ? 13  ARG C N   1 
ATOM   367  C CA  . ARG C 1 13 ? -0.88641  2.43067   11.62300  1.000 0.00008  ? 13  ARG C CA  1 
ATOM   368  C C   . ARG C 1 13 ? -1.54301  1.10110   11.23901  1.000 14.43751 ? 13  ARG C C   1 
ATOM   369  O O   . ARG C 1 13 ? -2.21644  0.98125   10.20916  1.000 12.71705 ? 13  ARG C O   1 
ATOM   370  C CB  . ARG C 1 13 ? -1.82040  3.13692   12.59819  1.000 8.68988  ? 13  ARG C CB  1 
ATOM   371  C CG  . ARG C 1 13 ? -1.48884  4.54159   12.98351  1.000 7.86354  ? 13  ARG C CG  1 
ATOM   372  C CD  . ARG C 1 13 ? -0.17318  4.75407   13.55860  1.000 8.96713  ? 13  ARG C CD  1 
ATOM   373  N NE  . ARG C 1 13 ? 0.85357   4.95449   12.55055  1.000 9.77543  ? 13  ARG C NE  1 
ATOM   374  C CZ  . ARG C 1 13 ? 2.07585   5.30964   12.88813  1.000 6.29941  ? 13  ARG C CZ  1 
ATOM   375  N NH1 . ARG C 1 13 ? 2.33315   5.50729   14.17740  1.000 6.02827  ? 13  ARG C NH1 1 
ATOM   376  N NH2 . ARG C 1 13 ? 3.02299   5.45413   11.97646  1.000 5.06786  ? 13  ARG C NH2 1 
ATOM   377  N N   . ASN C 1 14 ? -1.39041  0.11127   12.12700  1.000 11.40383 ? 14  ASN C N   1 
ATOM   378  C CA  . ASN C 1 14 ? -2.10262  -1.15330  12.01119  1.000 11.25054 ? 14  ASN C CA  1 
ATOM   379  C C   . ASN C 1 14 ? -3.59737  -0.90226  11.84848  1.000 12.64488 ? 14  ASN C C   1 
ATOM   380  O O   . ASN C 1 14 ? -4.16578  -0.01038  12.48531  1.000 6.95073  ? 14  ASN C O   1 
ATOM   381  C CB  . ASN C 1 14 ? -1.89315  -2.01157  13.26645  1.000 12.75493 ? 14  ASN C CB  1 
ATOM   382  C CG  . ASN C 1 14 ? -0.44528  -2.45167  13.46946  1.000 13.21556 ? 14  ASN C CG  1 
ATOM   383  O OD1 . ASN C 1 14 ? 0.28819   -2.68362  12.51931  1.000 6.02003  ? 14  ASN C OD1 1 
ATOM   384  N ND2 . ASN C 1 14 ? -0.05862  -2.62960  14.72821  1.000 12.14677 ? 14  ASN C ND2 1 
ATOM   385  N N   . GLY C 1 15 ? -4.24003  -1.70913  11.00411  1.000 6.76464  ? 15  GLY C N   1 
ATOM   386  C CA  . GLY C 1 15 ? -5.67709  -1.68680  10.93030  1.000 9.08502  ? 15  GLY C CA  1 
ATOM   387  C C   . GLY C 1 15 ? -6.31688  -2.25337  12.18404  1.000 12.28802 ? 15  GLY C C   1 
ATOM   388  O O   . GLY C 1 15 ? -5.70092  -2.98359  12.97325  1.000 9.55261  ? 15  GLY C O   1 
ATOM   389  N N   . GLU C 1 16 ? -7.58205  -1.88966  12.38040  1.000 17.22500 ? 16  GLU C N   1 
ATOM   390  C CA  . GLU C 1 16 ? -8.32825  -2.35225  13.54019  1.000 14.43707 ? 16  GLU C CA  1 
ATOM   391  C C   . GLU C 1 16 ? -8.75597  -3.80463  13.35045  1.000 13.37125 ? 16  GLU C C   1 
ATOM   392  O O   . GLU C 1 16 ? -8.99183  -4.25202  12.22159  1.000 11.25972 ? 16  GLU C O   1 
ATOM   393  C CB  . GLU C 1 16 ? -9.55745  -1.46951  13.74390  1.000 21.17431 ? 16  GLU C CB  1 
ATOM   394  C CG  . GLU C 1 16 ? -9.24706  0.01137   13.82656  1.000 18.03075 ? 16  GLU C CG  1 
ATOM   395  C CD  . GLU C 1 16 ? -10.42867 0.86082   13.42260  1.000 34.82026 ? 16  GLU C CD  1 
ATOM   396  O OE1 . GLU C 1 16 ? -10.28763 2.10386   13.34280  1.000 22.04984 ? 16  GLU C OE1 1 
ATOM   397  O OE2 . GLU C 1 16 ? -11.49719 0.26800   13.16850  1.000 52.95082 ? 16  GLU C OE2 1 
ATOM   398  N N   . LYS C 1 17 ? -8.84986  -4.54107  14.46216  1.000 15.00932 ? 17  LYS C N   1 
ATOM   399  C CA  . LYS C 1 17 ? -9.47326  -5.86061  14.42366  1.000 24.82503 ? 17  LYS C CA  1 
ATOM   400  C C   . LYS C 1 17 ? -10.92039 -5.74122  13.97438  1.000 19.41832 ? 17  LYS C C   1 
ATOM   401  O O   . LYS C 1 17 ? -11.59083 -4.73946  14.22709  1.000 11.09222 ? 17  LYS C O   1 
ATOM   402  C CB  . LYS C 1 17 ? -9.42869  -6.53291  15.79580  1.000 23.76747 ? 17  LYS C CB  1 
ATOM   403  C CG  . LYS C 1 17 ? -10.13708 -7.90791  15.86310  1.000 29.20277 ? 17  LYS C CG  1 
ATOM   404  C CD  . LYS C 1 17 ? -9.81470  -8.63801  17.15561  1.000 33.92242 ? 17  LYS C CD  1 
ATOM   405  C CE  . LYS C 1 17 ? -10.21902 -10.10439 17.13926  1.000 31.00388 ? 17  LYS C CE  1 
ATOM   406  N NZ  . LYS C 1 17 ? -10.08737 -10.63587 18.53392  1.000 34.04519 ? 17  LYS C NZ  1 
ATOM   407  N N   . GLY C 1 18 ? -11.40282 -6.77867  13.30105  1.000 16.49808 ? 18  GLY C N   1 
ATOM   408  C CA  . GLY C 1 18 ? -12.75191 -6.74142  12.79060  1.000 15.42984 ? 18  GLY C CA  1 
ATOM   409  C C   . GLY C 1 18 ? -13.80020 -6.99987  13.85538  1.000 19.52984 ? 18  GLY C C   1 
ATOM   410  O O   . GLY C 1 18 ? -13.50419 -7.38585  14.98553  1.000 24.85909 ? 18  GLY C O   1 
ATOM   411  N N   A GLU C 1 19 ? -15.04985 -6.77259  13.45157  0.616 32.47619 ? 19  GLU C N   1 
ATOM   412  N N   B GLU C 1 19 ? -15.04169 -6.79741  13.47053  0.384 32.12191 ? 19  GLU C N   1 
ATOM   413  C CA  A GLU C 1 19 ? -16.21981 -7.01671  14.28700  0.616 32.43284 ? 19  GLU C CA  1 
ATOM   414  C CA  B GLU C 1 19 ? -16.12467 -6.90963  14.46677  0.384 32.44083 ? 19  GLU C CA  1 
ATOM   415  C C   A GLU C 1 19 ? -16.33742 -8.49992  14.63703  0.616 30.71726 ? 19  GLU C C   1 
ATOM   416  C C   B GLU C 1 19 ? -16.60545 -8.34197  14.69353  0.384 31.17602 ? 19  GLU C C   1 
ATOM   417  O O   A GLU C 1 19 ? -16.31508 -9.35077  13.74510  0.616 29.67957 ? 19  GLU C O   1 
ATOM   418  O O   B GLU C 1 19 ? -16.47850 -9.08496  13.72312  0.384 30.01718 ? 19  GLU C O   1 
ATOM   419  C CB  A GLU C 1 19 ? -17.46606 -6.61812  13.49129  0.616 35.15123 ? 19  GLU C CB  1 
ATOM   420  C CB  B GLU C 1 19 ? -17.27147 -6.05075  13.93984  0.384 34.69016 ? 19  GLU C CB  1 
ATOM   421  C CG  A GLU C 1 19 ? -17.26661 -5.46422  12.48109  0.616 34.78670 ? 19  GLU C CG  1 
ATOM   422  C CG  B GLU C 1 19 ? -18.63792 -6.49953  14.41723  0.384 37.91175 ? 19  GLU C CG  1 
ATOM   423  C CD  A GLU C 1 19 ? -18.57719 -4.80670  12.02059  0.616 34.41984 ? 19  GLU C CD  1 
ATOM   424  C CD  B GLU C 1 19 ? -18.97670 -6.02715  15.81683  0.384 34.41984 ? 19  GLU C CD  1 
ATOM   425  O OE1 A GLU C 1 19 ? -18.49730 -3.87252  11.19451  0.616 31.96984 ? 19  GLU C OE1 1 
ATOM   426  O OE1 B GLU C 1 19 ? -18.27353 -5.12786  16.31361  0.384 34.58473 ? 19  GLU C OE1 1 
ATOM   427  O OE2 A GLU C 1 19 ? -19.66868 -5.20310  12.49845  0.616 31.54984 ? 19  GLU C OE2 1 
ATOM   428  O OE2 B GLU C 1 19 ? -19.93384 -6.56264  16.40318  0.384 35.82227 ? 19  GLU C OE2 1 
ATOM   429  N N   . THR C 1 20 ? -16.48533 -8.82095  15.93235  1.000 32.84384 ? 20  THR C N   1 
ATOM   430  C CA  . THR C 1 20 ? -17.17984 -10.06816 16.28182  1.000 33.08931 ? 20  THR C CA  1 
ATOM   431  C C   . THR C 1 20 ? -18.46272 -10.32673 15.51886  1.000 38.32297 ? 20  THR C C   1 
ATOM   432  O O   . THR C 1 20 ? -19.35688 -9.47999  15.48885  1.000 44.06246 ? 20  THR C O   1 
ATOM   433  C CB  . THR C 1 20 ? -17.54148 -10.17796 17.77808  1.000 33.65218 ? 20  THR C CB  1 
ATOM   434  O OG1 . THR C 1 20 ? -17.95779 -8.92089  18.34638  1.000 48.77464 ? 20  THR C OG1 1 
ATOM   435  C CG2 . THR C 1 20 ? -16.68184 -11.10979 18.63001  1.000 37.44894 ? 20  THR C CG2 1 
ATOM   436  N N   . GLY C 1 21 ? -18.57451 -11.53702 14.98007  1.000 32.23147 ? 21  GLY C N   1 
ATOM   437  C CA  . GLY C 1 21 ? -19.77461 -12.00714 14.34397  1.000 29.31345 ? 21  GLY C CA  1 
ATOM   438  C C   . GLY C 1 21 ? -20.93642 -12.17430 15.30535  1.000 37.47891 ? 21  GLY C C   1 
ATOM   439  O O   . GLY C 1 21 ? -20.77854 -12.24920 16.53108  1.000 41.58430 ? 21  GLY C O   1 
ATOM   440  N N   . PRO C 1 22 ? -22.15356 -12.22004 14.74970  1.000 52.66484 ? 22  PRO C N   1 
ATOM   441  C CA  . PRO C 1 22 ? -23.35837 -12.36341 15.57597  1.000 47.92323 ? 22  PRO C CA  1 
ATOM   442  C C   . PRO C 1 22 ? -23.48170 -13.76632 16.17445  1.000 45.38830 ? 22  PRO C C   1 
ATOM   443  O O   . PRO C 1 22 ? -22.85289 -14.71717 15.69673  1.000 44.67984 ? 22  PRO C O   1 
ATOM   444  C CB  . PRO C 1 22 ? -24.51390 -12.10727 14.59701  1.000 46.50240 ? 22  PRO C CB  1 
ATOM   445  C CG  . PRO C 1 22 ? -23.91489 -11.70194 13.31002  1.000 43.38107 ? 22  PRO C CG  1 
ATOM   446  C CD  . PRO C 1 22 ? -22.45181 -11.95344 13.33153  1.000 42.63174 ? 22  PRO C CD  1 
HETATM 447  N N   . HYP C 1 23 ? -24.29503 -13.89653 17.21328  1.000 46.74985 ? 23  HYP C N   1 
HETATM 448  C CA  . HYP C 1 23 ? -24.58462 -15.21582 17.77508  1.000 47.83511 ? 23  HYP C CA  1 
HETATM 449  C C   . HYP C 1 23 ? -25.29428 -16.15234 16.69971  1.000 51.49672 ? 23  HYP C C   1 
HETATM 450  O O   . HYP C 1 23 ? -25.89406 -15.64798 15.73371  1.000 36.59984 ? 23  HYP C O   1 
HETATM 451  C CB  . HYP C 1 23 ? -25.45354 -15.00730 19.04027  1.000 54.40379 ? 23  HYP C CB  1 
HETATM 452  C CG  . HYP C 1 23 ? -25.42590 -13.49547 19.32787  1.000 54.15984 ? 23  HYP C CG  1 
HETATM 453  C CD  . HYP C 1 23 ? -25.17334 -12.94064 17.91802  1.000 56.72370 ? 23  HYP C CD  1 
HETATM 454  O OD1 . HYP C 1 23 ? -24.49064 -13.06463 20.25512  1.000 61.86600 ? 23  HYP C OD1 1 
ATOM   455  N N   . GLY C 1 24 ? -25.19437 -17.46401 16.87777  1.000 56.29281 ? 24  GLY C N   1 
ATOM   456  C CA  . GLY C 1 24 ? -25.76146 -18.40008 15.92677  1.000 58.16076 ? 24  GLY C CA  1 
ATOM   457  C C   . GLY C 1 24 ? -27.27243 -18.53967 16.01120  1.000 63.51411 ? 24  GLY C C   1 
ATOM   458  O O   . GLY C 1 24 ? -27.89482 -18.07614 16.97090  1.000 57.27359 ? 24  GLY C O   1 
ATOM   459  N N   . PRO C 1 25 ? -27.87269 -19.18581 14.99885  1.000 63.33403 ? 25  PRO C N   1 
ATOM   460  C CA  . PRO C 1 25 ? -29.31184 -19.46116 14.97802  1.000 58.94197 ? 25  PRO C CA  1 
ATOM   461  C C   . PRO C 1 25 ? -29.67922 -20.35075 16.14918  1.000 54.88440 ? 25  PRO C C   1 
ATOM   462  O O   . PRO C 1 25 ? -28.82467 -21.11059 16.59860  1.000 62.85796 ? 25  PRO C O   1 
ATOM   463  C CB  . PRO C 1 25 ? -29.51503 -20.20211 13.65497  1.000 59.51523 ? 25  PRO C CB  1 
ATOM   464  C CG  . PRO C 1 25 ? -28.17206 -20.78943 13.33701  1.000 56.80251 ? 25  PRO C CG  1 
ATOM   465  C CD  . PRO C 1 25 ? -27.17084 -19.80411 13.86017  1.000 50.15984 ? 25  PRO C CD  1 
HETATM 466  N N   . HYP C 1 26 ? -30.90457 -20.27617 16.64763  1.000 56.78103 ? 26  HYP C N   1 
HETATM 467  C CA  . HYP C 1 26 ? -31.32828 -21.26487 17.65523  1.000 55.91639 ? 26  HYP C CA  1 
HETATM 468  C C   . HYP C 1 26 ? -31.24396 -22.73304 17.08061  1.000 53.02653 ? 26  HYP C C   1 
HETATM 469  O O   . HYP C 1 26 ? -31.24839 -22.91974 15.84909  1.000 56.69984 ? 26  HYP C O   1 
HETATM 470  C CB  . HYP C 1 26 ? -32.74960 -20.93087 18.09936  1.000 58.30642 ? 26  HYP C CB  1 
HETATM 471  C CG  . HYP C 1 26 ? -32.98071 -19.44656 17.77462  1.000 57.78922 ? 26  HYP C CG  1 
HETATM 472  C CD  . HYP C 1 26 ? -31.86269 -19.13975 16.71226  1.000 55.63459 ? 26  HYP C CD  1 
HETATM 473  O OD1 . HYP C 1 26 ? -32.99210 -18.58593 18.86632  1.000 58.38898 ? 26  HYP C OD1 1 
ATOM   474  N N   . GLY C 1 27 ? -31.14648 -23.71552 17.96849  1.000 53.60512 ? 27  GLY C N   1 
ATOM   475  C CA  . GLY C 1 27 ? -31.10771 -25.10853 17.56883  1.000 50.43866 ? 27  GLY C CA  1 
ATOM   476  C C   . GLY C 1 27 ? -32.48781 -25.73024 17.54402  1.000 51.90691 ? 27  GLY C C   1 
ATOM   477  O O   . GLY C 1 27 ? -33.46996 -25.07607 17.89298  1.000 52.76214 ? 27  GLY C O   1 
ATOM   478  N N   . PRO D 1 1  ? 22.46987  19.92036  -14.98732 1.000 34.88346 ? 1   PRO G N   1 
ATOM   479  C CA  . PRO D 1 1  ? 22.40539  19.08769  -13.77930 1.000 32.69594 ? 1   PRO G CA  1 
ATOM   480  C C   . PRO D 1 1  ? 21.62515  17.80043  -14.03078 1.000 28.21258 ? 1   PRO G C   1 
ATOM   481  O O   . PRO D 1 1  ? 21.03201  17.65763  -15.10703 1.000 33.48834 ? 1   PRO G O   1 
ATOM   482  C CB  . PRO D 1 1  ? 21.66036  19.96721  -12.76490 1.000 34.44108 ? 1   PRO G CB  1 
ATOM   483  C CG  . PRO D 1 1  ? 21.70417  21.34064  -13.31612 1.000 28.18471 ? 1   PRO G CG  1 
ATOM   484  C CD  . PRO D 1 1  ? 21.83661  21.23352  -14.79575 1.000 33.52459 ? 1   PRO G CD  1 
HETATM 485  N N   . HYP D 1 2  ? 21.62804  16.87885  -13.07018 1.000 30.99799 ? 2   HYP G N   1 
HETATM 486  C CA  . HYP D 1 2  ? 20.79507  15.64363  -13.17637 1.000 27.20886 ? 2   HYP G CA  1 
HETATM 487  C C   . HYP D 1 2  ? 19.27352  15.97192  -13.42775 1.000 25.99005 ? 2   HYP G C   1 
HETATM 488  O O   . HYP D 1 2  ? 18.77072  17.00210  -12.93902 1.000 26.82378 ? 2   HYP G O   1 
HETATM 489  C CB  . HYP D 1 2  ? 20.99470  14.84271  -11.88676 1.000 28.24607 ? 2   HYP G CB  1 
HETATM 490  C CG  . HYP D 1 2  ? 22.42248  15.21107  -11.44271 1.000 28.97685 ? 2   HYP G CG  1 
HETATM 491  C CD  . HYP D 1 2  ? 22.53573  16.68316  -11.92377 1.000 22.95984 ? 2   HYP G CD  1 
HETATM 492  O OD1 . HYP D 1 2  ? 23.43583  14.41094  -11.94569 1.000 34.95157 ? 2   HYP G OD1 1 
ATOM   493  N N   . GLY D 1 3  ? 18.59674  15.11359  -14.18566 1.000 21.29515 ? 3   GLY G N   1 
ATOM   494  C CA  . GLY D 1 3  ? 17.20389  15.33216  -14.54469 1.000 15.02984 ? 3   GLY G CA  1 
ATOM   495  C C   . GLY D 1 3  ? 16.24186  15.09148  -13.39225 1.000 22.19116 ? 3   GLY G C   1 
ATOM   496  O O   . GLY D 1 3  ? 16.67089  14.77188  -12.28591 1.000 11.07235 ? 3   GLY G O   1 
ATOM   497  N N   . PRO D 1 4  ? 14.93290  15.25230  -13.65266 1.000 22.53643 ? 4   PRO G N   1 
ATOM   498  C CA  . PRO D 1 4  ? 13.86402  15.01092  -12.67602 1.000 14.46588 ? 4   PRO G CA  1 
ATOM   499  C C   . PRO D 1 4  ? 13.73927  13.53997  -12.31392 1.000 17.48658 ? 4   PRO G C   1 
ATOM   500  O O   . PRO D 1 4  ? 14.15033  12.67913  -13.08694 1.000 13.97604 ? 4   PRO G O   1 
ATOM   501  C CB  . PRO D 1 4  ? 12.60615  15.48654  -13.41085 1.000 16.53731 ? 4   PRO G CB  1 
ATOM   502  C CG  . PRO D 1 4  ? 13.10935  16.41064  -14.47073 1.000 15.58515 ? 4   PRO G CG  1 
ATOM   503  C CD  . PRO D 1 4  ? 14.42009  15.85585  -14.89687 1.000 12.11984 ? 4   PRO G CD  1 
HETATM 504  N N   . HYP D 1 5  ? 13.17010  13.24819  -11.15439 1.000 16.10218 ? 5   HYP G N   1 
HETATM 505  C CA  . HYP D 1 5  ? 13.01793  11.85429  -10.76599 1.000 11.40567 ? 5   HYP G CA  1 
HETATM 506  C C   . HYP D 1 5  ? 12.13363  11.11135  -11.81126 1.000 7.87607  ? 5   HYP G C   1 
HETATM 507  O O   . HYP D 1 5  ? 11.27293  11.74430  -12.45298 1.000 8.28714  ? 5   HYP G O   1 
HETATM 508  C CB  . HYP D 1 5  ? 12.41072  11.81122  -9.34443  1.000 10.09212 ? 5   HYP G CB  1 
HETATM 509  C CG  . HYP D 1 5  ? 12.78979  13.18885  -8.77237  1.000 11.62984 ? 5   HYP G CG  1 
HETATM 510  C CD  . HYP D 1 5  ? 12.64866  14.05330  -10.03744 1.000 11.87687 ? 5   HYP G CD  1 
HETATM 511  O OD1 . HYP D 1 5  ? 14.06673  13.26943  -8.20485  1.000 17.74930 ? 5   HYP G OD1 1 
ATOM   512  N N   . GLY D 1 6  ? 12.37733  9.81934   -11.98647 1.000 6.70595  ? 6   GLY G N   1 
ATOM   513  C CA  . GLY D 1 6  ? 11.48404  9.00581   -12.76830 1.000 5.68999  ? 6   GLY G CA  1 
ATOM   514  C C   . GLY D 1 6  ? 10.10391  9.08153   -12.15557 1.000 7.75059  ? 6   GLY G C   1 
ATOM   515  O O   . GLY D 1 6  ? 9.95116   9.42568   -10.97595 1.000 5.17608  ? 6   GLY G O   1 
ATOM   516  N N   . PRO D 1 7  ? 9.07349   8.76775   -12.94867 1.000 6.34255  ? 7   PRO G N   1 
ATOM   517  C CA  . PRO D 1 7  ? 7.75448   8.77694   -12.32594 1.000 7.05308  ? 7   PRO G CA  1 
ATOM   518  C C   . PRO D 1 7  ? 7.58208   7.55558   -11.42070 1.000 6.05416  ? 7   PRO G C   1 
ATOM   519  O O   . PRO D 1 7  ? 8.24548   6.53312   -11.61941 1.000 2.92757  ? 7   PRO G O   1 
ATOM   520  C CB  . PRO D 1 7  ? 6.80522   8.73310   -13.52259 1.000 8.04224  ? 7   PRO G CB  1 
ATOM   521  C CG  . PRO D 1 7  ? 7.60579   8.06908   -14.60233 1.000 5.43517  ? 7   PRO G CG  1 
ATOM   522  C CD  . PRO D 1 7  ? 9.01156   8.52007   -14.39735 1.000 7.31539  ? 7   PRO G CD  1 
HETATM 523  N N   . HYP D 1 8  ? 6.68598   7.65940   -10.44546 1.000 9.07472  ? 8   HYP G N   1 
HETATM 524  C CA  . HYP D 1 8  ? 6.38092   6.52720   -9.54348  1.000 6.35408  ? 8   HYP G CA  1 
HETATM 525  C C   . HYP D 1 8  ? 5.73359   5.31876   -10.28644 1.000 6.91208  ? 8   HYP G C   1 
HETATM 526  O O   . HYP D 1 8  ? 4.97695   5.52999   -11.25009 1.000 5.68631  ? 8   HYP G O   1 
HETATM 527  C CB  . HYP D 1 8  ? 5.40725   7.04300   -8.45709  1.000 6.78510  ? 8   HYP G CB  1 
HETATM 528  C CG  . HYP D 1 8  ? 5.45497   8.55962   -8.54962  1.000 6.63056  ? 8   HYP G CG  1 
HETATM 529  C CD  . HYP D 1 8  ? 5.77620   8.75522   -10.04919 1.000 7.46925  ? 8   HYP G CD  1 
HETATM 530  O OD1 . HYP D 1 8  ? 6.39307   9.15271   -7.72293  1.000 18.26269 ? 8   HYP G OD1 1 
ATOM   531  N N   . GLY D 1 9  ? 6.00235   4.10071   -9.83071  1.000 3.17500  ? 9   GLY G N   1 
ATOM   532  C CA  . GLY D 1 9  ? 5.25343   2.95970   -10.31200 1.000 6.46880  ? 9   GLY G CA  1 
ATOM   533  C C   . GLY D 1 9  ? 3.85477   3.06287   -9.74220  1.000 9.68182  ? 9   GLY G C   1 
ATOM   534  O O   . GLY D 1 9  ? 3.64001   3.83723   -8.79418  1.000 6.45328  ? 9   GLY G O   1 
ATOM   535  N N   . PHE D 1 10 ? 2.89916   2.32164   -10.31235 1.000 5.58747  ? 10  PHE G N   1 
ATOM   536  C CA  . PHE D 1 10 ? 1.54093   2.31225   -9.78265  1.000 10.64498 ? 10  PHE G CA  1 
ATOM   537  C C   . PHE D 1 10 ? 1.48414   1.39265   -8.56585  1.000 9.68207  ? 10  PHE G C   1 
ATOM   538  O O   . PHE D 1 10 ? 2.22553   0.41468   -8.48385  1.000 4.97022  ? 10  PHE G O   1 
ATOM   539  C CB  . PHE D 1 10 ? 0.54573   1.79659   -10.83168 1.000 9.04920  ? 10  PHE G CB  1 
ATOM   540  C CG  . PHE D 1 10 ? 0.55886   2.54872   -12.14800 1.000 11.06317 ? 10  PHE G CG  1 
ATOM   541  C CD1 . PHE D 1 10 ? 0.36372   3.92485   -12.20149 1.000 10.14733 ? 10  PHE G CD1 1 
ATOM   542  C CD2 . PHE D 1 10 ? 0.70574   1.85891   -13.33654 1.000 8.70708  ? 10  PHE G CD2 1 
ATOM   543  C CE1 . PHE D 1 10 ? 0.34552   4.59328   -13.42686 1.000 12.53360 ? 10  PHE G CE1 1 
ATOM   544  C CE2 . PHE D 1 10 ? 0.67628   2.53336   -14.56184 1.000 9.28874  ? 10  PHE G CE2 1 
ATOM   545  C CZ  . PHE D 1 10 ? 0.51590   3.90086   -14.59327 1.000 10.64431 ? 10  PHE G CZ  1 
ATOM   546  N N   . ASP D 1 11 ? 0.60684   1.71190   -7.61400  1.000 8.48512  ? 11  ASP G N   1 
ATOM   547  C CA  . ASP D 1 11 ? 0.31330   0.77757   -6.52884  1.000 3.59417  ? 11  ASP G CA  1 
ATOM   548  C C   . ASP D 1 11 ? -0.22040  -0.54236  -7.08943  1.000 12.43217 ? 11  ASP G C   1 
ATOM   549  O O   . ASP D 1 11 ? -0.89433  -0.58326  -8.13119  1.000 9.24025  ? 11  ASP G O   1 
ATOM   550  C CB  . ASP D 1 11 ? -0.71570  1.37101   -5.55653  1.000 8.53232  ? 11  ASP G CB  1 
ATOM   551  C CG  . ASP D 1 11 ? -0.20800  2.62065   -4.84948  1.000 8.29705  ? 11  ASP G CG  1 
ATOM   552  O OD1 . ASP D 1 11 ? 1.01211   2.78560   -4.78677  1.000 6.95281  ? 11  ASP G OD1 1 
ATOM   553  O OD2 . ASP D 1 11 ? -1.01414  3.43580   -4.34735  1.000 5.54668  ? 11  ASP G OD2 1 
ATOM   554  N N   . GLY D 1 12 ? 0.08642   -1.63390  -6.38766  1.000 11.73235 ? 12  GLY G N   1 
ATOM   555  C CA  . GLY D 1 12 ? -0.28768  -2.93988  -6.88040  1.000 6.40083  ? 12  GLY G CA  1 
ATOM   556  C C   . GLY D 1 12 ? -1.79078  -3.09129  -6.99180  1.000 6.59434  ? 12  GLY G C   1 
ATOM   557  O O   . GLY D 1 12 ? -2.57637  -2.49084  -6.24869  1.000 7.26810  ? 12  GLY G O   1 
ATOM   558  N N   . ARG D 1 13 ? -2.14200  -3.91266  -7.94650  1.000 4.96108  ? 13  ARG G N   1 
ATOM   559  C CA  . ARG D 1 13 ? -3.55115  -4.23977  -8.14014  1.000 10.29370 ? 13  ARG G CA  1 
ATOM   560  C C   . ARG D 1 13 ? -4.07015  -4.95233  -6.89649  1.000 11.40757 ? 13  ARG G C   1 
ATOM   561  O O   . ARG D 1 13 ? -3.29890  -5.64105  -6.23508  1.000 8.84858  ? 13  ARG G O   1 
ATOM   562  C CB  . ARG D 1 13 ? -3.73387  -5.10476  -9.38733  1.000 12.70409 ? 13  ARG G CB  1 
ATOM   563  C CG  . ARG D 1 13 ? -3.27880  -4.46621  -10.69003 1.000 21.99127 ? 13  ARG G CG  1 
ATOM   564  C CD  . ARG D 1 13 ? -3.79749  -5.24989  -11.87922 1.000 22.45237 ? 13  ARG G CD  1 
ATOM   565  N NE  . ARG D 1 13 ? -5.24853  -5.32932  -11.85996 1.000 20.88139 ? 13  ARG G NE  1 
ATOM   566  C CZ  . ARG D 1 13 ? -6.04809  -4.42408  -12.39856 1.000 19.94984 ? 13  ARG G CZ  1 
ATOM   567  N NH1 . ARG D 1 13 ? -5.54266  -3.37360  -13.01408 1.000 27.30646 ? 13  ARG G NH1 1 
ATOM   568  N NH2 . ARG D 1 13 ? -7.35650  -4.57006  -12.32440 1.000 35.03190 ? 13  ARG G NH2 1 
ATOM   569  N N   . ASN D 1 14 ? -5.33439  -4.74185  -6.61388  1.000 10.22403 ? 14  ASN G N   1 
ATOM   570  C CA  . ASN D 1 14 ? -5.99389  -5.38091  -5.47297  1.000 7.82984  ? 14  ASN G CA  1 
ATOM   571  C C   . ASN D 1 14 ? -5.91426  -6.89476  -5.54916  1.000 12.21520 ? 14  ASN G C   1 
ATOM   572  O O   . ASN D 1 14 ? -5.82397  -7.45968  -6.63466  1.000 11.62474 ? 14  ASN G O   1 
ATOM   573  C CB  . ASN D 1 14 ? -7.47877  -5.03743  -5.42573  1.000 13.79984 ? 14  ASN G CB  1 
ATOM   574  C CG  . ASN D 1 14 ? -7.83547  -3.62500  -5.02434  1.000 23.49336 ? 14  ASN G CG  1 
ATOM   575  O OD1 . ASN D 1 14 ? -7.07970  -2.94223  -4.35328  1.000 24.89714 ? 14  ASN G OD1 1 
ATOM   576  N ND2 . ASN D 1 14 ? -9.02363  -3.19582  -5.40115  1.000 33.20312 ? 14  ASN G ND2 1 
ATOM   577  N N   . GLY D 1 15 ? -6.00065  -7.49910  -4.39412  1.000 13.59518 ? 15  GLY G N   1 
ATOM   578  C CA  . GLY D 1 15 ? -6.04674  -8.94630  -4.35476  1.000 13.92662 ? 15  GLY G CA  1 
ATOM   579  C C   . GLY D 1 15 ? -7.31692  -9.54160  -4.92670  1.000 12.38984 ? 15  GLY G C   1 
ATOM   580  O O   . GLY D 1 15 ? -8.35548  -8.89022  -4.98668  1.000 5.77143  ? 15  GLY G O   1 
ATOM   581  N N   . GLU D 1 16 ? -7.17013  -10.78100 -5.32385  1.000 22.51924 ? 16  GLU G N   1 
ATOM   582  C CA  . GLU D 1 16 ? -8.30976  -11.53035 -5.88186  1.000 31.06166 ? 16  GLU G CA  1 
ATOM   583  C C   . GLU D 1 16 ? -9.35596  -11.79729 -4.79138  1.000 28.28121 ? 16  GLU G C   1 
ATOM   584  O O   . GLU D 1 16 ? -8.97844  -11.93832 -3.62584  1.000 19.90018 ? 16  GLU G O   1 
ATOM   585  C CB  . GLU D 1 16 ? -7.67863  -12.79096 -6.46196  1.000 37.34994 ? 16  GLU G CB  1 
ATOM   586  C CG  . GLU D 1 16 ? -6.41537  -12.53221 -7.25733  1.000 39.72374 ? 16  GLU G CG  1 
ATOM   587  C CD  . GLU D 1 16 ? -6.67423  -11.91207 -8.61636  1.000 44.51984 ? 16  GLU G CD  1 
ATOM   588  O OE1 . GLU D 1 16 ? -7.84922  -11.70589 -8.94597  1.000 55.18015 ? 16  GLU G OE1 1 
ATOM   589  O OE2 . GLU D 1 16 ? -5.70311  -11.64121 -9.33890  1.000 50.99984 ? 16  GLU G OE2 1 
ATOM   590  N N   . LYS D 1 17 ? -10.61636 -11.85124 -5.18213  1.000 31.29984 ? 17  LYS G N   1 
ATOM   591  C CA  . LYS D 1 17 ? -11.68922 -12.19522 -4.23005  1.000 26.03984 ? 17  LYS G CA  1 
ATOM   592  C C   . LYS D 1 17 ? -11.41362 -13.52585 -3.56330  1.000 31.16561 ? 17  LYS G C   1 
ATOM   593  O O   . LYS D 1 17 ? -10.61787 -14.31401 -4.07208  1.000 32.39268 ? 17  LYS G O   1 
ATOM   594  C CB  . LYS D 1 17 ? -13.04652 -12.35709 -4.89351  1.000 36.29306 ? 17  LYS G CB  1 
ATOM   595  C CG  . LYS D 1 17 ? -14.21850 -11.99180 -3.99326  1.000 43.70216 ? 17  LYS G CG  1 
ATOM   596  C CD  . LYS D 1 17 ? -15.54631 -12.52241 -4.47213  1.000 47.40700 ? 17  LYS G CD  1 
ATOM   597  C CE  . LYS D 1 17 ? -16.68186 -12.05293 -3.59592  1.000 51.59279 ? 17  LYS G CE  1 
ATOM   598  N NZ  . LYS D 1 17 ? -16.63165 -10.58527 -3.40822  1.000 57.97040 ? 17  LYS G NZ  1 
ATOM   599  N N   . GLY D 1 18 ? -12.10065 -13.76532 -2.45157  1.000 39.21389 ? 18  GLY G N   1 
ATOM   600  C CA  . GLY D 1 18 ? -11.76290 -14.96018 -1.67082  1.000 31.51477 ? 18  GLY G CA  1 
ATOM   601  C C   . GLY D 1 18 ? -12.26034 -16.28983 -2.18562  1.000 35.01696 ? 18  GLY G C   1 
ATOM   602  O O   . GLY D 1 18 ? -13.27528 -16.30352 -2.90156  1.000 41.85663 ? 18  GLY G O   1 
ATOM   603  N N   . GLU D 1 19 ? -11.53350 -17.35331 -1.85386  1.000 24.97984 ? 19  GLU G N   1 
ATOM   604  C CA  . GLU D 1 19 ? -12.02926 -18.72046 -2.08979  1.000 30.44633 ? 19  GLU G CA  1 
ATOM   605  C C   . GLU D 1 19 ? -13.44854 -18.82640 -1.54008  1.000 34.57398 ? 19  GLU G C   1 
ATOM   606  O O   . GLU D 1 19 ? -13.70522 -18.29840 -0.44716  1.000 40.13071 ? 19  GLU G O   1 
ATOM   607  C CB  . GLU D 1 19 ? -11.17620 -19.71994 -1.31987  1.000 23.49744 ? 19  GLU G CB  1 
ATOM   608  C CG  . GLU D 1 19 ? -11.75803 -21.11645 -1.25992  1.000 37.77877 ? 19  GLU G CG  1 
ATOM   609  C CD  . GLU D 1 19 ? -10.90123 -22.14776 -0.54387  1.000 43.39085 ? 19  GLU G CD  1 
ATOM   610  O OE1 . GLU D 1 19 ? -9.78181  -21.80661 -0.12561  1.000 27.00984 ? 19  GLU G OE1 1 
ATOM   611  O OE2 . GLU D 1 19 ? -11.35921 -23.29177 -0.40915  1.000 37.93607 ? 19  GLU G OE2 1 
ATOM   612  N N   . THR D 1 20 ? -14.34449 -19.45620 -2.27913  1.000 39.19836 ? 20  THR G N   1 
ATOM   613  C CA  . THR D 1 20 ? -15.72631 -19.73099 -1.87785  1.000 47.24950 ? 20  THR G CA  1 
ATOM   614  C C   . THR D 1 20 ? -15.75539 -20.47113 -0.54281  1.000 36.24431 ? 20  THR G C   1 
ATOM   615  O O   . THR D 1 20 ? -14.91371 -21.33540 -0.27908  1.000 32.66984 ? 20  THR G O   1 
ATOM   616  C CB  . THR D 1 20 ? -16.44351 -20.56641 -2.95658  1.000 39.24750 ? 20  THR G CB  1 
ATOM   617  O OG1 . THR D 1 20 ? -16.49477 -19.84928 -4.20029  1.000 39.16704 ? 20  THR G OG1 1 
ATOM   618  C CG2 . THR D 1 20 ? -17.84738 -20.94912 -2.52424  1.000 37.94722 ? 20  THR G CG2 1 
ATOM   619  N N   . GLY D 1 21 ? -16.72879 -20.12256 0.30575   1.000 39.83227 ? 21  GLY G N   1 
ATOM   620  C CA  . GLY D 1 21 ? -16.86478 -20.72327 1.61521   1.000 38.89549 ? 21  GLY G CA  1 
ATOM   621  C C   . GLY D 1 21 ? -17.16999 -22.21532 1.59124   1.000 33.83734 ? 21  GLY G C   1 
ATOM   622  O O   . GLY D 1 21 ? -17.46494 -22.80642 0.54393   1.000 28.51984 ? 21  GLY G O   1 
ATOM   623  N N   . PRO D 1 22 ? -17.10516 -22.85800 2.76923   1.000 34.12761 ? 22  PRO G N   1 
ATOM   624  C CA  . PRO D 1 22 ? -17.41294 -24.28862 2.89664   1.000 41.36429 ? 22  PRO G CA  1 
ATOM   625  C C   . PRO D 1 22 ? -18.91982 -24.58594 2.82047   1.000 43.27286 ? 22  PRO G C   1 
ATOM   626  O O   . PRO D 1 22 ? -19.74288 -23.79993 3.30158   1.000 37.71191 ? 22  PRO G O   1 
ATOM   627  C CB  . PRO D 1 22 ? -16.85331 -24.64487 4.27855   1.000 23.68984 ? 22  PRO G CB  1 
ATOM   628  C CG  . PRO D 1 22 ? -16.93178 -23.38056 5.05022   1.000 36.87305 ? 22  PRO G CG  1 
ATOM   629  C CD  . PRO D 1 22 ? -16.74578 -22.25145 4.06553   1.000 38.53175 ? 22  PRO G CD  1 
ATOM   630  N N   . PRO E 1 1  ? 23.06084  21.69875  -19.33913 1.000 57.30055 ? 1   PRO H N   1 
ATOM   631  C CA  . PRO E 1 1  ? 21.62770  21.93116  -19.10370 1.000 43.96387 ? 1   PRO H CA  1 
ATOM   632  C C   . PRO E 1 1  ? 20.99928  20.81833  -18.26261 1.000 41.45042 ? 1   PRO H C   1 
ATOM   633  O O   . PRO E 1 1  ? 21.69006  19.86054  -17.91166 1.000 36.17939 ? 1   PRO H O   1 
ATOM   634  C CB  . PRO E 1 1  ? 21.02479  21.94426  -20.51599 1.000 52.84994 ? 1   PRO H CB  1 
ATOM   635  C CG  . PRO E 1 1  ? 22.15764  22.16626  -21.44467 1.000 59.69203 ? 1   PRO H CG  1 
ATOM   636  C CD  . PRO E 1 1  ? 23.43337  21.79227  -20.76217 1.000 57.53322 ? 1   PRO H CD  1 
HETATM 637  N N   . HYP E 1 2  ? 19.71742  20.93596  -17.93032 1.000 47.43964 ? 2   HYP H N   1 
HETATM 638  C CA  . HYP E 1 2  ? 19.03849  19.84841  -17.18222 1.000 36.62284 ? 2   HYP H CA  1 
HETATM 639  C C   . HYP E 1 2  ? 19.09411  18.48214  -17.92200 1.000 23.79984 ? 2   HYP H C   1 
HETATM 640  O O   . HYP E 1 2  ? 18.99497  18.45535  -19.15927 1.000 23.41984 ? 2   HYP H O   1 
HETATM 641  C CB  . HYP E 1 2  ? 17.60237  20.28514  -16.95827 1.000 32.03678 ? 2   HYP H CB  1 
HETATM 642  C CG  . HYP E 1 2  ? 17.78519  21.75624  -16.66285 1.000 32.70610 ? 2   HYP H CG  1 
HETATM 643  C CD  . HYP E 1 2  ? 18.82298  22.11920  -17.76075 1.000 40.43973 ? 2   HYP H CD  1 
HETATM 644  O OD1 . HYP E 1 2  ? 18.22848  22.02064  -15.37790 1.000 42.52237 ? 2   HYP H OD1 1 
ATOM   645  N N   . GLY E 1 3  ? 19.27220  17.40390  -17.16321 1.000 22.08984 ? 3   GLY H N   1 
ATOM   646  C CA  . GLY E 1 3  ? 19.26488  16.06299  -17.71549 1.000 28.62077 ? 3   GLY H CA  1 
ATOM   647  C C   . GLY E 1 3  ? 17.84337  15.59928  -17.96328 1.000 21.08150 ? 3   GLY H C   1 
ATOM   648  O O   . GLY E 1 3  ? 16.89522  16.28071  -17.56701 1.000 22.29297 ? 3   GLY H O   1 
ATOM   649  N N   . PRO E 1 4  ? 17.67700  14.44660  -18.63265 1.000 19.38509 ? 4   PRO H N   1 
ATOM   650  C CA  . PRO E 1 4  ? 16.33148  13.92714  -18.87947 1.000 20.60387 ? 4   PRO H CA  1 
ATOM   651  C C   . PRO E 1 4  ? 15.78028  13.17368  -17.65932 1.000 18.29679 ? 4   PRO H C   1 
ATOM   652  O O   . PRO E 1 4  ? 16.49965  12.96560  -16.67487 1.000 14.01235 ? 4   PRO H O   1 
ATOM   653  C CB  . PRO E 1 4  ? 16.55394  13.01202  -20.07515 1.000 12.19357 ? 4   PRO H CB  1 
ATOM   654  C CG  . PRO E 1 4  ? 17.87088  12.42555  -19.80343 1.000 12.66984 ? 4   PRO H CG  1 
ATOM   655  C CD  . PRO E 1 4  ? 18.70073  13.54629  -19.19020 1.000 16.30984 ? 4   PRO H CD  1 
HETATM 656  N N   . HYP E 1 5  ? 14.51063  12.79280  -17.70300 1.000 9.72043  ? 5   HYP H N   1 
HETATM 657  C CA  . HYP E 1 5  ? 13.87803  12.16588  -16.53080 1.000 8.53405  ? 5   HYP H CA  1 
HETATM 658  C C   . HYP E 1 5  ? 14.49597  10.77197  -16.15439 1.000 8.45778  ? 5   HYP H C   1 
HETATM 659  O O   . HYP E 1 5  ? 14.99614  10.05225  -17.03605 1.000 11.46790 ? 5   HYP H O   1 
HETATM 660  C CB  . HYP E 1 5  ? 12.39939  12.04801  -16.84115 1.000 11.31669 ? 5   HYP H CB  1 
HETATM 661  C CG  . HYP E 1 5  ? 12.12859  13.21874  -17.78076 1.000 9.60145  ? 5   HYP H CG  1 
HETATM 662  C CD  . HYP E 1 5  ? 13.40036  13.15994  -18.61909 1.000 11.31959 ? 5   HYP H CD  1 
HETATM 663  O OD1 . HYP E 1 5  ? 11.95290  14.43629  -17.15988 1.000 15.62516 ? 5   HYP H OD1 1 
ATOM   664  N N   . GLY E 1 6  ? 14.46774  10.43342  -14.87415 1.000 7.88295  ? 6   GLY H N   1 
ATOM   665  C CA  . GLY E 1 6  ? 14.97049  9.14662   -14.44369 1.000 13.79899 ? 6   GLY H CA  1 
ATOM   666  C C   . GLY E 1 6  ? 14.12648  7.99295   -14.94962 1.000 9.88829  ? 6   GLY H C   1 
ATOM   667  O O   . GLY E 1 6  ? 13.09818  8.20432   -15.60763 1.000 7.21589  ? 6   GLY H O   1 
ATOM   668  N N   . PRO E 1 7  ? 14.56255  6.75862   -14.65574 1.000 7.75084  ? 7   PRO H N   1 
ATOM   669  C CA  . PRO E 1 7  ? 13.79008  5.57045   -15.03160 1.000 6.40733  ? 7   PRO H CA  1 
ATOM   670  C C   . PRO E 1 7  ? 12.48826  5.52323   -14.24960 1.000 12.83550 ? 7   PRO H C   1 
ATOM   671  O O   . PRO E 1 7  ? 12.47621  5.89138   -13.06954 1.000 7.36604  ? 7   PRO H O   1 
ATOM   672  C CB  . PRO E 1 7  ? 14.68641  4.39573   -14.62289 1.000 10.88975 ? 7   PRO H CB  1 
ATOM   673  C CG  . PRO E 1 7  ? 15.96761  4.97146   -14.10053 1.000 10.65006 ? 7   PRO H CG  1 
ATOM   674  C CD  . PRO E 1 7  ? 15.79502  6.44075   -13.90581 1.000 11.50387 ? 7   PRO H CD  1 
HETATM 675  N N   . HYP E 1 8  ? 11.41563  5.07213   -14.88630 1.000 10.57978 ? 8   HYP H N   1 
HETATM 676  C CA  . HYP E 1 8  ? 10.13439  4.85121   -14.18860 1.000 7.11041  ? 8   HYP H CA  1 
HETATM 677  C C   . HYP E 1 8  ? 10.22853  3.82285   -12.98810 1.000 6.44769  ? 8   HYP H C   1 
HETATM 678  O O   . HYP E 1 8  ? 10.96569  2.82545   -13.09498 1.000 6.40531  ? 8   HYP H O   1 
HETATM 679  C CB  . HYP E 1 8  ? 9.15673   4.35122   -15.21664 1.000 6.42849  ? 8   HYP H CB  1 
HETATM 680  C CG  . HYP E 1 8  ? 9.78987   4.71267   -16.56449 1.000 5.16285  ? 8   HYP H CG  1 
HETATM 681  C CD  . HYP E 1 8  ? 11.23954  4.51464   -16.23445 1.000 3.67597  ? 8   HYP H CD  1 
HETATM 682  O OD1 . HYP E 1 8  ? 9.55043   6.00619   -16.98438 1.000 13.16829 ? 8   HYP H OD1 1 
ATOM   683  N N   . GLY E 1 9  ? 9.49180   4.08753   -11.90472 1.000 6.01485  ? 9   GLY H N   1 
ATOM   684  C CA  . GLY E 1 9  ? 9.37146   3.14816   -10.80899 1.000 0.00008  ? 9   GLY H CA  1 
ATOM   685  C C   . GLY E 1 9  ? 8.67404   1.87545   -11.26888 1.000 5.05449  ? 9   GLY H C   1 
ATOM   686  O O   . GLY E 1 9  ? 8.02093   1.87959   -12.31823 1.000 3.95328  ? 9   GLY H O   1 
ATOM   687  N N   . PHE E 1 10 ? 8.81505   0.78957   -10.50540 1.000 3.58900  ? 10  PHE H N   1 
ATOM   688  C CA  . PHE E 1 10 ? 8.14785   -0.47310  -10.79093 1.000 5.37399  ? 10  PHE H CA  1 
ATOM   689  C C   . PHE E 1 10 ? 6.79687   -0.48341  -10.09878 1.000 9.73607  ? 10  PHE H C   1 
ATOM   690  O O   . PHE E 1 10 ? 6.63075   0.12218   -9.03928  1.000 5.73814  ? 10  PHE H O   1 
ATOM   691  C CB  . PHE E 1 10 ? 8.98149   -1.67145  -10.31261 1.000 3.78562  ? 10  PHE H CB  1 
ATOM   692  C CG  . PHE E 1 10 ? 10.27550  -1.85819  -11.05383 1.000 5.53848  ? 10  PHE H CG  1 
ATOM   693  C CD1 . PHE E 1 10 ? 10.28205  -2.07042  -12.42429 1.000 5.51924  ? 10  PHE H CD1 1 
ATOM   694  C CD2 . PHE E 1 10 ? 11.49411  -1.80277  -10.38126 1.000 11.18917 ? 10  PHE H CD2 1 
ATOM   695  C CE1 . PHE E 1 10 ? 11.46751  -2.24770  -13.10357 1.000 4.87873  ? 10  PHE H CE1 1 
ATOM   696  C CE2 . PHE E 1 10 ? 12.69328  -1.97095  -11.06697 1.000 12.79361 ? 10  PHE H CE2 1 
ATOM   697  C CZ  . PHE E 1 10 ? 12.66822  -2.18939  -12.43053 1.000 6.62848  ? 10  PHE H CZ  1 
ATOM   698  N N   . ASP E 1 11 ? 5.82513   -1.16749  -10.70764 1.000 3.50776  ? 11  ASP H N   1 
ATOM   699  C CA  . ASP E 1 11 ? 4.51386   -1.29402  -10.09125 1.000 8.23313  ? 11  ASP H CA  1 
ATOM   700  C C   . ASP E 1 11 ? 4.58175   -2.22039  -8.87766  1.000 8.47426  ? 11  ASP H C   1 
ATOM   701  O O   . ASP E 1 11 ? 5.43712   -3.11064  -8.79872  1.000 8.54746  ? 11  ASP H O   1 
ATOM   702  C CB  . ASP E 1 11 ? 3.48609   -1.79728  -11.11408 1.000 11.79078 ? 11  ASP H CB  1 
ATOM   703  C CG  . ASP E 1 11 ? 3.36327   -0.86704  -12.32418 1.000 9.21786  ? 11  ASP H CG  1 
ATOM   704  O OD1 . ASP E 1 11 ? 3.54592   0.35429   -12.12901 1.000 6.25006  ? 11  ASP H OD1 1 
ATOM   705  O OD2 . ASP E 1 11 ? 3.03373   -1.34114  -13.44169 1.000 7.70502  ? 11  ASP H OD2 1 
ATOM   706  N N   . GLY E 1 12 ? 3.68615   -1.97868  -7.90252  1.000 8.19960  ? 12  GLY H N   1 
ATOM   707  C CA  . GLY E 1 12 ? 3.69364   -2.75541  -6.67811  1.000 6.21531  ? 12  GLY H CA  1 
ATOM   708  C C   . GLY E 1 12 ? 3.16326   -4.17131  -6.89197  1.000 7.87796  ? 12  GLY H C   1 
ATOM   709  O O   . GLY E 1 12 ? 2.55297   -4.49570  -7.91335  1.000 5.33686  ? 12  GLY H O   1 
ATOM   710  N N   . ARG E 1 13 ? 3.38548   -5.02880  -5.89543  1.000 5.14320  ? 13  ARG H N   1 
ATOM   711  C CA  . ARG E 1 13 ? 2.90890   -6.40221  -5.99238  1.000 5.96380  ? 13  ARG H CA  1 
ATOM   712  C C   . ARG E 1 13 ? 1.38091   -6.43593  -5.98102  1.000 6.53359  ? 13  ARG H C   1 
ATOM   713  O O   . ARG E 1 13 ? 0.72896   -5.64323  -5.29561  1.000 6.50500  ? 13  ARG H O   1 
ATOM   714  C CB  . ARG E 1 13 ? 3.44228   -7.22955  -4.82623  1.000 7.56449  ? 13  ARG H CB  1 
ATOM   715  C CG  . ARG E 1 13 ? 4.88450   -7.72922  -4.94836  1.000 11.49488 ? 13  ARG H CG  1 
ATOM   716  C CD  . ARG E 1 13 ? 5.22015   -8.54216  -3.70712  1.000 10.51313 ? 13  ARG H CD  1 
ATOM   717  N NE  . ARG E 1 13 ? 4.45930   -9.78508  -3.67672  1.000 9.19460  ? 13  ARG H NE  1 
ATOM   718  C CZ  . ARG E 1 13 ? 4.34536   -10.57917 -2.61279  1.000 7.98931  ? 13  ARG H CZ  1 
ATOM   719  N NH1 . ARG E 1 13 ? 3.64673   -11.70720 -2.68966  1.000 0.97106  ? 13  ARG H NH1 1 
ATOM   720  N NH2 . ARG E 1 13 ? 4.92922   -10.24602 -1.46711  1.000 4.93768  ? 13  ARG H NH2 1 
ATOM   721  N N   . ASN E 1 14 ? 0.80164   -7.35807  -6.73865  1.000 6.57609  ? 14  ASN H N   1 
ATOM   722  C CA  . ASN E 1 14 ? -0.63581  -7.57591  -6.62753  1.000 10.12705 ? 14  ASN H CA  1 
ATOM   723  C C   . ASN E 1 14 ? -0.96410  -8.08266  -5.23424  1.000 6.83167  ? 14  ASN H C   1 
ATOM   724  O O   . ASN E 1 14 ? -0.21604  -8.87524  -4.65847  1.000 7.13181  ? 14  ASN H O   1 
ATOM   725  C CB  . ASN E 1 14 ? -1.11971  -8.55960  -7.68907  1.000 6.85439  ? 14  ASN H CB  1 
ATOM   726  C CG  . ASN E 1 14 ? -1.01637  -7.98787  -9.08390  1.000 16.72404 ? 14  ASN H CG  1 
ATOM   727  O OD1 . ASN E 1 14 ? -0.92782  -8.72197  -10.06977 1.000 34.66559 ? 14  ASN H OD1 1 
ATOM   728  N ND2 . ASN E 1 14 ? -1.05270  -6.66792  -9.17975  1.000 12.79374 ? 14  ASN H ND2 1 
ATOM   729  N N   . GLY E 1 15 ? -2.06112  -7.58588  -4.67171  1.000 8.87371  ? 15  GLY H N   1 
ATOM   730  C CA  . GLY E 1 15 ? -2.44188  -7.98678  -3.33501  1.000 7.58029  ? 15  GLY H CA  1 
ATOM   731  C C   . GLY E 1 15 ? -2.69175  -9.48320  -3.22270  1.000 8.36848  ? 15  GLY H C   1 
ATOM   732  O O   . GLY E 1 15 ? -2.73221  -10.23411 -4.20377  1.000 6.58824  ? 15  GLY H O   1 
ATOM   733  N N   . GLU E 1 16 ? -2.85883  -9.90993  -1.97563  1.000 8.91000  ? 16  GLU H N   1 
ATOM   734  C CA  . GLU E 1 16 ? -3.05787  -11.31304 -1.67185  1.000 16.08363 ? 16  GLU H CA  1 
ATOM   735  C C   . GLU E 1 16 ? -4.54226  -11.66403 -1.71381  1.000 24.21138 ? 16  GLU H C   1 
ATOM   736  O O   . GLU E 1 16 ? -5.40723  -10.79422 -1.53771  1.000 16.13487 ? 16  GLU H O   1 
ATOM   737  C CB  . GLU E 1 16 ? -2.42847  -11.63549 -0.31762  1.000 19.22912 ? 16  GLU H CB  1 
ATOM   738  C CG  . GLU E 1 16 ? -3.20782  -11.22691 0.91643   1.000 18.91200 ? 16  GLU H CG  1 
ATOM   739  C CD  . GLU E 1 16 ? -2.71977  -9.89877  1.48589   1.000 31.11337 ? 16  GLU H CD  1 
ATOM   740  O OE1 . GLU E 1 16 ? -2.04151  -9.13926  0.75525   1.000 27.97984 ? 16  GLU H OE1 1 
ATOM   741  O OE2 . GLU E 1 16 ? -2.98559  -9.62806  2.67517   1.000 34.30984 ? 16  GLU H OE2 1 
ATOM   742  N N   . LYS E 1 17 ? -4.82867  -12.94379 -2.01964  1.000 22.50245 ? 17  LYS H N   1 
ATOM   743  C CA  . LYS E 1 17 ? -6.20654  -13.40318 -2.14717  1.000 24.38846 ? 17  LYS H CA  1 
ATOM   744  C C   . LYS E 1 17 ? -7.04360  -13.00301 -0.94911  1.000 25.29981 ? 17  LYS H C   1 
ATOM   745  O O   . LYS E 1 17 ? -6.54517  -12.88489 0.17461   1.000 23.83601 ? 17  LYS H O   1 
ATOM   746  C CB  . LYS E 1 17 ? -6.34002  -14.91480 -2.29061  1.000 32.64801 ? 17  LYS H CB  1 
ATOM   747  C CG  . LYS E 1 17 ? -6.01984  -15.59834 -3.58080  1.000 35.68529 ? 17  LYS H CG  1 
ATOM   748  C CD  . LYS E 1 17 ? -6.15840  -17.07781 -3.23686  1.000 42.40328 ? 17  LYS H CD  1 
ATOM   749  C CE  . LYS E 1 17 ? -7.57184  -17.51242 -2.99035  1.000 48.42984 ? 17  LYS H CE  1 
ATOM   750  N NZ  . LYS E 1 17 ? -7.60944  -18.98342 -2.68208  1.000 58.12113 ? 17  LYS H NZ  1 
ATOM   751  N N   . GLY E 1 18 ? -8.33257  -12.83282 -1.18194  1.000 26.80109 ? 18  GLY H N   1 
ATOM   752  C CA  . GLY E 1 18 ? -9.21326  -12.43756 -0.10835  1.000 29.83237 ? 18  GLY H CA  1 
ATOM   753  C C   . GLY E 1 18 ? -9.53567  -13.58413 0.82838   1.000 22.17838 ? 18  GLY H C   1 
ATOM   754  O O   . GLY E 1 18 ? -9.29733  -14.75628 0.53298   1.000 31.61504 ? 18  GLY H O   1 
ATOM   755  N N   . GLU E 1 19 ? -10.05788 -13.19885 1.99408   1.000 24.23984 ? 19  GLU H N   1 
ATOM   756  C CA  . GLU E 1 19 ? -10.56685 -14.14160 2.97800   1.000 39.34229 ? 19  GLU H CA  1 
ATOM   757  C C   . GLU E 1 19 ? -11.51345 -15.14670 2.32745   1.000 32.55107 ? 19  GLU H C   1 
ATOM   758  O O   . GLU E 1 19 ? -12.30383 -14.81126 1.44085   1.000 32.66784 ? 19  GLU H O   1 
ATOM   759  C CB  . GLU E 1 19 ? -11.24235 -13.34606 4.10790   1.000 41.33978 ? 19  GLU H CB  1 
ATOM   760  C CG  . GLU E 1 19 ? -10.24896 -12.60760 4.99963   1.000 39.00458 ? 19  GLU H CG  1 
ATOM   761  C CD  . GLU E 1 19 ? -9.78549  -13.52191 6.13135   1.000 36.38984 ? 19  GLU H CD  1 
ATOM   762  O OE1 . GLU E 1 19 ? -8.97521  -13.09296 6.97712   1.000 48.43984 ? 19  GLU H OE1 1 
ATOM   763  O OE2 . GLU E 1 19 ? -10.35327 -14.62750 6.22357   1.000 47.98984 ? 19  GLU H OE2 1 
ATOM   764  N N   . THR E 1 20 ? -11.39720 -16.40517 2.74616   1.000 33.92422 ? 20  THR H N   1 
ATOM   765  C CA  . THR E 1 20 ? -12.34342 -17.42623 2.30891   1.000 33.78190 ? 20  THR H CA  1 
ATOM   766  C C   . THR E 1 20 ? -13.75204 -17.03646 2.75915   1.000 33.98119 ? 20  THR H C   1 
ATOM   767  O O   . THR E 1 20 ? -13.93274 -16.34169 3.76075   1.000 39.27421 ? 20  THR H O   1 
ATOM   768  C CB  . THR E 1 20 ? -11.94526 -18.80083 2.87456   1.000 28.71569 ? 20  THR H CB  1 
ATOM   769  O OG1 . THR E 1 20 ? -10.58319 -19.10033 2.51626   1.000 36.56267 ? 20  THR H OG1 1 
ATOM   770  C CG2 . THR E 1 20 ? -12.83724 -19.90683 2.33727   1.000 24.78742 ? 20  THR H CG2 1 
ATOM   771  N N   . GLY E 1 21 ? -14.75843 -17.45316 1.99354   1.000 31.68018 ? 21  GLY H N   1 
ATOM   772  C CA  . GLY E 1 21 ? -16.12162 -17.10088 2.31809   1.000 34.95268 ? 21  GLY H CA  1 
ATOM   773  C C   . GLY E 1 21 ? -16.66205 -17.82965 3.53486   1.000 32.83657 ? 21  GLY H C   1 
ATOM   774  O O   . GLY E 1 21 ? -16.11298 -18.84190 3.97788   1.000 35.02265 ? 21  GLY H O   1 
ATOM   775  N N   . PRO E 1 22 ? -17.77451 -17.33378 4.09150   1.000 34.15807 ? 22  PRO H N   1 
ATOM   776  C CA  . PRO E 1 22 ? -18.46389 -18.02616 5.17543   1.000 38.22645 ? 22  PRO H CA  1 
ATOM   777  C C   . PRO E 1 22 ? -19.17128 -19.26827 4.62937   1.000 38.99617 ? 22  PRO H C   1 
ATOM   778  O O   . PRO E 1 22 ? -19.31623 -19.38721 3.41443   1.000 32.90853 ? 22  PRO H O   1 
ATOM   779  C CB  . PRO E 1 22 ? -19.45970 -16.97513 5.66364   1.000 42.71314 ? 22  PRO H CB  1 
ATOM   780  C CG  . PRO E 1 22 ? -19.84005 -16.26180 4.42007   1.000 37.49790 ? 22  PRO H CG  1 
ATOM   781  C CD  . PRO E 1 22 ? -18.56032 -16.18132 3.60884   1.000 43.29726 ? 22  PRO H CD  1 
HETATM 782  N N   . HYP E 1 23 ? -19.59612 -20.17406 5.50124   1.000 47.54654 ? 23  HYP H N   1 
HETATM 783  C CA  . HYP E 1 23 ? -20.20386 -21.47211 5.06195   1.000 42.56525 ? 23  HYP H CA  1 
HETATM 784  C C   . HYP E 1 23 ? -21.49691 -21.33797 4.16994   1.000 46.68636 ? 23  HYP H C   1 
HETATM 785  O O   . HYP E 1 23 ? -22.27358 -20.37988 4.33350   1.000 48.60326 ? 23  HYP H O   1 
HETATM 786  C CB  . HYP E 1 23 ? -20.53657 -22.26242 6.31587   1.000 37.65986 ? 23  HYP H CB  1 
HETATM 787  C CG  . HYP E 1 23 ? -19.64058 -21.65222 7.39603   1.000 45.27651 ? 23  HYP H CG  1 
HETATM 788  C CD  . HYP E 1 23 ? -19.65100 -20.18105 6.96234   1.000 47.93428 ? 23  HYP H CD  1 
HETATM 789  O OD1 . HYP E 1 23 ? -18.36286 -22.16113 7.45572   1.000 54.41028 ? 23  HYP H OD1 1 
ATOM   790  N N   . PRO F 1 1  ? 28.04629  19.48720  -20.63264 1.000 60.98367 ? 1   PRO I N   1 
ATOM   791  C CA  . PRO F 1 1  ? 26.96892  18.97410  -21.48373 1.000 56.63250 ? 1   PRO I CA  1 
ATOM   792  C C   . PRO F 1 1  ? 25.64227  18.82505  -20.73388 1.000 56.79622 ? 1   PRO I C   1 
ATOM   793  O O   . PRO F 1 1  ? 25.62886  18.94995  -19.50625 1.000 46.29204 ? 1   PRO I O   1 
ATOM   794  C CB  . PRO F 1 1  ? 27.50151  17.60441  -21.90947 1.000 53.98210 ? 1   PRO I CB  1 
ATOM   795  C CG  . PRO F 1 1  ? 28.34559  17.15773  -20.75113 1.000 54.82945 ? 1   PRO I CG  1 
ATOM   796  C CD  . PRO F 1 1  ? 28.80438  18.38806  -20.00427 1.000 56.72848 ? 1   PRO I CD  1 
HETATM 797  N N   . HYP F 1 2  ? 24.54963  18.57907  -21.45578 1.000 60.23995 ? 2   HYP I N   1 
HETATM 798  C CA  . HYP F 1 2  ? 23.24579  18.26758  -20.80035 1.000 55.58805 ? 2   HYP I CA  1 
HETATM 799  C C   . HYP F 1 2  ? 23.40077  17.10130  -19.76388 1.000 43.11915 ? 2   HYP I C   1 
HETATM 800  O O   . HYP F 1 2  ? 24.10755  16.11689  -20.03525 1.000 39.70984 ? 2   HYP I O   1 
HETATM 801  C CB  . HYP F 1 2  ? 22.22445  17.91154  -21.89166 1.000 65.92842 ? 2   HYP I CB  1 
HETATM 802  C CG  . HYP F 1 2  ? 22.79195  18.51112  -23.18745 1.000 77.29818 ? 2   HYP I CG  1 
HETATM 803  C CD  . HYP F 1 2  ? 24.32270  18.44239  -22.91900 1.000 65.45984 ? 2   HYP I CD  1 
HETATM 804  O OD1 . HYP F 1 2  ? 22.33794  19.78136  -23.51353 1.000 82.05539 ? 2   HYP I OD1 1 
ATOM   805  N N   . GLY F 1 3  ? 22.76548  17.24215  -18.61119 1.000 37.77414 ? 3   GLY I N   1 
ATOM   806  C CA  . GLY F 1 3  ? 23.07026  16.39643  -17.47310 1.000 38.68340 ? 3   GLY I CA  1 
ATOM   807  C C   . GLY F 1 3  ? 22.68160  14.94368  -17.62738 1.000 33.58247 ? 3   GLY I C   1 
ATOM   808  O O   . GLY F 1 3  ? 21.94895  14.58345  -18.55751 1.000 29.27553 ? 3   GLY I O   1 
ATOM   809  N N   . PRO F 1 4  ? 23.17402  14.09461  -16.71232 1.000 27.55296 ? 4   PRO I N   1 
ATOM   810  C CA  . PRO F 1 4  ? 22.75587  12.69102  -16.68795 1.000 38.75187 ? 4   PRO I CA  1 
ATOM   811  C C   . PRO F 1 4  ? 21.26723  12.58577  -16.36593 1.000 29.71440 ? 4   PRO I C   1 
ATOM   812  O O   . PRO F 1 4  ? 20.63414  13.57562  -15.99668 1.000 27.32068 ? 4   PRO I O   1 
ATOM   813  C CB  . PRO F 1 4  ? 23.62605  12.07633  -15.58325 1.000 30.54276 ? 4   PRO I CB  1 
ATOM   814  C CG  . PRO F 1 4  ? 24.02530  13.20524  -14.72956 1.000 27.99127 ? 4   PRO I CG  1 
ATOM   815  C CD  . PRO F 1 4  ? 24.07671  14.42879  -15.59880 1.000 27.96280 ? 4   PRO I CD  1 
HETATM 816  N N   . HYP F 1 5  ? 20.70392  11.40119  -16.53758 1.000 25.92385 ? 5   HYP I N   1 
HETATM 817  C CA  . HYP F 1 5  ? 19.27620  11.21778  -16.29175 1.000 25.64140 ? 5   HYP I CA  1 
HETATM 818  C C   . HYP F 1 5  ? 18.96147  11.34031  -14.77016 1.000 23.13233 ? 5   HYP I C   1 
HETATM 819  O O   . HYP F 1 5  ? 19.87466  11.19558  -13.93825 1.000 26.83703 ? 5   HYP I O   1 
HETATM 820  C CB  . HYP F 1 5  ? 18.88355  9.84035   -16.86509 1.000 24.96770 ? 5   HYP I CB  1 
HETATM 821  C CG  . HYP F 1 5  ? 20.02953  9.53040   -17.82455 1.000 26.22282 ? 5   HYP I CG  1 
HETATM 822  C CD  . HYP F 1 5  ? 21.17682  10.11778  -17.01510 1.000 22.54829 ? 5   HYP I CD  1 
HETATM 823  O OD1 . HYP F 1 5  ? 19.93143  10.13920  -19.06416 1.000 43.48906 ? 5   HYP I OD1 1 
ATOM   824  N N   . GLY F 1 6  ? 17.70977  11.61609  -14.43469 1.000 14.04234 ? 6   GLY I N   1 
ATOM   825  C CA  . GLY F 1 6  ? 17.32609  11.74194  -13.04883 1.000 14.88308 ? 6   GLY I CA  1 
ATOM   826  C C   . GLY F 1 6  ? 17.39057  10.44069  -12.26986 1.000 12.28187 ? 6   GLY I C   1 
ATOM   827  O O   . GLY F 1 6  ? 17.68451  9.37516   -12.82608 1.000 13.32753 ? 6   GLY I O   1 
ATOM   828  N N   . PRO F 1 7  ? 17.09808  10.51165  -10.96350 1.000 16.25411 ? 7   PRO I N   1 
ATOM   829  C CA  . PRO F 1 7  ? 17.07873  9.28872   -10.15440 1.000 13.83579 ? 7   PRO I CA  1 
ATOM   830  C C   . PRO F 1 7  ? 15.86662  8.39937   -10.47226 1.000 11.26868 ? 7   PRO I C   1 
ATOM   831  O O   . PRO F 1 7  ? 14.82326  8.86577   -10.96704 1.000 9.05722  ? 7   PRO I O   1 
ATOM   832  C CB  . PRO F 1 7  ? 16.99846  9.80604   -8.71315  1.000 11.01484 ? 7   PRO I CB  1 
ATOM   833  C CG  . PRO F 1 7  ? 16.59967  11.23284  -8.79869  1.000 12.75984 ? 7   PRO I CG  1 
ATOM   834  C CD  . PRO F 1 7  ? 16.65687  11.70426  -10.21266 1.000 11.89984 ? 7   PRO I CD  1 
HETATM 835  N N   . HYP F 1 8  ? 16.02265  7.11227   -10.20857 1.000 10.14984 ? 8   HYP I N   1 
HETATM 836  C CA  . HYP F 1 8  ? 14.90941  6.15809   -10.31230 1.000 10.05242 ? 8   HYP I CA  1 
HETATM 837  C C   . HYP F 1 8  ? 13.58743  6.70311   -9.62762  1.000 11.97011 ? 8   HYP I C   1 
HETATM 838  O O   . HYP F 1 8  ? 13.66435  7.35340   -8.56720  1.000 7.28984  ? 8   HYP I O   1 
HETATM 839  C CB  . HYP F 1 8  ? 15.35949  4.85725   -9.65169  1.000 16.08202 ? 8   HYP I CB  1 
HETATM 840  C CG  . HYP F 1 8  ? 16.91364  4.89697   -9.65447  1.000 18.96984 ? 8   HYP I CG  1 
HETATM 841  C CD  . HYP F 1 8  ? 17.19689  6.40221   -9.63934  1.000 18.86984 ? 8   HYP I CD  1 
HETATM 842  O OD1 . HYP F 1 8  ? 17.53004  4.27171   -10.71859 1.000 33.47984 ? 8   HYP I OD1 1 
ATOM   843  N N   . GLY F 1 9  ? 12.44732  6.47267   -10.26885 1.000 7.83495  ? 9   GLY I N   1 
ATOM   844  C CA  . GLY F 1 9  ? 11.16816  6.77736   -9.67958  1.000 4.86146  ? 9   GLY I CA  1 
ATOM   845  C C   . GLY F 1 9  ? 10.94763  5.82224   -8.52764  1.000 3.58515  ? 9   GLY I C   1 
ATOM   846  O O   . GLY F 1 9  ? 11.52881  4.75401   -8.50956  1.000 4.37138  ? 9   GLY I O   1 
ATOM   847  N N   . PHE F 1 10 ? 10.10868  6.21076   -7.57332  1.000 3.36687  ? 10  PHE I N   1 
ATOM   848  C CA  . PHE F 1 10 ? 9.78092   5.34714   -6.45174  1.000 5.64309  ? 10  PHE I CA  1 
ATOM   849  C C   . PHE F 1 10 ? 8.85260   4.24447   -6.92898  1.000 6.57019  ? 10  PHE I C   1 
ATOM   850  O O   . PHE F 1 10 ? 8.14522   4.39837   -7.93252  1.000 3.61548  ? 10  PHE I O   1 
ATOM   851  C CB  . PHE F 1 10 ? 9.12118   6.16043   -5.34398  1.000 5.77926  ? 10  PHE I CB  1 
ATOM   852  C CG  . PHE F 1 10 ? 10.02646  7.20047   -4.73393  1.000 5.43462  ? 10  PHE I CG  1 
ATOM   853  C CD1 . PHE F 1 10 ? 11.26693  6.85628   -4.20067  1.000 6.26057  ? 10  PHE I CD1 1 
ATOM   854  C CD2 . PHE F 1 10 ? 9.64414   8.52997   -4.71118  1.000 5.44441  ? 10  PHE I CD2 1 
ATOM   855  C CE1 . PHE F 1 10 ? 12.09472  7.83715   -3.63109  1.000 5.41439  ? 10  PHE I CE1 1 
ATOM   856  C CE2 . PHE F 1 10 ? 10.46016  9.50602   -4.14956  1.000 5.87654  ? 10  PHE I CE2 1 
ATOM   857  C CZ  . PHE F 1 10 ? 11.69246  9.15543   -3.60949  1.000 5.06701  ? 10  PHE I CZ  1 
ATOM   858  N N   . ASP F 1 11 ? 8.87236   3.11370   -6.21839  1.000 5.99598  ? 11  ASP I N   1 
ATOM   859  C CA  . ASP F 1 11 ? 8.04370   1.97590   -6.60604  1.000 7.25259  ? 11  ASP I CA  1 
ATOM   860  C C   . ASP F 1 11 ? 6.65241   2.09929   -5.99880  1.000 5.64598  ? 11  ASP I C   1 
ATOM   861  O O   . ASP F 1 11 ? 6.47381   2.72690   -4.95431  1.000 5.03596  ? 11  ASP I O   1 
ATOM   862  C CB  . ASP F 1 11 ? 8.67770   0.65602   -6.16036  1.000 9.72181  ? 11  ASP I CB  1 
ATOM   863  C CG  . ASP F 1 11 ? 9.89358   0.26913   -6.99077  1.000 8.69847  ? 11  ASP I CG  1 
ATOM   864  O OD1 . ASP F 1 11 ? 10.10991  0.84031   -8.08561  1.000 6.53799  ? 11  ASP I OD1 1 
ATOM   865  O OD2 . ASP F 1 11 ? 10.63253  -0.64772  -6.54366  1.000 12.42279 ? 11  ASP I OD2 1 
ATOM   866  N N   . GLY F 1 12 ? 5.66072   1.49143   -6.65831  1.000 4.55049  ? 12  GLY I N   1 
ATOM   867  C CA  . GLY F 1 12 ? 4.33085   1.42892   -6.08302  1.000 0.00008  ? 12  GLY I CA  1 
ATOM   868  C C   . GLY F 1 12 ? 4.31190   0.66711   -4.77134  1.000 9.48281  ? 12  GLY I C   1 
ATOM   869  O O   . GLY F 1 12 ? 5.20102   -0.12561  -4.48162  1.000 12.14111 ? 12  GLY I O   1 
ATOM   870  N N   . ARG F 1 13 ? 3.29431   0.95321   -3.93645  1.000 5.75909  ? 13  ARG I N   1 
ATOM   871  C CA  . ARG F 1 13 ? 3.02948   0.11809   -2.76546  1.000 0.00008  ? 13  ARG I CA  1 
ATOM   872  C C   . ARG F 1 13 ? 2.32938   -1.18170  -3.14903  1.000 8.78983  ? 13  ARG I C   1 
ATOM   873  O O   . ARG F 1 13 ? 1.65313   -1.27852  -4.18590  1.000 6.71145  ? 13  ARG I O   1 
ATOM   874  C CB  . ARG F 1 13 ? 2.13720   0.83312   -1.74464  1.000 6.42082  ? 13  ARG I CB  1 
ATOM   875  C CG  . ARG F 1 13 ? 2.42720   2.25669   -1.43639  1.000 6.33290  ? 13  ARG I CG  1 
ATOM   876  C CD  . ARG F 1 13 ? 3.70874   2.45682   -0.77670  1.000 9.43966  ? 13  ARG I CD  1 
ATOM   877  N NE  . ARG F 1 13 ? 4.78838   2.61777   -1.73785  1.000 10.83715 ? 13  ARG I NE  1 
ATOM   878  C CZ  . ARG F 1 13 ? 5.99721   3.00067   -1.37445  1.000 6.82216  ? 13  ARG I CZ  1 
ATOM   879  N NH1 . ARG F 1 13 ? 6.96492   3.11601   -2.26983  1.000 6.05908  ? 13  ARG I NH1 1 
ATOM   880  N NH2 . ARG F 1 13 ? 6.22828   3.26310   -0.08739  1.000 7.74593  ? 13  ARG I NH2 1 
ATOM   881  N N   . ASN F 1 14 ? 2.45774   -2.17271  -2.26028  1.000 5.24151  ? 14  ASN I N   1 
ATOM   882  C CA  . ASN F 1 14 ? 1.73614   -3.42768  -2.38437  1.000 7.74510  ? 14  ASN I CA  1 
ATOM   883  C C   . ASN F 1 14 ? 0.25096   -3.17551  -2.62644  1.000 6.10559  ? 14  ASN I C   1 
ATOM   884  O O   . ASN F 1 14 ? -0.33352  -2.21647  -2.11918  1.000 2.53126  ? 14  ASN I O   1 
ATOM   885  C CB  . ASN F 1 14 ? 1.89073   -4.26008  -1.10560  1.000 6.51191  ? 14  ASN I CB  1 
ATOM   886  C CG  . ASN F 1 14 ? 3.31534   -4.78170  -0.89519  1.000 10.39259 ? 14  ASN I CG  1 
ATOM   887  O OD1 . ASN F 1 14 ? 4.06607   -4.97865  -1.84798  1.000 5.98105  ? 14  ASN I OD1 1 
ATOM   888  N ND2 . ASN F 1 14 ? 3.67510   -5.03290  0.36242   1.000 11.09905 ? 14  ASN I ND2 1 
ATOM   889  N N   . GLY F 1 15 ? -0.35510  -4.06576  -3.39481  1.000 4.35337  ? 15  GLY I N   1 
ATOM   890  C CA  . GLY F 1 15 ? -1.78761  -4.05489  -3.56219  1.000 5.49199  ? 15  GLY I CA  1 
ATOM   891  C C   . GLY F 1 15 ? -2.52330  -4.43036  -2.28570  1.000 6.88984  ? 15  GLY I C   1 
ATOM   892  O O   . GLY F 1 15 ? -1.98672  -5.04720  -1.35199  1.000 8.94485  ? 15  GLY I O   1 
ATOM   893  N N   . GLU F 1 16 ? -3.78229  -4.01658  -2.25999  1.000 10.91868 ? 16  GLU I N   1 
ATOM   894  C CA  . GLU F 1 16 ? -4.67716  -4.25701  -1.14318  1.000 13.24542 ? 16  GLU I CA  1 
ATOM   895  C C   . GLU F 1 16 ? -5.13861  -5.70510  -1.14997  1.000 11.54087 ? 16  GLU I C   1 
ATOM   896  O O   . GLU F 1 16 ? -5.27718  -6.32599  -2.20905  1.000 8.67964  ? 16  GLU I O   1 
ATOM   897  C CB  . GLU F 1 16 ? -5.83750  -3.27596  -1.25999  1.000 18.73670 ? 16  GLU I CB  1 
ATOM   898  C CG  . GLU F 1 16 ? -5.42746  -1.84709  -0.90550  1.000 17.21689 ? 16  GLU I CG  1 
ATOM   899  C CD  . GLU F 1 16 ? -6.40774  -0.77181  -1.33150  1.000 22.89939 ? 16  GLU I CD  1 
ATOM   900  O OE1 . GLU F 1 16 ? -7.30316  -1.03445  -2.16698  1.000 48.56984 ? 16  GLU I OE1 1 
ATOM   901  O OE2 . GLU F 1 16 ? -6.32199  0.33356   -0.76185  1.000 31.48087 ? 16  GLU I OE2 1 
ATOM   902  N N   . LYS F 1 17 ? -5.34318  -6.25882  0.04840   1.000 18.03742 ? 17  LYS I N   1 
ATOM   903  C CA  . LYS F 1 17 ? -5.83892  -7.62418  0.14062   1.000 16.60325 ? 17  LYS I CA  1 
ATOM   904  C C   . LYS F 1 17 ? -7.18179  -7.74076  -0.56952  1.000 12.51984 ? 17  LYS I C   1 
ATOM   905  O O   . LYS F 1 17 ? -7.96584  -6.79341  -0.60631  1.000 13.15825 ? 17  LYS I O   1 
ATOM   906  C CB  . LYS F 1 17 ? -5.97305  -8.05061  1.60103   1.000 15.09984 ? 17  LYS I CB  1 
ATOM   907  C CG  . LYS F 1 17 ? -6.65530  -9.39842  1.76153   1.000 32.59749 ? 17  LYS I CG  1 
ATOM   908  C CD  . LYS F 1 17 ? -6.30055  -10.14294 3.02645   1.000 35.02694 ? 17  LYS I CD  1 
ATOM   909  C CE  . LYS F 1 17 ? -6.99078  -11.50697 3.00618   1.000 38.16018 ? 17  LYS I CE  1 
ATOM   910  N NZ  . LYS F 1 17 ? -6.68171  -12.30244 4.22512   1.000 44.45928 ? 17  LYS I NZ  1 
ATOM   911  N N   . GLY F 1 18 ? -7.43351  -8.89786  -1.16801  1.000 17.21219 ? 18  GLY I N   1 
ATOM   912  C CA  . GLY F 1 18 ? -8.66928  -9.10168  -1.89646  1.000 13.48749 ? 18  GLY I CA  1 
ATOM   913  C C   . GLY F 1 18 ? -9.88197  -9.13466  -0.98680  1.000 13.15984 ? 18  GLY I C   1 
ATOM   914  O O   . GLY F 1 18 ? -9.79563  -9.23700  0.23241   1.000 22.17825 ? 18  GLY I O   1 
ATOM   915  N N   . GLU F 1 19 ? -11.04648 -9.04516  -1.62236  1.000 28.49592 ? 19  GLU I N   1 
ATOM   916  C CA  . GLU F 1 19 ? -12.33295 -9.16705  -0.95058  1.000 21.70728 ? 19  GLU I CA  1 
ATOM   917  C C   . GLU F 1 19 ? -12.55658 -10.57096 -0.39218  1.000 25.61365 ? 19  GLU I C   1 
ATOM   918  O O   . GLU F 1 19 ? -12.05241 -11.56068 -0.92960  1.000 21.48540 ? 19  GLU I O   1 
ATOM   919  C CB  . GLU F 1 19 ? -13.42902 -8.84455  -1.95678  1.000 29.80153 ? 19  GLU I CB  1 
ATOM   920  C CG  . GLU F 1 19 ? -13.82245 -7.40174  -2.05833  1.000 37.52954 ? 19  GLU I CG  1 
ATOM   921  C CD  . GLU F 1 19 ? -15.07603 -7.19556  -2.90303  1.000 34.26050 ? 19  GLU I CD  1 
ATOM   922  O OE1 . GLU F 1 19 ? -16.19200 -7.49927  -2.42768  1.000 32.18842 ? 19  GLU I OE1 1 
ATOM   923  O OE2 . GLU F 1 19 ? -14.93184 -6.70178  -4.03936  1.000 34.33431 ? 19  GLU I OE2 1 
ATOM   924  N N   . THR F 1 20 ? -13.37470 -10.65799 0.65182   1.000 35.87218 ? 20  THR I N   1 
ATOM   925  C CA  . THR F 1 20 ? -13.72539 -11.93042 1.27749   1.000 26.18837 ? 20  THR I CA  1 
ATOM   926  C C   . THR F 1 20 ? -14.49713 -12.77457 0.27014   1.000 32.70827 ? 20  THR I C   1 
ATOM   927  O O   . THR F 1 20 ? -14.99032 -12.24916 -0.73468  1.000 34.54813 ? 20  THR I O   1 
ATOM   928  C CB  . THR F 1 20 ? -14.52708 -11.67955 2.56426   1.000 34.02029 ? 20  THR I CB  1 
ATOM   929  O OG1 . THR F 1 20 ? -13.73813 -10.85818 3.42493   1.000 43.62258 ? 20  THR I OG1 1 
ATOM   930  C CG2 . THR F 1 20 ? -14.86137 -12.96326 3.32864   1.000 39.87745 ? 20  THR I CG2 1 
ATOM   931  N N   . GLY F 1 21 ? -14.58207 -14.08239 0.50222   1.000 30.10255 ? 21  GLY I N   1 
ATOM   932  C CA  . GLY F 1 21 ? -15.16493 -14.98303 -0.46115  1.000 33.44242 ? 21  GLY I CA  1 
ATOM   933  C C   . GLY F 1 21 ? -16.68296 -14.98865 -0.40035  1.000 36.78409 ? 21  GLY I C   1 
ATOM   934  O O   . GLY F 1 21 ? -17.29714 -14.57007 0.58943   1.000 37.60070 ? 21  GLY I O   1 
ATOM   935  N N   . PRO F 1 22 ? -17.32664 -15.47778 -1.46969  1.000 39.18874 ? 22  PRO I N   1 
ATOM   936  C CA  . PRO F 1 22 ? -18.78686 -15.58524 -1.47919  1.000 44.43841 ? 22  PRO I CA  1 
ATOM   937  C C   . PRO F 1 22 ? -19.21398 -16.64672 -0.47887  1.000 45.63779 ? 22  PRO I C   1 
ATOM   938  O O   . PRO F 1 22 ? -18.40037 -17.49151 -0.10685  1.000 46.40866 ? 22  PRO I O   1 
ATOM   939  C CB  . PRO F 1 22 ? -19.10811 -16.03818 -2.90014  1.000 47.41133 ? 22  PRO I CB  1 
ATOM   940  C CG  . PRO F 1 22 ? -17.88685 -16.69988 -3.39611  1.000 47.61521 ? 22  PRO I CG  1 
ATOM   941  C CD  . PRO F 1 22 ? -16.71383 -16.09819 -2.65491  1.000 36.16511 ? 22  PRO I CD  1 
HETATM 942  N N   . HYP F 1 23 ? -20.46146 -16.61643 -0.04077  1.000 53.91281 ? 23  HYP I N   1 
HETATM 943  C CA  . HYP F 1 23 ? -20.95456 -17.67860 0.84939   1.000 49.93375 ? 23  HYP I CA  1 
HETATM 944  C C   . HYP F 1 23 ? -20.79039 -19.09549 0.17355   1.000 44.73092 ? 23  HYP I C   1 
HETATM 945  O O   . HYP F 1 23 ? -20.70027 -19.17895 -1.06493  1.000 40.42425 ? 23  HYP I O   1 
HETATM 946  C CB  . HYP F 1 23 ? -22.40915 -17.33870 1.19520   1.000 38.52984 ? 23  HYP I CB  1 
HETATM 947  C CG  . HYP F 1 23 ? -22.40630 -15.79312 1.17363   1.000 48.80389 ? 23  HYP I CG  1 
HETATM 948  C CD  . HYP F 1 23 ? -21.45492 -15.53296 -0.01346  1.000 47.14183 ? 23  HYP I CD  1 
HETATM 949  O OD1 . HYP F 1 23 ? -21.97988 -15.17400 2.33144   1.000 48.22832 ? 23  HYP I OD1 1 
ATOM   950  N N   . GLY F 1 24 ? -20.71284 -20.14704 0.98408   1.000 47.23405 ? 24  GLY I N   1 
ATOM   951  C CA  . GLY F 1 24 ? -20.46331 -21.48487 0.47663   1.000 48.56637 ? 24  GLY I CA  1 
ATOM   952  C C   . GLY F 1 24 ? -21.70894 -22.19126 -0.02075  1.000 49.04709 ? 24  GLY I C   1 
ATOM   953  O O   . GLY F 1 24 ? -22.79149 -21.60649 -0.05599  1.000 42.88984 ? 24  GLY I O   1 
HETATM 954  S S   . SO4 G 2 .  ? -13.96754 -10.94442 21.10070  1.000 83.03567 ? 101 SO4 B S   1 
HETATM 955  O O1  . SO4 G 2 .  ? -14.74640 -10.44960 22.20189  1.000 48.42524 ? 101 SO4 B O1  1 
HETATM 956  O O2  . SO4 G 2 .  ? -14.25761 -12.33226 20.90719  1.000 37.51272 ? 101 SO4 B O2  1 
HETATM 957  O O3  . SO4 G 2 .  ? -14.28768 -10.21490 19.91537  1.000 46.63771 ? 101 SO4 B O3  1 
HETATM 958  O O4  . SO4 G 2 .  ? -12.57501 -10.77283 21.38129  1.000 50.80171 ? 101 SO4 B O4  1 
HETATM 959  O O   . HOH H 3 .  ? 4.98481   11.00559  6.01232   1.000 9.86138  ? 101 HOH A O   1 
HETATM 960  O O   . HOH H 3 .  ? -7.46487  5.53545   10.63575  1.000 6.77865  ? 102 HOH A O   1 
HETATM 961  O O   . HOH H 3 .  ? -4.19889  0.47054   3.83544   1.000 21.30984 ? 103 HOH A O   1 
HETATM 962  O O   . HOH H 3 .  ? 5.51764   14.62750  -0.06514  1.000 5.80588  ? 104 HOH A O   1 
HETATM 963  O O   . HOH H 3 .  ? -11.50169 -5.14761  5.50207   1.000 28.70620 ? 105 HOH A O   1 
HETATM 964  O O   . HOH H 3 .  ? -5.16949  6.07635   5.94116   1.000 12.81984 ? 106 HOH A O   1 
HETATM 965  O O   . HOH H 3 .  ? -12.29916 -2.60929  5.42567   1.000 18.05707 ? 107 HOH A O   1 
HETATM 966  O O   . HOH H 3 .  ? 6.05880   13.88651  7.55101   1.000 24.43835 ? 108 HOH A O   1 
HETATM 967  O O   . HOH I 3 .  ? -3.40421  -2.56674  5.01006   1.000 14.05176 ? 201 HOH B O   1 
HETATM 968  O O   . HOH I 3 .  ? 0.22871   -1.17769  0.47663   1.000 8.29375  ? 202 HOH B O   1 
HETATM 969  O O   . HOH I 3 .  ? 8.92334   18.66765  -4.42254  1.000 9.52927  ? 203 HOH B O   1 
HETATM 970  O O   . HOH I 3 .  ? 5.61899   17.51495  -2.15056  1.000 7.65591  ? 204 HOH B O   1 
HETATM 971  O O   . HOH I 3 .  ? 7.08155   10.54325  -2.90634  1.000 4.46751  ? 205 HOH B O   1 
HETATM 972  O O   . HOH I 3 .  ? 3.13408   8.84624   -3.44841  1.000 11.98942 ? 206 HOH B O   1 
HETATM 973  O O   . HOH I 3 .  ? 2.70533   -0.54555  1.68417   1.000 9.62419  ? 207 HOH B O   1 
HETATM 974  O O   . HOH I 3 .  ? -1.26244  -6.86243  6.45512   1.000 12.54633 ? 208 HOH B O   1 
HETATM 975  O O   . HOH I 3 .  ? -0.08145  -3.58520  4.42622   1.000 18.45338 ? 209 HOH B O   1 
HETATM 976  O O   . HOH I 3 .  ? 2.76808   6.25334   0.94236   1.000 11.21601 ? 210 HOH B O   1 
HETATM 977  O O   . HOH I 3 .  ? 11.03703  12.56170  -5.39175  1.000 19.68926 ? 211 HOH B O   1 
HETATM 978  O O   . HOH I 3 .  ? 2.74430   -2.44317  3.82012   1.000 9.17767  ? 212 HOH B O   1 
HETATM 979  O O   . HOH I 3 .  ? 3.86280   -0.69707  7.67730   1.000 13.01762 ? 213 HOH B O   1 
HETATM 980  O O   . HOH I 3 .  ? 10.72989  20.48835  -3.03463  1.000 12.61936 ? 214 HOH B O   1 
HETATM 981  O O   . HOH I 3 .  ? -27.14317 -21.73413 20.75654  1.000 36.84481 ? 215 HOH B O   1 
HETATM 982  O O   . HOH I 3 .  ? -18.73152 -18.71183 14.18304  1.000 26.13764 ? 216 HOH B O   1 
HETATM 983  O O   . HOH I 3 .  ? -3.87561  -2.30395  1.93962   1.000 15.59984 ? 217 HOH B O   1 
HETATM 984  O O   . HOH J 3 .  ? 8.54843   4.09700   5.74765   1.000 12.39970 ? 101 HOH C O   1 
HETATM 985  O O   . HOH J 3 .  ? 8.05827   -0.46113  7.53747   1.000 5.99239  ? 102 HOH C O   1 
HETATM 986  O O   . HOH J 3 .  ? 0.46316   0.52763   14.04492  1.000 7.21411  ? 103 HOH C O   1 
HETATM 987  O O   . HOH J 3 .  ? -5.91993  2.01007   11.74540  1.000 24.99984 ? 104 HOH C O   1 
HETATM 988  O O   . HOH J 3 .  ? 1.56143   -1.53853  10.24906  1.000 10.54180 ? 105 HOH C O   1 
HETATM 989  O O   . HOH J 3 .  ? 3.46277   0.24024   10.13883  1.000 19.27984 ? 106 HOH C O   1 
HETATM 990  O O   . HOH J 3 .  ? 5.72712   4.80869   13.23443  1.000 20.03418 ? 107 HOH C O   1 
HETATM 991  O O   . HOH J 3 .  ? -26.69361 -23.44987 16.75256  1.000 26.96337 ? 108 HOH C O   1 
HETATM 992  O O   . HOH J 3 .  ? 2.92668   1.70273   12.59033  1.000 26.50984 ? 109 HOH C O   1 
HETATM 993  O O   . HOH J 3 .  ? -33.70442 -15.48724 17.96461  1.000 33.77198 ? 110 HOH C O   1 
HETATM 994  O O   . HOH J 3 .  ? 11.44878  10.39513  8.79132   1.000 24.99984 ? 111 HOH C O   1 
HETATM 995  O O   . HOH J 3 .  ? -32.27580 -28.38138 16.13002  1.000 43.49210 ? 112 HOH C O   1 
HETATM 996  O O   . HOH J 3 .  ? -30.04944 -22.43447 21.73094  1.000 35.48461 ? 113 HOH C O   1 
HETATM 997  O O   . HOH J 3 .  ? -29.70825 -26.96540 20.40768  1.000 25.18344 ? 114 HOH C O   1 
HETATM 998  O O   . HOH J 3 .  ? -29.88242 -19.64358 21.78808  1.000 39.08187 ? 115 HOH C O   1 
HETATM 999  O O   . HOH J 3 .  ? -27.61742 -25.84986 21.62620  1.000 36.43126 ? 116 HOH C O   1 
HETATM 1000 O O   . HOH K 3 .  ? 8.73423   8.73387   -8.51230  1.000 9.10921  ? 101 HOH G O   1 
HETATM 1001 O O   . HOH K 3 .  ? -20.98479 -25.52578 4.83020   1.000 32.99281 ? 102 HOH G O   1 
HETATM 1002 O O   . HOH K 3 .  ? -3.57793  3.21730   -3.74422  1.000 6.46554  ? 103 HOH G O   1 
HETATM 1003 O O   . HOH K 3 .  ? 9.35428   12.37323  -14.50610 1.000 6.56984  ? 104 HOH G O   1 
HETATM 1004 O O   . HOH K 3 .  ? -2.90866  -2.26866  -12.51441 1.000 24.99984 ? 105 HOH G O   1 
HETATM 1005 O O   . HOH K 3 .  ? -0.53757  -1.83969  -10.72710 1.000 27.22960 ? 106 HOH G O   1 
HETATM 1006 O O   . HOH K 3 .  ? -1.34535  3.83663   -8.45643  1.000 8.86144  ? 107 HOH G O   1 
HETATM 1007 O O   . HOH K 3 .  ? 9.70866   11.83301  -6.93990  1.000 24.87964 ? 108 HOH G O   1 
HETATM 1008 O O   . HOH L 3 .  ? 0.38558   -5.05828  -9.40152  1.000 9.89947  ? 101 HOH H O   1 
HETATM 1009 O O   . HOH L 3 .  ? 10.86549  8.14587   -17.33958 1.000 4.06513  ? 102 HOH H O   1 
HETATM 1010 O O   . HOH L 3 .  ? 4.18663   -3.56720  -13.92736 1.000 5.80595  ? 103 HOH H O   1 
HETATM 1011 O O   . HOH L 3 .  ? 6.51345   -4.73287  -10.55295 1.000 6.69148  ? 104 HOH H O   1 
HETATM 1012 O O   . HOH L 3 .  ? 12.70818  16.33222  -18.86200 1.000 9.22007  ? 105 HOH H O   1 
HETATM 1013 O O   . HOH L 3 .  ? 9.41520   15.13874  -16.57003 1.000 9.63620  ? 106 HOH H O   1 
HETATM 1014 O O   . HOH L 3 .  ? 3.67782   -5.84428  -10.00422 1.000 19.24984 ? 107 HOH H O   1 
HETATM 1015 O O   . HOH L 3 .  ? 6.48954   -2.89630  -12.72295 1.000 6.61938  ? 108 HOH H O   1 
HETATM 1016 O O   . HOH L 3 .  ? 6.54162   3.89085   -13.47364 1.000 9.66611  ? 109 HOH H O   1 
HETATM 1017 O O   . HOH L 3 .  ? 15.22921  10.03159  -19.79769 1.000 22.04818 ? 110 HOH H O   1 
HETATM 1018 O O   . HOH L 3 .  ? 6.86298   6.46504   -17.67476 1.000 10.17190 ? 111 HOH H O   1 
HETATM 1019 O O   . HOH L 3 .  ? 2.52501   -9.28049  -7.91408  1.000 12.03984 ? 112 HOH H O   1 
HETATM 1020 O O   . HOH L 3 .  ? 5.40166   -3.87858  -4.21448  1.000 12.80984 ? 113 HOH H O   1 
HETATM 1021 O O   . HOH L 3 .  ? 7.62785   -3.08276  -6.72339  1.000 15.63739 ? 114 HOH H O   1 
HETATM 1022 O O   . HOH L 3 .  ? 14.49249  18.14314  -17.43738 1.000 23.07984 ? 115 HOH H O   1 
HETATM 1023 O O   . HOH L 3 .  ? -0.04217  -4.65504  -12.60500 1.000 13.14177 ? 116 HOH H O   1 
HETATM 1024 O O   . HOH L 3 .  ? -26.83445 -23.06270 4.31249   1.000 36.56240 ? 117 HOH H O   1 
HETATM 1025 O O   . HOH M 3 .  ? 12.31878  1.78706   -8.63878  1.000 14.63662 ? 101 HOH I O   1 
HETATM 1026 O O   . HOH M 3 .  ? 11.83551  -2.84703  -6.88479  1.000 6.51777  ? 102 HOH I O   1 
HETATM 1027 O O   . HOH M 3 .  ? 4.25721   -1.77486  -0.37218  1.000 5.89051  ? 103 HOH I O   1 
HETATM 1028 O O   . HOH M 3 .  ? -6.83270  0.11255   1.94444   1.000 28.80984 ? 104 HOH I O   1 
HETATM 1029 O O   . HOH M 3 .  ? -1.88011  0.02545   -2.69989  1.000 13.75608 ? 105 HOH I O   1 
HETATM 1030 O O   . HOH M 3 .  ? 9.59323   2.49148   -1.23120  1.000 18.33480 ? 106 HOH I O   1 
HETATM 1031 O O   . HOH M 3 .  ? 7.31534   -2.15740  -4.30214  1.000 17.96398 ? 107 HOH I O   1 
HETATM 1032 O O   . HOH M 3 .  ? 6.73285   -0.63813  -1.74048  1.000 19.36440 ? 108 HOH I O   1 
HETATM 1033 O O   . HOH M 3 .  ? 15.23652  8.06991   -5.74258  1.000 18.21526 ? 109 HOH I O   1 
HETATM 1034 O O   . HOH M 3 .  ? -13.96161 -12.76637 6.64026   1.000 36.88577 ? 110 HOH I O   1 
# 
loop_
_pdbx_poly_seq_scheme.asym_id 
_pdbx_poly_seq_scheme.entity_id 
_pdbx_poly_seq_scheme.seq_id 
_pdbx_poly_seq_scheme.mon_id 
_pdbx_poly_seq_scheme.ndb_seq_num 
_pdbx_poly_seq_scheme.pdb_seq_num 
_pdbx_poly_seq_scheme.auth_seq_num 
_pdbx_poly_seq_scheme.pdb_mon_id 
_pdbx_poly_seq_scheme.auth_mon_id 
_pdbx_poly_seq_scheme.pdb_strand_id 
_pdbx_poly_seq_scheme.pdb_ins_code 
_pdbx_poly_seq_scheme.hetero 
A 1 1  PRO 1  1  1  PRO PRO A . n 
A 1 2  HYP 2  2  2  HYP HYP A . n 
A 1 3  GLY 3  3  3  GLY GLY A . n 
A 1 4  PRO 4  4  4  PRO PRO A . n 
A 1 5  HYP 5  5  5  HYP HYP A . n 
A 1 6  GLY 6  6  6  GLY GLY A . n 
A 1 7  PRO 7  7  7  PRO PRO A . n 
A 1 8  HYP 8  8  8  HYP HYP A . n 
A 1 9  GLY 9  9  9  GLY GLY A . n 
A 1 10 PHE 10 10 10 PHE PHE A . n 
A 1 11 ASP 11 11 11 ASP ASP A . n 
A 1 12 GLY 12 12 12 GLY GLY A . n 
A 1 13 ARG 13 13 13 ARG ARG A . n 
A 1 14 ASN 14 14 14 ASN ASN A . n 
A 1 15 GLY 15 15 15 GLY GLY A . n 
A 1 16 GLU 16 16 16 GLU GLU A . n 
A 1 17 LYS 17 17 17 LYS LYS A . n 
A 1 18 GLY 18 18 18 GLY GLY A . n 
A 1 19 GLU 19 19 ?  ?   ?   A . n 
A 1 20 THR 20 20 ?  ?   ?   A . n 
A 1 21 GLY 21 21 ?  ?   ?   A . n 
A 1 22 PRO 22 22 ?  ?   ?   A . n 
A 1 23 HYP 23 23 ?  ?   ?   A . n 
A 1 24 GLY 24 24 ?  ?   ?   A . n 
A 1 25 PRO 25 25 ?  ?   ?   A . n 
A 1 26 HYP 26 26 ?  ?   ?   A . n 
A 1 27 GLY 27 27 ?  ?   ?   A . n 
A 1 28 PRO 28 28 ?  ?   ?   A . n 
A 1 29 HYP 29 29 ?  ?   ?   A . n 
A 1 30 GLY 30 30 ?  ?   ?   A . n 
B 1 1  PRO 1  1  1  PRO PRO B . n 
B 1 2  HYP 2  2  2  HYP HYP B . n 
B 1 3  GLY 3  3  3  GLY GLY B . n 
B 1 4  PRO 4  4  4  PRO PRO B . n 
B 1 5  HYP 5  5  5  HYP HYP B . n 
B 1 6  GLY 6  6  6  GLY GLY B . n 
B 1 7  PRO 7  7  7  PRO PRO B . n 
B 1 8  HYP 8  8  8  HYP HYP B . n 
B 1 9  GLY 9  9  9  GLY GLY B . n 
B 1 10 PHE 10 10 10 PHE PHE B . n 
B 1 11 ASP 11 11 11 ASP ASP B . n 
B 1 12 GLY 12 12 12 GLY GLY B . n 
B 1 13 ARG 13 13 13 ARG ARG B . n 
B 1 14 ASN 14 14 14 ASN ASN B . n 
B 1 15 GLY 15 15 15 GLY GLY B . n 
B 1 16 GLU 16 16 16 GLU GLU B . n 
B 1 17 LYS 17 17 17 LYS LYS B . n 
B 1 18 GLY 18 18 18 GLY GLY B . n 
B 1 19 GLU 19 19 19 GLU GLU B . n 
B 1 20 THR 20 20 20 THR THR B . n 
B 1 21 GLY 21 21 21 GLY GLY B . n 
B 1 22 PRO 22 22 22 PRO PRO B . n 
B 1 23 HYP 23 23 23 HYP HYP B . n 
B 1 24 GLY 24 24 ?  ?   ?   B . n 
B 1 25 PRO 25 25 ?  ?   ?   B . n 
B 1 26 HYP 26 26 ?  ?   ?   B . n 
B 1 27 GLY 27 27 ?  ?   ?   B . n 
B 1 28 PRO 28 28 ?  ?   ?   B . n 
B 1 29 HYP 29 29 ?  ?   ?   B . n 
B 1 30 GLY 30 30 ?  ?   ?   B . n 
C 1 1  PRO 1  1  1  PRO PRO C . n 
C 1 2  HYP 2  2  2  HYP HYP C . n 
C 1 3  GLY 3  3  3  GLY GLY C . n 
C 1 4  PRO 4  4  4  PRO PRO C . n 
C 1 5  HYP 5  5  5  HYP HYP C . n 
C 1 6  GLY 6  6  6  GLY GLY C . n 
C 1 7  PRO 7  7  7  PRO PRO C . n 
C 1 8  HYP 8  8  8  HYP HYP C . n 
C 1 9  GLY 9  9  9  GLY GLY C . n 
C 1 10 PHE 10 10 10 PHE PHE C . n 
C 1 11 ASP 11 11 11 ASP ASP C . n 
C 1 12 GLY 12 12 12 GLY GLY C . n 
C 1 13 ARG 13 13 13 ARG ARG C . n 
C 1 14 ASN 14 14 14 ASN ASN C . n 
C 1 15 GLY 15 15 15 GLY GLY C . n 
C 1 16 GLU 16 16 16 GLU GLU C . n 
C 1 17 LYS 17 17 17 LYS LYS C . n 
C 1 18 GLY 18 18 18 GLY GLY C . n 
C 1 19 GLU 19 19 19 GLU GLU C . n 
C 1 20 THR 20 20 20 THR THR C . n 
C 1 21 GLY 21 21 21 GLY GLY C . n 
C 1 22 PRO 22 22 22 PRO PRO C . n 
C 1 23 HYP 23 23 23 HYP HYP C . n 
C 1 24 GLY 24 24 24 GLY GLY C . n 
C 1 25 PRO 25 25 25 PRO PRO C . n 
C 1 26 HYP 26 26 26 HYP HYP C . n 
C 1 27 GLY 27 27 27 GLY GLY C . n 
C 1 28 PRO 28 28 ?  ?   ?   C . n 
C 1 29 HYP 29 29 ?  ?   ?   C . n 
C 1 30 GLY 30 30 ?  ?   ?   C . n 
D 1 1  PRO 1  1  1  PRO PRO G . n 
D 1 2  HYP 2  2  2  HYP HYP G . n 
D 1 3  GLY 3  3  3  GLY GLY G . n 
D 1 4  PRO 4  4  4  PRO PRO G . n 
D 1 5  HYP 5  5  5  HYP HYP G . n 
D 1 6  GLY 6  6  6  GLY GLY G . n 
D 1 7  PRO 7  7  7  PRO PRO G . n 
D 1 8  HYP 8  8  8  HYP HYP G . n 
D 1 9  GLY 9  9  9  GLY GLY G . n 
D 1 10 PHE 10 10 10 PHE PHE G . n 
D 1 11 ASP 11 11 11 ASP ASP G . n 
D 1 12 GLY 12 12 12 GLY GLY G . n 
D 1 13 ARG 13 13 13 ARG ARG G . n 
D 1 14 ASN 14 14 14 ASN ASN G . n 
D 1 15 GLY 15 15 15 GLY GLY G . n 
D 1 16 GLU 16 16 16 GLU GLU G . n 
D 1 17 LYS 17 17 17 LYS LYS G . n 
D 1 18 GLY 18 18 18 GLY GLY G . n 
D 1 19 GLU 19 19 19 GLU GLU G . n 
D 1 20 THR 20 20 20 THR THR G . n 
D 1 21 GLY 21 21 21 GLY GLY G . n 
D 1 22 PRO 22 22 22 PRO PRO G . n 
D 1 23 HYP 23 23 ?  ?   ?   G . n 
D 1 24 GLY 24 24 ?  ?   ?   G . n 
D 1 25 PRO 25 25 ?  ?   ?   G . n 
D 1 26 HYP 26 26 ?  ?   ?   G . n 
D 1 27 GLY 27 27 ?  ?   ?   G . n 
D 1 28 PRO 28 28 ?  ?   ?   G . n 
D 1 29 HYP 29 29 ?  ?   ?   G . n 
D 1 30 GLY 30 30 ?  ?   ?   G . n 
E 1 1  PRO 1  1  1  PRO PRO H . n 
E 1 2  HYP 2  2  2  HYP HYP H . n 
E 1 3  GLY 3  3  3  GLY GLY H . n 
E 1 4  PRO 4  4  4  PRO PRO H . n 
E 1 5  HYP 5  5  5  HYP HYP H . n 
E 1 6  GLY 6  6  6  GLY GLY H . n 
E 1 7  PRO 7  7  7  PRO PRO H . n 
E 1 8  HYP 8  8  8  HYP HYP H . n 
E 1 9  GLY 9  9  9  GLY GLY H . n 
E 1 10 PHE 10 10 10 PHE PHE H . n 
E 1 11 ASP 11 11 11 ASP ASP H . n 
E 1 12 GLY 12 12 12 GLY GLY H . n 
E 1 13 ARG 13 13 13 ARG ARG H . n 
E 1 14 ASN 14 14 14 ASN ASN H . n 
E 1 15 GLY 15 15 15 GLY GLY H . n 
E 1 16 GLU 16 16 16 GLU GLU H . n 
E 1 17 LYS 17 17 17 LYS LYS H . n 
E 1 18 GLY 18 18 18 GLY GLY H . n 
E 1 19 GLU 19 19 19 GLU GLU H . n 
E 1 20 THR 20 20 20 THR THR H . n 
E 1 21 GLY 21 21 21 GLY GLY H . n 
E 1 22 PRO 22 22 22 PRO PRO H . n 
E 1 23 HYP 23 23 23 HYP HYP H . n 
E 1 24 GLY 24 24 ?  ?   ?   H . n 
E 1 25 PRO 25 25 ?  ?   ?   H . n 
E 1 26 HYP 26 26 ?  ?   ?   H . n 
E 1 27 GLY 27 27 ?  ?   ?   H . n 
E 1 28 PRO 28 28 ?  ?   ?   H . n 
E 1 29 HYP 29 29 ?  ?   ?   H . n 
E 1 30 GLY 30 30 ?  ?   ?   H . n 
F 1 1  PRO 1  1  1  PRO PRO I . n 
F 1 2  HYP 2  2  2  HYP HYP I . n 
F 1 3  GLY 3  3  3  GLY GLY I . n 
F 1 4  PRO 4  4  4  PRO PRO I . n 
F 1 5  HYP 5  5  5  HYP HYP I . n 
F 1 6  GLY 6  6  6  GLY GLY I . n 
F 1 7  PRO 7  7  7  PRO PRO I . n 
F 1 8  HYP 8  8  8  HYP HYP I . n 
F 1 9  GLY 9  9  9  GLY GLY I . n 
F 1 10 PHE 10 10 10 PHE PHE I . n 
F 1 11 ASP 11 11 11 ASP ASP I . n 
F 1 12 GLY 12 12 12 GLY GLY I . n 
F 1 13 ARG 13 13 13 ARG ARG I . n 
F 1 14 ASN 14 14 14 ASN ASN I . n 
F 1 15 GLY 15 15 15 GLY GLY I . n 
F 1 16 GLU 16 16 16 GLU GLU I . n 
F 1 17 LYS 17 17 17 LYS LYS I . n 
F 1 18 GLY 18 18 18 GLY GLY I . n 
F 1 19 GLU 19 19 19 GLU GLU I . n 
F 1 20 THR 20 20 20 THR THR I . n 
F 1 21 GLY 21 21 21 GLY GLY I . n 
F 1 22 PRO 22 22 22 PRO PRO I . n 
F 1 23 HYP 23 23 23 HYP HYP I . n 
F 1 24 GLY 24 24 24 GLY GLY I . n 
F 1 25 PRO 25 25 ?  ?   ?   I . n 
F 1 26 HYP 26 26 ?  ?   ?   I . n 
F 1 27 GLY 27 27 ?  ?   ?   I . n 
F 1 28 PRO 28 28 ?  ?   ?   I . n 
F 1 29 HYP 29 29 ?  ?   ?   I . n 
F 1 30 GLY 30 30 ?  ?   ?   I . n 
# 
_pdbx_contact_author.id                 2 
_pdbx_contact_author.email              proteinnovo@hotmail.com 
_pdbx_contact_author.name_first         Zichen 
_pdbx_contact_author.name_last          Yan 
_pdbx_contact_author.name_mi            ? 
_pdbx_contact_author.role               'principal investigator/group leader' 
_pdbx_contact_author.identifier_ORCID   0000-0002-3641-207X 
# 
loop_
_pdbx_nonpoly_scheme.asym_id 
_pdbx_nonpoly_scheme.entity_id 
_pdbx_nonpoly_scheme.mon_id 
_pdbx_nonpoly_scheme.ndb_seq_num 
_pdbx_nonpoly_scheme.pdb_seq_num 
_pdbx_nonpoly_scheme.auth_seq_num 
_pdbx_nonpoly_scheme.pdb_mon_id 
_pdbx_nonpoly_scheme.auth_mon_id 
_pdbx_nonpoly_scheme.pdb_strand_id 
_pdbx_nonpoly_scheme.pdb_ins_code 
G 2 SO4 1  101 1  SO4 SO4 B . 
H 3 HOH 1  101 14 HOH HOH A . 
H 3 HOH 2  102 20 HOH HOH A . 
H 3 HOH 3  103 17 HOH HOH A . 
H 3 HOH 4  104 62 HOH HOH A . 
H 3 HOH 5  105 57 HOH HOH A . 
H 3 HOH 6  106 66 HOH HOH A . 
H 3 HOH 7  107 70 HOH HOH A . 
H 3 HOH 8  108 68 HOH HOH A . 
I 3 HOH 1  201 35 HOH HOH B . 
I 3 HOH 2  202 16 HOH HOH B . 
I 3 HOH 3  203 3  HOH HOH B . 
I 3 HOH 4  204 26 HOH HOH B . 
I 3 HOH 5  205 11 HOH HOH B . 
I 3 HOH 6  206 44 HOH HOH B . 
I 3 HOH 7  207 49 HOH HOH B . 
I 3 HOH 8  208 34 HOH HOH B . 
I 3 HOH 9  209 24 HOH HOH B . 
I 3 HOH 10 210 52 HOH HOH B . 
I 3 HOH 11 211 67 HOH HOH B . 
I 3 HOH 12 212 7  HOH HOH B . 
I 3 HOH 13 213 32 HOH HOH B . 
I 3 HOH 14 214 25 HOH HOH B . 
I 3 HOH 15 215 88 HOH HOH B . 
I 3 HOH 16 216 78 HOH HOH B . 
I 3 HOH 17 217 54 HOH HOH B . 
J 3 HOH 1  101 43 HOH HOH C . 
J 3 HOH 2  102 46 HOH HOH C . 
J 3 HOH 3  103 4  HOH HOH C . 
J 3 HOH 4  104 82 HOH HOH C . 
J 3 HOH 5  105 8  HOH HOH C . 
J 3 HOH 6  106 10 HOH HOH C . 
J 3 HOH 7  107 56 HOH HOH C . 
J 3 HOH 8  108 83 HOH HOH C . 
J 3 HOH 9  109 60 HOH HOH C . 
J 3 HOH 10 110 91 HOH HOH C . 
J 3 HOH 11 111 77 HOH HOH C . 
J 3 HOH 12 112 90 HOH HOH C . 
J 3 HOH 13 113 86 HOH HOH C . 
J 3 HOH 14 114 85 HOH HOH C . 
J 3 HOH 15 115 87 HOH HOH C . 
J 3 HOH 16 116 76 HOH HOH C . 
K 3 HOH 1  101 5  HOH HOH G . 
K 3 HOH 2  102 55 HOH HOH G . 
K 3 HOH 3  103 23 HOH HOH G . 
K 3 HOH 4  104 64 HOH HOH G . 
K 3 HOH 5  105 75 HOH HOH G . 
K 3 HOH 6  106 29 HOH HOH G . 
K 3 HOH 7  107 65 HOH HOH G . 
K 3 HOH 8  108 71 HOH HOH G . 
L 3 HOH 1  101 38 HOH HOH H . 
L 3 HOH 2  102 19 HOH HOH H . 
L 3 HOH 3  103 21 HOH HOH H . 
L 3 HOH 4  104 12 HOH HOH H . 
L 3 HOH 5  105 6  HOH HOH H . 
L 3 HOH 6  106 37 HOH HOH H . 
L 3 HOH 7  107 22 HOH HOH H . 
L 3 HOH 8  108 63 HOH HOH H . 
L 3 HOH 9  109 51 HOH HOH H . 
L 3 HOH 10 110 53 HOH HOH H . 
L 3 HOH 11 111 30 HOH HOH H . 
L 3 HOH 12 112 9  HOH HOH H . 
L 3 HOH 13 113 31 HOH HOH H . 
L 3 HOH 14 114 28 HOH HOH H . 
L 3 HOH 15 115 47 HOH HOH H . 
L 3 HOH 16 116 41 HOH HOH H . 
L 3 HOH 17 117 81 HOH HOH H . 
M 3 HOH 1  101 42 HOH HOH I . 
M 3 HOH 2  102 15 HOH HOH I . 
M 3 HOH 3  103 18 HOH HOH I . 
M 3 HOH 4  104 74 HOH HOH I . 
M 3 HOH 5  105 50 HOH HOH I . 
M 3 HOH 6  106 59 HOH HOH I . 
M 3 HOH 7  107 1  HOH HOH I . 
M 3 HOH 8  108 58 HOH HOH I . 
M 3 HOH 9  109 48 HOH HOH I . 
M 3 HOH 10 110 92 HOH HOH I . 
# 
loop_
_pdbx_struct_assembly.id 
_pdbx_struct_assembly.details 
_pdbx_struct_assembly.method_details 
_pdbx_struct_assembly.oligomeric_details 
_pdbx_struct_assembly.oligomeric_count 
1 author_and_software_defined_assembly PISA trimeric 3 
2 author_and_software_defined_assembly PISA trimeric 3 
# 
loop_
_pdbx_struct_assembly_gen.assembly_id 
_pdbx_struct_assembly_gen.oper_expression 
_pdbx_struct_assembly_gen.asym_id_list 
1 1 A,B,C,G,H,I,J 
2 1 D,E,F,K,L,M   
# 
loop_
_pdbx_struct_assembly_prop.biol_id 
_pdbx_struct_assembly_prop.type 
_pdbx_struct_assembly_prop.value 
_pdbx_struct_assembly_prop.details 
1 'ABSA (A^2)' 3610 ? 
1 MORE         -13  ? 
1 'SSA (A^2)'  5120 ? 
2 'ABSA (A^2)' 4220 ? 
2 MORE         -24  ? 
2 'SSA (A^2)'  4880 ? 
# 
_pdbx_struct_oper_list.id                   1 
_pdbx_struct_oper_list.type                 'identity operation' 
_pdbx_struct_oper_list.name                 1_555 
_pdbx_struct_oper_list.symmetry_operation   x,y,z 
_pdbx_struct_oper_list.matrix[1][1]         1.0000000000 
_pdbx_struct_oper_list.matrix[1][2]         0.0000000000 
_pdbx_struct_oper_list.matrix[1][3]         0.0000000000 
_pdbx_struct_oper_list.vector[1]            0.0000000000 
_pdbx_struct_oper_list.matrix[2][1]         0.0000000000 
_pdbx_struct_oper_list.matrix[2][2]         1.0000000000 
_pdbx_struct_oper_list.matrix[2][3]         0.0000000000 
_pdbx_struct_oper_list.vector[2]            0.0000000000 
_pdbx_struct_oper_list.matrix[3][1]         0.0000000000 
_pdbx_struct_oper_list.matrix[3][2]         0.0000000000 
_pdbx_struct_oper_list.matrix[3][3]         1.0000000000 
_pdbx_struct_oper_list.vector[3]            0.0000000000 
# 
_pdbx_audit_revision_history.ordinal             1 
_pdbx_audit_revision_history.data_content_type   'Structure model' 
_pdbx_audit_revision_history.major_revision      1 
_pdbx_audit_revision_history.minor_revision      0 
_pdbx_audit_revision_history.revision_date       2023-01-18 
# 
_pdbx_audit_revision_details.ordinal             1 
_pdbx_audit_revision_details.revision_ordinal    1 
_pdbx_audit_revision_details.data_content_type   'Structure model' 
_pdbx_audit_revision_details.provider            repository 
_pdbx_audit_revision_details.type                'Initial release' 
_pdbx_audit_revision_details.description         ? 
_pdbx_audit_revision_details.details             ? 
# 
_space_group_symop.id              1 
_space_group_symop.operation_xyz   x,y,z 
# 
loop_
_software.citation_id 
_software.classification 
_software.compiler_name 
_software.compiler_version 
_software.contact_author 
_software.contact_author_email 
_software.date 
_software.description 
_software.dependencies 
_software.hardware 
_software.language 
_software.location 
_software.mods 
_software.name 
_software.os 
_software.os_version 
_software.type 
_software.version 
_software.pdbx_ordinal 
? refinement       ? ? ? ? ? ? ? ? ? ? ? PHENIX ? ? ? 1.18.1_3865 1 
? 'data reduction' ? ? ? ? ? ? ? ? ? ? ? XDS    ? ? ? .           2 
? 'data scaling'   ? ? ? ? ? ? ? ? ? ? ? XDS    ? ? ? .           3 
? phasing          ? ? ? ? ? ? ? ? ? ? ? MOLREP ? ? ? .           4 
# 
_pdbx_entry_details.entry_id                 8HHK 
_pdbx_entry_details.has_ligand_of_interest   N 
_pdbx_entry_details.compound_details         ? 
_pdbx_entry_details.source_details           ? 
_pdbx_entry_details.nonpolymer_details       ? 
_pdbx_entry_details.sequence_details         ? 
# 
loop_
_pdbx_validate_close_contact.id 
_pdbx_validate_close_contact.PDB_model_num 
_pdbx_validate_close_contact.auth_atom_id_1 
_pdbx_validate_close_contact.auth_asym_id_1 
_pdbx_validate_close_contact.auth_comp_id_1 
_pdbx_validate_close_contact.auth_seq_id_1 
_pdbx_validate_close_contact.PDB_ins_code_1 
_pdbx_validate_close_contact.label_alt_id_1 
_pdbx_validate_close_contact.auth_atom_id_2 
_pdbx_validate_close_contact.auth_asym_id_2 
_pdbx_validate_close_contact.auth_comp_id_2 
_pdbx_validate_close_contact.auth_seq_id_2 
_pdbx_validate_close_contact.PDB_ins_code_2 
_pdbx_validate_close_contact.label_alt_id_2 
_pdbx_validate_close_contact.dist 
1 1 O   B HOH 211 ? ? O G HOH 108 ? ? 2.17 
2 1 ND2 H ASN 14  ? ? O H HOH 101 ? ? 2.17 
# 
loop_
_pdbx_validate_torsion.id 
_pdbx_validate_torsion.PDB_model_num 
_pdbx_validate_torsion.auth_comp_id 
_pdbx_validate_torsion.auth_asym_id 
_pdbx_validate_torsion.auth_seq_id 
_pdbx_validate_torsion.PDB_ins_code 
_pdbx_validate_torsion.label_alt_id 
_pdbx_validate_torsion.phi 
_pdbx_validate_torsion.psi 
1 1 LYS B 17 ? ? -36.73 140.14 
2 1 THR C 20 ? ? -29.71 130.71 
# 
_pdbx_validate_main_chain_plane.id                       1 
_pdbx_validate_main_chain_plane.PDB_model_num            1 
_pdbx_validate_main_chain_plane.auth_comp_id             GLU 
_pdbx_validate_main_chain_plane.auth_asym_id             C 
_pdbx_validate_main_chain_plane.auth_seq_id              19 
_pdbx_validate_main_chain_plane.PDB_ins_code             ? 
_pdbx_validate_main_chain_plane.label_alt_id             B 
_pdbx_validate_main_chain_plane.improper_torsion_angle   17.70 
# 
loop_
_pdbx_unobs_or_zero_occ_residues.id 
_pdbx_unobs_or_zero_occ_residues.PDB_model_num 
_pdbx_unobs_or_zero_occ_residues.polymer_flag 
_pdbx_unobs_or_zero_occ_residues.occupancy_flag 
_pdbx_unobs_or_zero_occ_residues.auth_asym_id 
_pdbx_unobs_or_zero_occ_residues.auth_comp_id 
_pdbx_unobs_or_zero_occ_residues.auth_seq_id 
_pdbx_unobs_or_zero_occ_residues.PDB_ins_code 
_pdbx_unobs_or_zero_occ_residues.label_asym_id 
_pdbx_unobs_or_zero_occ_residues.label_comp_id 
_pdbx_unobs_or_zero_occ_residues.label_seq_id 
1  1 Y 1 A GLU 19 ? A GLU 19 
2  1 Y 1 A THR 20 ? A THR 20 
3  1 Y 1 A GLY 21 ? A GLY 21 
4  1 Y 1 A PRO 22 ? A PRO 22 
5  1 Y 1 A HYP 23 ? A HYP 23 
6  1 Y 1 A GLY 24 ? A GLY 24 
7  1 Y 1 A PRO 25 ? A PRO 25 
8  1 Y 1 A HYP 26 ? A HYP 26 
9  1 Y 1 A GLY 27 ? A GLY 27 
10 1 Y 1 A PRO 28 ? A PRO 28 
11 1 Y 1 A HYP 29 ? A HYP 29 
12 1 Y 1 A GLY 30 ? A GLY 30 
13 1 Y 1 B GLY 24 ? B GLY 24 
14 1 Y 1 B PRO 25 ? B PRO 25 
15 1 Y 1 B HYP 26 ? B HYP 26 
16 1 Y 1 B GLY 27 ? B GLY 27 
17 1 Y 1 B PRO 28 ? B PRO 28 
18 1 Y 1 B HYP 29 ? B HYP 29 
19 1 Y 1 B GLY 30 ? B GLY 30 
20 1 Y 1 C PRO 28 ? C PRO 28 
21 1 Y 1 C HYP 29 ? C HYP 29 
22 1 Y 1 C GLY 30 ? C GLY 30 
23 1 Y 1 G HYP 23 ? D HYP 23 
24 1 Y 1 G GLY 24 ? D GLY 24 
25 1 Y 1 G PRO 25 ? D PRO 25 
26 1 Y 1 G HYP 26 ? D HYP 26 
27 1 Y 1 G GLY 27 ? D GLY 27 
28 1 Y 1 G PRO 28 ? D PRO 28 
29 1 Y 1 G HYP 29 ? D HYP 29 
30 1 Y 1 G GLY 30 ? D GLY 30 
31 1 Y 1 H GLY 24 ? E GLY 24 
32 1 Y 1 H PRO 25 ? E PRO 25 
33 1 Y 1 H HYP 26 ? E HYP 26 
34 1 Y 1 H GLY 27 ? E GLY 27 
35 1 Y 1 H PRO 28 ? E PRO 28 
36 1 Y 1 H HYP 29 ? E HYP 29 
37 1 Y 1 H GLY 30 ? E GLY 30 
38 1 Y 1 I PRO 25 ? F PRO 25 
39 1 Y 1 I HYP 26 ? F HYP 26 
40 1 Y 1 I GLY 27 ? F GLY 27 
41 1 Y 1 I PRO 28 ? F PRO 28 
42 1 Y 1 I HYP 29 ? F HYP 29 
43 1 Y 1 I GLY 30 ? F GLY 30 
# 
_pdbx_audit_support.funding_organization   'Other private' 
_pdbx_audit_support.country                ? 
_pdbx_audit_support.grant_number           ? 
_pdbx_audit_support.ordinal                1 
# 
loop_
_pdbx_entity_nonpoly.entity_id 
_pdbx_entity_nonpoly.name 
_pdbx_entity_nonpoly.comp_id 
2 'SULFATE ION' SO4 
3 water         HOH 
# 
_pdbx_struct_assembly_auth_evidence.id                     1 
_pdbx_struct_assembly_auth_evidence.assembly_id            1 
_pdbx_struct_assembly_auth_evidence.experimental_support   'gel filtration' 
_pdbx_struct_assembly_auth_evidence.details                ? 
# 
_space_group.name_H-M_alt     'P 1' 
_space_group.name_Hall        'P 1' 
_space_group.IT_number        1 
_space_group.crystal_system   triclinic 
_space_group.id               1 
# 
